data_1YZN
# 
_entry.id   1YZN 
# 
_audit_conform.dict_name       mmcif_pdbx.dic 
_audit_conform.dict_version    5.389 
_audit_conform.dict_location   http://mmcif.pdb.org/dictionaries/ascii/mmcif_pdbx.dic 
# 
loop_
_database_2.database_id 
_database_2.database_code 
_database_2.pdbx_database_accession 
_database_2.pdbx_DOI 
PDB   1YZN         pdb_00001yzn 10.2210/pdb1yzn/pdb 
RCSB  RCSB032112   ?            ?                   
WWPDB D_1000032112 ?            ?                   
# 
loop_
_pdbx_audit_revision_history.ordinal 
_pdbx_audit_revision_history.data_content_type 
_pdbx_audit_revision_history.major_revision 
_pdbx_audit_revision_history.minor_revision 
_pdbx_audit_revision_history.revision_date 
1 'Structure model' 1 0 2005-07-26 
2 'Structure model' 1 1 2008-04-30 
3 'Structure model' 1 2 2011-07-13 
4 'Structure model' 1 3 2024-02-14 
5 'Structure model' 1 4 2024-04-03 
# 
_pdbx_audit_revision_details.ordinal             1 
_pdbx_audit_revision_details.revision_ordinal    1 
_pdbx_audit_revision_details.data_content_type   'Structure model' 
_pdbx_audit_revision_details.provider            repository 
_pdbx_audit_revision_details.type                'Initial release' 
_pdbx_audit_revision_details.description         ? 
_pdbx_audit_revision_details.details             ? 
# 
loop_
_pdbx_audit_revision_group.ordinal 
_pdbx_audit_revision_group.revision_ordinal 
_pdbx_audit_revision_group.data_content_type 
_pdbx_audit_revision_group.group 
1 2 'Structure model' 'Version format compliance' 
2 3 'Structure model' 'Version format compliance' 
3 4 'Structure model' 'Data collection'           
4 4 'Structure model' 'Database references'       
5 4 'Structure model' 'Derived calculations'      
6 5 'Structure model' 'Refinement description'    
# 
loop_
_pdbx_audit_revision_category.ordinal 
_pdbx_audit_revision_category.revision_ordinal 
_pdbx_audit_revision_category.data_content_type 
_pdbx_audit_revision_category.category 
1 4 'Structure model' chem_comp_atom                
2 4 'Structure model' chem_comp_bond                
3 4 'Structure model' database_2                    
4 4 'Structure model' pdbx_struct_conn_angle        
5 4 'Structure model' struct_conn                   
6 4 'Structure model' struct_ref_seq_dif            
7 4 'Structure model' struct_site                   
8 5 'Structure model' pdbx_initial_refinement_model 
# 
loop_
_pdbx_audit_revision_item.ordinal 
_pdbx_audit_revision_item.revision_ordinal 
_pdbx_audit_revision_item.data_content_type 
_pdbx_audit_revision_item.item 
1  4 'Structure model' '_database_2.pdbx_DOI'                        
2  4 'Structure model' '_database_2.pdbx_database_accession'         
3  4 'Structure model' '_pdbx_struct_conn_angle.ptnr1_auth_comp_id'  
4  4 'Structure model' '_pdbx_struct_conn_angle.ptnr1_auth_seq_id'   
5  4 'Structure model' '_pdbx_struct_conn_angle.ptnr1_label_asym_id' 
6  4 'Structure model' '_pdbx_struct_conn_angle.ptnr1_label_atom_id' 
7  4 'Structure model' '_pdbx_struct_conn_angle.ptnr1_label_comp_id' 
8  4 'Structure model' '_pdbx_struct_conn_angle.ptnr1_label_seq_id'  
9  4 'Structure model' '_pdbx_struct_conn_angle.ptnr3_auth_comp_id'  
10 4 'Structure model' '_pdbx_struct_conn_angle.ptnr3_auth_seq_id'   
11 4 'Structure model' '_pdbx_struct_conn_angle.ptnr3_label_asym_id' 
12 4 'Structure model' '_pdbx_struct_conn_angle.ptnr3_label_atom_id' 
13 4 'Structure model' '_pdbx_struct_conn_angle.ptnr3_label_comp_id' 
14 4 'Structure model' '_pdbx_struct_conn_angle.ptnr3_label_seq_id'  
15 4 'Structure model' '_pdbx_struct_conn_angle.value'               
16 4 'Structure model' '_struct_conn.pdbx_dist_value'                
17 4 'Structure model' '_struct_conn.ptnr1_auth_comp_id'             
18 4 'Structure model' '_struct_conn.ptnr1_auth_seq_id'              
19 4 'Structure model' '_struct_conn.ptnr1_label_asym_id'            
20 4 'Structure model' '_struct_conn.ptnr1_label_atom_id'            
21 4 'Structure model' '_struct_conn.ptnr1_label_comp_id'            
22 4 'Structure model' '_struct_conn.ptnr1_label_seq_id'             
23 4 'Structure model' '_struct_conn.ptnr2_auth_comp_id'             
24 4 'Structure model' '_struct_conn.ptnr2_auth_seq_id'              
25 4 'Structure model' '_struct_conn.ptnr2_label_asym_id'            
26 4 'Structure model' '_struct_conn.ptnr2_label_atom_id'            
27 4 'Structure model' '_struct_conn.ptnr2_label_comp_id'            
28 4 'Structure model' '_struct_conn.ptnr2_label_seq_id'             
29 4 'Structure model' '_struct_ref_seq_dif.details'                 
30 4 'Structure model' '_struct_site.pdbx_auth_asym_id'              
31 4 'Structure model' '_struct_site.pdbx_auth_comp_id'              
32 4 'Structure model' '_struct_site.pdbx_auth_seq_id'               
# 
_pdbx_database_status.status_code                     REL 
_pdbx_database_status.entry_id                        1YZN 
_pdbx_database_status.recvd_initial_deposition_date   2005-02-28 
_pdbx_database_status.deposit_site                    RCSB 
_pdbx_database_status.process_site                    RCSB 
_pdbx_database_status.status_code_sf                  REL 
_pdbx_database_status.status_code_mr                  ? 
_pdbx_database_status.SG_entry                        ? 
_pdbx_database_status.pdb_format_compatible           Y 
_pdbx_database_status.status_code_cs                  ? 
_pdbx_database_status.status_code_nmr_data            ? 
_pdbx_database_status.methods_development_category    ? 
# 
loop_
_audit_author.name 
_audit_author.pdbx_ordinal 
'Eathiraj, S.'    1 
'Pan, X.'         2 
'Ritacco, C.'     3 
'Lambright, D.G.' 4 
# 
_citation.id                        primary 
_citation.title                     'Structural basis of family-wide Rab GTPase recognition by rabenosyn-5.' 
_citation.journal_abbrev            Nature 
_citation.journal_volume            436 
_citation.page_first                415 
_citation.page_last                 419 
_citation.year                      2005 
_citation.journal_id_ASTM           NATUAS 
_citation.country                   UK 
_citation.journal_id_ISSN           0028-0836 
_citation.journal_id_CSD            0006 
_citation.book_publisher            ? 
_citation.pdbx_database_id_PubMed   16034420 
_citation.pdbx_database_id_DOI      10.1038/nature03798 
# 
loop_
_citation_author.citation_id 
_citation_author.name 
_citation_author.ordinal 
_citation_author.identifier_ORCID 
primary 'Eathiraj, S.'    1 ? 
primary 'Pan, X.'         2 ? 
primary 'Ritacco, C.'     3 ? 
primary 'Lambright, D.G.' 4 ? 
# 
loop_
_entity.id 
_entity.type 
_entity.src_method 
_entity.pdbx_description 
_entity.formula_weight 
_entity.pdbx_number_of_molecules 
_entity.pdbx_ec 
_entity.pdbx_mutation 
_entity.pdbx_fragment 
_entity.details 
1 polymer     man 'GTP-binding protein YPT1'                    21066.854 1   ? ? ? ? 
2 non-polymer syn 'MAGNESIUM ION'                               24.305    1   ? ? ? ? 
3 non-polymer syn 'PHOSPHOAMINOPHOSPHONIC ACID-GUANYLATE ESTER' 522.196   1   ? ? ? ? 
4 water       nat water                                         18.015    153 ? ? ? ? 
# 
_entity_name_com.entity_id   1 
_entity_name_com.name        'Protein YP2' 
# 
_entity_poly.entity_id                      1 
_entity_poly.type                           'polypeptide(L)' 
_entity_poly.nstd_linkage                   no 
_entity_poly.nstd_monomer                   no 
_entity_poly.pdbx_seq_one_letter_code       
;MGHHHHHHGSLVPRGSEYDYLFKLLLIGNSGVGKSCLLLRFSDDTYTNDYISTIGVDFKIKTVELDGKTVKLQIWDTAGQ
ERFRTITSSYYRGSHGIIIVYDVTDQESFNGVKMWLQEIDRYATSTVLKLLVGNKCDLKDKRVVEYDVAKEFADANKMPF
LETSALDSTNVEDAFLTMARQIKES
;
_entity_poly.pdbx_seq_one_letter_code_can   
;MGHHHHHHGSLVPRGSEYDYLFKLLLIGNSGVGKSCLLLRFSDDTYTNDYISTIGVDFKIKTVELDGKTVKLQIWDTAGQ
ERFRTITSSYYRGSHGIIIVYDVTDQESFNGVKMWLQEIDRYATSTVLKLLVGNKCDLKDKRVVEYDVAKEFADANKMPF
LETSALDSTNVEDAFLTMARQIKES
;
_entity_poly.pdbx_strand_id                 A 
_entity_poly.pdbx_target_identifier         ? 
# 
loop_
_pdbx_entity_nonpoly.entity_id 
_pdbx_entity_nonpoly.name 
_pdbx_entity_nonpoly.comp_id 
2 'MAGNESIUM ION'                               MG  
3 'PHOSPHOAMINOPHOSPHONIC ACID-GUANYLATE ESTER' GNP 
4 water                                         HOH 
# 
loop_
_entity_poly_seq.entity_id 
_entity_poly_seq.num 
_entity_poly_seq.mon_id 
_entity_poly_seq.hetero 
1 1   MET n 
1 2   GLY n 
1 3   HIS n 
1 4   HIS n 
1 5   HIS n 
1 6   HIS n 
1 7   HIS n 
1 8   HIS n 
1 9   GLY n 
1 10  SER n 
1 11  LEU n 
1 12  VAL n 
1 13  PRO n 
1 14  ARG n 
1 15  GLY n 
1 16  SER n 
1 17  GLU n 
1 18  TYR n 
1 19  ASP n 
1 20  TYR n 
1 21  LEU n 
1 22  PHE n 
1 23  LYS n 
1 24  LEU n 
1 25  LEU n 
1 26  LEU n 
1 27  ILE n 
1 28  GLY n 
1 29  ASN n 
1 30  SER n 
1 31  GLY n 
1 32  VAL n 
1 33  GLY n 
1 34  LYS n 
1 35  SER n 
1 36  CYS n 
1 37  LEU n 
1 38  LEU n 
1 39  LEU n 
1 40  ARG n 
1 41  PHE n 
1 42  SER n 
1 43  ASP n 
1 44  ASP n 
1 45  THR n 
1 46  TYR n 
1 47  THR n 
1 48  ASN n 
1 49  ASP n 
1 50  TYR n 
1 51  ILE n 
1 52  SER n 
1 53  THR n 
1 54  ILE n 
1 55  GLY n 
1 56  VAL n 
1 57  ASP n 
1 58  PHE n 
1 59  LYS n 
1 60  ILE n 
1 61  LYS n 
1 62  THR n 
1 63  VAL n 
1 64  GLU n 
1 65  LEU n 
1 66  ASP n 
1 67  GLY n 
1 68  LYS n 
1 69  THR n 
1 70  VAL n 
1 71  LYS n 
1 72  LEU n 
1 73  GLN n 
1 74  ILE n 
1 75  TRP n 
1 76  ASP n 
1 77  THR n 
1 78  ALA n 
1 79  GLY n 
1 80  GLN n 
1 81  GLU n 
1 82  ARG n 
1 83  PHE n 
1 84  ARG n 
1 85  THR n 
1 86  ILE n 
1 87  THR n 
1 88  SER n 
1 89  SER n 
1 90  TYR n 
1 91  TYR n 
1 92  ARG n 
1 93  GLY n 
1 94  SER n 
1 95  HIS n 
1 96  GLY n 
1 97  ILE n 
1 98  ILE n 
1 99  ILE n 
1 100 VAL n 
1 101 TYR n 
1 102 ASP n 
1 103 VAL n 
1 104 THR n 
1 105 ASP n 
1 106 GLN n 
1 107 GLU n 
1 108 SER n 
1 109 PHE n 
1 110 ASN n 
1 111 GLY n 
1 112 VAL n 
1 113 LYS n 
1 114 MET n 
1 115 TRP n 
1 116 LEU n 
1 117 GLN n 
1 118 GLU n 
1 119 ILE n 
1 120 ASP n 
1 121 ARG n 
1 122 TYR n 
1 123 ALA n 
1 124 THR n 
1 125 SER n 
1 126 THR n 
1 127 VAL n 
1 128 LEU n 
1 129 LYS n 
1 130 LEU n 
1 131 LEU n 
1 132 VAL n 
1 133 GLY n 
1 134 ASN n 
1 135 LYS n 
1 136 CYS n 
1 137 ASP n 
1 138 LEU n 
1 139 LYS n 
1 140 ASP n 
1 141 LYS n 
1 142 ARG n 
1 143 VAL n 
1 144 VAL n 
1 145 GLU n 
1 146 TYR n 
1 147 ASP n 
1 148 VAL n 
1 149 ALA n 
1 150 LYS n 
1 151 GLU n 
1 152 PHE n 
1 153 ALA n 
1 154 ASP n 
1 155 ALA n 
1 156 ASN n 
1 157 LYS n 
1 158 MET n 
1 159 PRO n 
1 160 PHE n 
1 161 LEU n 
1 162 GLU n 
1 163 THR n 
1 164 SER n 
1 165 ALA n 
1 166 LEU n 
1 167 ASP n 
1 168 SER n 
1 169 THR n 
1 170 ASN n 
1 171 VAL n 
1 172 GLU n 
1 173 ASP n 
1 174 ALA n 
1 175 PHE n 
1 176 LEU n 
1 177 THR n 
1 178 MET n 
1 179 ALA n 
1 180 ARG n 
1 181 GLN n 
1 182 ILE n 
1 183 LYS n 
1 184 GLU n 
1 185 SER n 
# 
_entity_src_gen.entity_id                          1 
_entity_src_gen.pdbx_src_id                        1 
_entity_src_gen.pdbx_alt_source_flag               sample 
_entity_src_gen.pdbx_seq_type                      ? 
_entity_src_gen.pdbx_beg_seq_num                   ? 
_entity_src_gen.pdbx_end_seq_num                   ? 
_entity_src_gen.gene_src_common_name               
;baker's yeast
;
_entity_src_gen.gene_src_genus                     Saccharomyces 
_entity_src_gen.pdbx_gene_src_gene                 'YPT1, YP2' 
_entity_src_gen.gene_src_species                   ? 
_entity_src_gen.gene_src_strain                    ? 
_entity_src_gen.gene_src_tissue                    ? 
_entity_src_gen.gene_src_tissue_fraction           ? 
_entity_src_gen.gene_src_details                   ? 
_entity_src_gen.pdbx_gene_src_fragment             ? 
_entity_src_gen.pdbx_gene_src_scientific_name      'Saccharomyces cerevisiae' 
_entity_src_gen.pdbx_gene_src_ncbi_taxonomy_id     4932 
_entity_src_gen.pdbx_gene_src_variant              ? 
_entity_src_gen.pdbx_gene_src_cell_line            ? 
_entity_src_gen.pdbx_gene_src_atcc                 ? 
_entity_src_gen.pdbx_gene_src_organ                ? 
_entity_src_gen.pdbx_gene_src_organelle            ? 
_entity_src_gen.pdbx_gene_src_cell                 ? 
_entity_src_gen.pdbx_gene_src_cellular_location    ? 
_entity_src_gen.host_org_common_name               ? 
_entity_src_gen.pdbx_host_org_scientific_name      'Escherichia coli' 
_entity_src_gen.pdbx_host_org_ncbi_taxonomy_id     562 
_entity_src_gen.host_org_genus                     Escherichia 
_entity_src_gen.pdbx_host_org_gene                 ? 
_entity_src_gen.pdbx_host_org_organ                ? 
_entity_src_gen.host_org_species                   ? 
_entity_src_gen.pdbx_host_org_tissue               ? 
_entity_src_gen.pdbx_host_org_tissue_fraction      ? 
_entity_src_gen.pdbx_host_org_strain               'BL21 (DE3) Codon Plus-RIL cells' 
_entity_src_gen.pdbx_host_org_variant              ? 
_entity_src_gen.pdbx_host_org_cell_line            ? 
_entity_src_gen.pdbx_host_org_atcc                 ? 
_entity_src_gen.pdbx_host_org_culture_collection   ? 
_entity_src_gen.pdbx_host_org_cell                 ? 
_entity_src_gen.pdbx_host_org_organelle            ? 
_entity_src_gen.pdbx_host_org_cellular_location    ? 
_entity_src_gen.pdbx_host_org_vector_type          '6xHis fusion, pET vector' 
_entity_src_gen.pdbx_host_org_vector               ? 
_entity_src_gen.host_org_details                   ? 
_entity_src_gen.expression_system_id               ? 
_entity_src_gen.plasmid_name                       'modified pET15b' 
_entity_src_gen.plasmid_details                    ? 
_entity_src_gen.pdbx_description                   ? 
# 
loop_
_chem_comp.id 
_chem_comp.type 
_chem_comp.mon_nstd_flag 
_chem_comp.name 
_chem_comp.pdbx_synonyms 
_chem_comp.formula 
_chem_comp.formula_weight 
ALA 'L-peptide linking' y ALANINE                                       ? 'C3 H7 N O2'        89.093  
ARG 'L-peptide linking' y ARGININE                                      ? 'C6 H15 N4 O2 1'    175.209 
ASN 'L-peptide linking' y ASPARAGINE                                    ? 'C4 H8 N2 O3'       132.118 
ASP 'L-peptide linking' y 'ASPARTIC ACID'                               ? 'C4 H7 N O4'        133.103 
CYS 'L-peptide linking' y CYSTEINE                                      ? 'C3 H7 N O2 S'      121.158 
GLN 'L-peptide linking' y GLUTAMINE                                     ? 'C5 H10 N2 O3'      146.144 
GLU 'L-peptide linking' y 'GLUTAMIC ACID'                               ? 'C5 H9 N O4'        147.129 
GLY 'peptide linking'   y GLYCINE                                       ? 'C2 H5 N O2'        75.067  
GNP non-polymer         . 'PHOSPHOAMINOPHOSPHONIC ACID-GUANYLATE ESTER' ? 'C10 H17 N6 O13 P3' 522.196 
HIS 'L-peptide linking' y HISTIDINE                                     ? 'C6 H10 N3 O2 1'    156.162 
HOH non-polymer         . WATER                                         ? 'H2 O'              18.015  
ILE 'L-peptide linking' y ISOLEUCINE                                    ? 'C6 H13 N O2'       131.173 
LEU 'L-peptide linking' y LEUCINE                                       ? 'C6 H13 N O2'       131.173 
LYS 'L-peptide linking' y LYSINE                                        ? 'C6 H15 N2 O2 1'    147.195 
MET 'L-peptide linking' y METHIONINE                                    ? 'C5 H11 N O2 S'     149.211 
MG  non-polymer         . 'MAGNESIUM ION'                               ? 'Mg 2'              24.305  
PHE 'L-peptide linking' y PHENYLALANINE                                 ? 'C9 H11 N O2'       165.189 
PRO 'L-peptide linking' y PROLINE                                       ? 'C5 H9 N O2'        115.130 
SER 'L-peptide linking' y SERINE                                        ? 'C3 H7 N O3'        105.093 
THR 'L-peptide linking' y THREONINE                                     ? 'C4 H9 N O3'        119.119 
TRP 'L-peptide linking' y TRYPTOPHAN                                    ? 'C11 H12 N2 O2'     204.225 
TYR 'L-peptide linking' y TYROSINE                                      ? 'C9 H11 N O3'       181.189 
VAL 'L-peptide linking' y VALINE                                        ? 'C5 H11 N O2'       117.146 
# 
loop_
_pdbx_poly_seq_scheme.asym_id 
_pdbx_poly_seq_scheme.entity_id 
_pdbx_poly_seq_scheme.seq_id 
_pdbx_poly_seq_scheme.mon_id 
_pdbx_poly_seq_scheme.ndb_seq_num 
_pdbx_poly_seq_scheme.pdb_seq_num 
_pdbx_poly_seq_scheme.auth_seq_num 
_pdbx_poly_seq_scheme.pdb_mon_id 
_pdbx_poly_seq_scheme.auth_mon_id 
_pdbx_poly_seq_scheme.pdb_strand_id 
_pdbx_poly_seq_scheme.pdb_ins_code 
_pdbx_poly_seq_scheme.hetero 
A 1 1   MET 1   -12 ?   ?   ?   A . n 
A 1 2   GLY 2   -11 ?   ?   ?   A . n 
A 1 3   HIS 3   -10 ?   ?   ?   A . n 
A 1 4   HIS 4   -9  ?   ?   ?   A . n 
A 1 5   HIS 5   -8  ?   ?   ?   A . n 
A 1 6   HIS 6   -7  ?   ?   ?   A . n 
A 1 7   HIS 7   -6  ?   ?   ?   A . n 
A 1 8   HIS 8   -5  1   HIS HIS A . n 
A 1 9   GLY 9   -4  1   GLY GLY A . n 
A 1 10  SER 10  -3  1   SER SER A . n 
A 1 11  LEU 11  -2  1   LEU LEU A . n 
A 1 12  VAL 12  -1  1   VAL VAL A . n 
A 1 13  PRO 13  0   1   PRO PRO A . n 
A 1 14  ARG 14  1   1   ARG ARG A . n 
A 1 15  GLY 15  2   2   GLY GLY A . n 
A 1 16  SER 16  3   3   SER ALA A . n 
A 1 17  GLU 17  4   4   GLU GLU A . n 
A 1 18  TYR 18  5   5   TYR TYR A . n 
A 1 19  ASP 19  6   6   ASP ASP A . n 
A 1 20  TYR 20  7   7   TYR TYR A . n 
A 1 21  LEU 21  8   8   LEU LEU A . n 
A 1 22  PHE 22  9   9   PHE PHE A . n 
A 1 23  LYS 23  10  10  LYS LYS A . n 
A 1 24  LEU 24  11  11  LEU LEU A . n 
A 1 25  LEU 25  12  12  LEU LEU A . n 
A 1 26  LEU 26  13  13  LEU LEU A . n 
A 1 27  ILE 27  14  14  ILE ILE A . n 
A 1 28  GLY 28  15  15  GLY GLY A . n 
A 1 29  ASN 29  16  16  ASN ASN A . n 
A 1 30  SER 30  17  17  SER SER A . n 
A 1 31  GLY 31  18  18  GLY GLY A . n 
A 1 32  VAL 32  19  19  VAL VAL A . n 
A 1 33  GLY 33  20  20  GLY GLY A . n 
A 1 34  LYS 34  21  21  LYS LYS A . n 
A 1 35  SER 35  22  22  SER SER A . n 
A 1 36  CYS 36  23  23  CYS CYS A . n 
A 1 37  LEU 37  24  24  LEU LEU A . n 
A 1 38  LEU 38  25  25  LEU LEU A . n 
A 1 39  LEU 39  26  26  LEU LEU A . n 
A 1 40  ARG 40  27  27  ARG ARG A . n 
A 1 41  PHE 41  28  28  PHE PHE A . n 
A 1 42  SER 42  29  29  SER SER A . n 
A 1 43  ASP 43  30  30  ASP ASP A . n 
A 1 44  ASP 44  31  31  ASP ASP A . n 
A 1 45  THR 45  32  32  THR THR A . n 
A 1 46  TYR 46  33  33  TYR TYR A . n 
A 1 47  THR 47  34  34  THR THR A . n 
A 1 48  ASN 48  35  35  ASN ALA A . n 
A 1 49  ASP 49  36  36  ASP ASP A . n 
A 1 50  TYR 50  37  37  TYR TYR A . n 
A 1 51  ILE 51  38  38  ILE ILE A . n 
A 1 52  SER 52  39  39  SER SER A . n 
A 1 53  THR 53  40  40  THR THR A . n 
A 1 54  ILE 54  41  41  ILE ILE A . n 
A 1 55  GLY 55  42  42  GLY GLY A . n 
A 1 56  VAL 56  43  43  VAL VAL A . n 
A 1 57  ASP 57  44  44  ASP ASP A . n 
A 1 58  PHE 58  45  45  PHE PHE A . n 
A 1 59  LYS 59  46  46  LYS LYS A . n 
A 1 60  ILE 60  47  47  ILE ILE A . n 
A 1 61  LYS 61  48  48  LYS LYS A . n 
A 1 62  THR 62  49  49  THR THR A . n 
A 1 63  VAL 63  50  50  VAL VAL A . n 
A 1 64  GLU 64  51  51  GLU ALA A . n 
A 1 65  LEU 65  52  52  LEU LEU A . n 
A 1 66  ASP 66  53  53  ASP ASP A . n 
A 1 67  GLY 67  54  54  GLY GLY A . n 
A 1 68  LYS 68  55  55  LYS ALA A . n 
A 1 69  THR 69  56  56  THR THR A . n 
A 1 70  VAL 70  57  57  VAL VAL A . n 
A 1 71  LYS 71  58  58  LYS LYS A . n 
A 1 72  LEU 72  59  59  LEU LEU A . n 
A 1 73  GLN 73  60  60  GLN GLN A . n 
A 1 74  ILE 74  61  61  ILE ILE A . n 
A 1 75  TRP 75  62  62  TRP TRP A . n 
A 1 76  ASP 76  63  63  ASP ASP A . n 
A 1 77  THR 77  64  64  THR THR A . n 
A 1 78  ALA 78  65  65  ALA ALA A . n 
A 1 79  GLY 79  66  66  GLY GLY A . n 
A 1 80  GLN 80  67  67  GLN GLN A . n 
A 1 81  GLU 81  68  68  GLU ALA A . n 
A 1 82  ARG 82  69  69  ARG ARG A . n 
A 1 83  PHE 83  70  70  PHE PHE A . n 
A 1 84  ARG 84  71  71  ARG ARG A . n 
A 1 85  THR 85  72  72  THR THR A . n 
A 1 86  ILE 86  73  73  ILE ILE A . n 
A 1 87  THR 87  74  74  THR THR A . n 
A 1 88  SER 88  75  75  SER SER A . n 
A 1 89  SER 89  76  76  SER SER A . n 
A 1 90  TYR 90  77  77  TYR TYR A . n 
A 1 91  TYR 91  78  78  TYR TYR A . n 
A 1 92  ARG 92  79  79  ARG ARG A . n 
A 1 93  GLY 93  80  80  GLY GLY A . n 
A 1 94  SER 94  81  81  SER SER A . n 
A 1 95  HIS 95  82  82  HIS HIS A . n 
A 1 96  GLY 96  83  83  GLY GLY A . n 
A 1 97  ILE 97  84  84  ILE ILE A . n 
A 1 98  ILE 98  85  85  ILE ILE A . n 
A 1 99  ILE 99  86  86  ILE ILE A . n 
A 1 100 VAL 100 87  87  VAL VAL A . n 
A 1 101 TYR 101 88  88  TYR TYR A . n 
A 1 102 ASP 102 89  89  ASP ASP A . n 
A 1 103 VAL 103 90  90  VAL VAL A . n 
A 1 104 THR 104 91  91  THR THR A . n 
A 1 105 ASP 105 92  92  ASP ASP A . n 
A 1 106 GLN 106 93  93  GLN GLN A . n 
A 1 107 GLU 107 94  94  GLU GLU A . n 
A 1 108 SER 108 95  95  SER SER A . n 
A 1 109 PHE 109 96  96  PHE PHE A . n 
A 1 110 ASN 110 97  97  ASN ASN A . n 
A 1 111 GLY 111 98  98  GLY GLY A . n 
A 1 112 VAL 112 99  99  VAL VAL A . n 
A 1 113 LYS 113 100 100 LYS ALA A . n 
A 1 114 MET 114 101 101 MET MET A . n 
A 1 115 TRP 115 102 102 TRP TRP A . n 
A 1 116 LEU 116 103 103 LEU LEU A . n 
A 1 117 GLN 117 104 104 GLN GLU A . n 
A 1 118 GLU 118 105 105 GLU GLU A . n 
A 1 119 ILE 119 106 106 ILE ILE A . n 
A 1 120 ASP 120 107 107 ASP ASP A . n 
A 1 121 ARG 121 108 108 ARG ARG A . n 
A 1 122 TYR 122 109 109 TYR TYR A . n 
A 1 123 ALA 123 110 110 ALA ALA A . n 
A 1 124 THR 124 111 111 THR THR A . n 
A 1 125 SER 125 112 112 SER SER A . n 
A 1 126 THR 126 113 113 THR THR A . n 
A 1 127 VAL 127 114 114 VAL VAL A . n 
A 1 128 LEU 128 115 115 LEU LEU A . n 
A 1 129 LYS 129 116 116 LYS LYS A . n 
A 1 130 LEU 130 117 117 LEU LEU A . n 
A 1 131 LEU 131 118 118 LEU LEU A . n 
A 1 132 VAL 132 119 119 VAL VAL A . n 
A 1 133 GLY 133 120 120 GLY GLY A . n 
A 1 134 ASN 134 121 121 ASN ASN A . n 
A 1 135 LYS 135 122 122 LYS LYS A . n 
A 1 136 CYS 136 123 123 CYS CYS A . n 
A 1 137 ASP 137 124 124 ASP ASP A . n 
A 1 138 LEU 138 125 125 LEU LEU A . n 
A 1 139 LYS 139 126 126 LYS LYS A . n 
A 1 140 ASP 140 127 127 ASP ASP A . n 
A 1 141 LYS 141 128 128 LYS LYS A . n 
A 1 142 ARG 142 129 129 ARG ARG A . n 
A 1 143 VAL 143 130 130 VAL VAL A . n 
A 1 144 VAL 144 131 131 VAL VAL A . n 
A 1 145 GLU 145 132 132 GLU GLU A . n 
A 1 146 TYR 146 133 133 TYR TYR A . n 
A 1 147 ASP 147 134 134 ASP ASP A . n 
A 1 148 VAL 148 135 135 VAL VAL A . n 
A 1 149 ALA 149 136 136 ALA ALA A . n 
A 1 150 LYS 150 137 137 LYS LYS A . n 
A 1 151 GLU 151 138 138 GLU ALA A . n 
A 1 152 PHE 152 139 139 PHE PHE A . n 
A 1 153 ALA 153 140 140 ALA ALA A . n 
A 1 154 ASP 154 141 141 ASP ASP A . n 
A 1 155 ALA 155 142 142 ALA ALA A . n 
A 1 156 ASN 156 143 143 ASN ASN A . n 
A 1 157 LYS 157 144 144 LYS ALA A . n 
A 1 158 MET 158 145 145 MET MET A . n 
A 1 159 PRO 159 146 146 PRO PRO A . n 
A 1 160 PHE 160 147 147 PHE PHE A . n 
A 1 161 LEU 161 148 148 LEU LEU A . n 
A 1 162 GLU 162 149 149 GLU GLU A . n 
A 1 163 THR 163 150 150 THR THR A . n 
A 1 164 SER 164 151 151 SER SER A . n 
A 1 165 ALA 165 152 152 ALA ALA A . n 
A 1 166 LEU 166 153 153 LEU LEU A . n 
A 1 167 ASP 167 154 154 ASP ASP A . n 
A 1 168 SER 168 155 155 SER SER A . n 
A 1 169 THR 169 156 156 THR THR A . n 
A 1 170 ASN 170 157 157 ASN ASN A . n 
A 1 171 VAL 171 158 158 VAL VAL A . n 
A 1 172 GLU 172 159 159 GLU GLU A . n 
A 1 173 ASP 173 160 160 ASP ASP A . n 
A 1 174 ALA 174 161 161 ALA ALA A . n 
A 1 175 PHE 175 162 162 PHE PHE A . n 
A 1 176 LEU 176 163 163 LEU LEU A . n 
A 1 177 THR 177 164 164 THR THR A . n 
A 1 178 MET 178 165 165 MET MET A . n 
A 1 179 ALA 179 166 166 ALA ALA A . n 
A 1 180 ARG 180 167 167 ARG ARG A . n 
A 1 181 GLN 181 168 168 GLN GLN A . n 
A 1 182 ILE 182 169 169 ILE ILE A . n 
A 1 183 LYS 183 170 170 LYS LYS A . n 
A 1 184 GLU 184 171 171 GLU GLU A . n 
A 1 185 SER 185 172 172 SER SER A . n 
# 
loop_
_pdbx_nonpoly_scheme.asym_id 
_pdbx_nonpoly_scheme.entity_id 
_pdbx_nonpoly_scheme.mon_id 
_pdbx_nonpoly_scheme.ndb_seq_num 
_pdbx_nonpoly_scheme.pdb_seq_num 
_pdbx_nonpoly_scheme.auth_seq_num 
_pdbx_nonpoly_scheme.pdb_mon_id 
_pdbx_nonpoly_scheme.auth_mon_id 
_pdbx_nonpoly_scheme.pdb_strand_id 
_pdbx_nonpoly_scheme.pdb_ins_code 
B 2 MG  1   301 201 MG  MG  A . 
C 3 GNP 1   300 200 GNP GNP A . 
D 4 HOH 1   302 1   HOH HOH A . 
D 4 HOH 2   303 2   HOH HOH A . 
D 4 HOH 3   304 3   HOH HOH A . 
D 4 HOH 4   305 4   HOH HOH A . 
D 4 HOH 5   306 5   HOH HOH A . 
D 4 HOH 6   307 6   HOH HOH A . 
D 4 HOH 7   308 8   HOH HOH A . 
D 4 HOH 8   309 9   HOH HOH A . 
D 4 HOH 9   310 10  HOH HOH A . 
D 4 HOH 10  311 14  HOH HOH A . 
D 4 HOH 11  312 15  HOH HOH A . 
D 4 HOH 12  313 16  HOH HOH A . 
D 4 HOH 13  314 17  HOH HOH A . 
D 4 HOH 14  315 18  HOH HOH A . 
D 4 HOH 15  316 20  HOH HOH A . 
D 4 HOH 16  317 21  HOH HOH A . 
D 4 HOH 17  318 22  HOH HOH A . 
D 4 HOH 18  319 24  HOH HOH A . 
D 4 HOH 19  320 25  HOH HOH A . 
D 4 HOH 20  321 26  HOH HOH A . 
D 4 HOH 21  322 27  HOH HOH A . 
D 4 HOH 22  323 28  HOH HOH A . 
D 4 HOH 23  324 29  HOH HOH A . 
D 4 HOH 24  325 31  HOH HOH A . 
D 4 HOH 25  326 32  HOH HOH A . 
D 4 HOH 26  327 33  HOH HOH A . 
D 4 HOH 27  328 35  HOH HOH A . 
D 4 HOH 28  329 37  HOH HOH A . 
D 4 HOH 29  330 38  HOH HOH A . 
D 4 HOH 30  331 39  HOH HOH A . 
D 4 HOH 31  332 40  HOH HOH A . 
D 4 HOH 32  333 41  HOH HOH A . 
D 4 HOH 33  334 42  HOH HOH A . 
D 4 HOH 34  335 43  HOH HOH A . 
D 4 HOH 35  336 44  HOH HOH A . 
D 4 HOH 36  337 45  HOH HOH A . 
D 4 HOH 37  338 46  HOH HOH A . 
D 4 HOH 38  339 48  HOH HOH A . 
D 4 HOH 39  340 49  HOH HOH A . 
D 4 HOH 40  341 50  HOH HOH A . 
D 4 HOH 41  342 53  HOH HOH A . 
D 4 HOH 42  343 54  HOH HOH A . 
D 4 HOH 43  344 55  HOH HOH A . 
D 4 HOH 44  345 56  HOH HOH A . 
D 4 HOH 45  346 57  HOH HOH A . 
D 4 HOH 46  347 59  HOH HOH A . 
D 4 HOH 47  348 60  HOH HOH A . 
D 4 HOH 48  349 61  HOH HOH A . 
D 4 HOH 49  350 63  HOH HOH A . 
D 4 HOH 50  351 64  HOH HOH A . 
D 4 HOH 51  352 65  HOH HOH A . 
D 4 HOH 52  353 67  HOH HOH A . 
D 4 HOH 53  354 68  HOH HOH A . 
D 4 HOH 54  355 69  HOH HOH A . 
D 4 HOH 55  356 70  HOH HOH A . 
D 4 HOH 56  357 71  HOH HOH A . 
D 4 HOH 57  358 72  HOH HOH A . 
D 4 HOH 58  359 75  HOH HOH A . 
D 4 HOH 59  360 76  HOH HOH A . 
D 4 HOH 60  361 77  HOH HOH A . 
D 4 HOH 61  362 78  HOH HOH A . 
D 4 HOH 62  363 79  HOH HOH A . 
D 4 HOH 63  364 80  HOH HOH A . 
D 4 HOH 64  365 81  HOH HOH A . 
D 4 HOH 65  366 82  HOH HOH A . 
D 4 HOH 66  367 84  HOH HOH A . 
D 4 HOH 67  368 85  HOH HOH A . 
D 4 HOH 68  369 86  HOH HOH A . 
D 4 HOH 69  370 87  HOH HOH A . 
D 4 HOH 70  371 88  HOH HOH A . 
D 4 HOH 71  372 89  HOH HOH A . 
D 4 HOH 72  373 90  HOH HOH A . 
D 4 HOH 73  374 91  HOH HOH A . 
D 4 HOH 74  375 92  HOH HOH A . 
D 4 HOH 75  376 93  HOH HOH A . 
D 4 HOH 76  377 94  HOH HOH A . 
D 4 HOH 77  378 96  HOH HOH A . 
D 4 HOH 78  379 97  HOH HOH A . 
D 4 HOH 79  380 99  HOH HOH A . 
D 4 HOH 80  381 100 HOH HOH A . 
D 4 HOH 81  382 102 HOH HOH A . 
D 4 HOH 82  383 103 HOH HOH A . 
D 4 HOH 83  384 105 HOH HOH A . 
D 4 HOH 84  385 106 HOH HOH A . 
D 4 HOH 85  386 107 HOH HOH A . 
D 4 HOH 86  387 108 HOH HOH A . 
D 4 HOH 87  388 110 HOH HOH A . 
D 4 HOH 88  389 111 HOH HOH A . 
D 4 HOH 89  390 112 HOH HOH A . 
D 4 HOH 90  391 113 HOH HOH A . 
D 4 HOH 91  392 114 HOH HOH A . 
D 4 HOH 92  393 115 HOH HOH A . 
D 4 HOH 93  394 116 HOH HOH A . 
D 4 HOH 94  395 117 HOH HOH A . 
D 4 HOH 95  396 118 HOH HOH A . 
D 4 HOH 96  397 120 HOH HOH A . 
D 4 HOH 97  398 121 HOH HOH A . 
D 4 HOH 98  399 123 HOH HOH A . 
D 4 HOH 99  400 124 HOH HOH A . 
D 4 HOH 100 401 126 HOH HOH A . 
D 4 HOH 101 402 127 HOH HOH A . 
D 4 HOH 102 403 129 HOH HOH A . 
D 4 HOH 103 404 130 HOH HOH A . 
D 4 HOH 104 405 131 HOH HOH A . 
D 4 HOH 105 406 132 HOH HOH A . 
D 4 HOH 106 407 133 HOH HOH A . 
D 4 HOH 107 408 136 HOH HOH A . 
D 4 HOH 108 409 137 HOH HOH A . 
D 4 HOH 109 410 140 HOH HOH A . 
D 4 HOH 110 411 141 HOH HOH A . 
D 4 HOH 111 412 142 HOH HOH A . 
D 4 HOH 112 413 143 HOH HOH A . 
D 4 HOH 113 414 144 HOH HOH A . 
D 4 HOH 114 415 146 HOH HOH A . 
D 4 HOH 115 416 147 HOH HOH A . 
D 4 HOH 116 417 150 HOH HOH A . 
D 4 HOH 117 418 151 HOH HOH A . 
D 4 HOH 118 419 152 HOH HOH A . 
D 4 HOH 119 420 153 HOH HOH A . 
D 4 HOH 120 421 155 HOH HOH A . 
D 4 HOH 121 422 156 HOH HOH A . 
D 4 HOH 122 423 157 HOH HOH A . 
D 4 HOH 123 424 158 HOH HOH A . 
D 4 HOH 124 425 159 HOH HOH A . 
D 4 HOH 125 426 161 HOH HOH A . 
D 4 HOH 126 427 164 HOH HOH A . 
D 4 HOH 127 428 165 HOH HOH A . 
D 4 HOH 128 429 167 HOH HOH A . 
D 4 HOH 129 430 169 HOH HOH A . 
D 4 HOH 130 431 170 HOH HOH A . 
D 4 HOH 131 432 171 HOH HOH A . 
D 4 HOH 132 433 172 HOH HOH A . 
D 4 HOH 133 434 173 HOH HOH A . 
D 4 HOH 134 435 175 HOH HOH A . 
D 4 HOH 135 436 176 HOH HOH A . 
D 4 HOH 136 437 177 HOH HOH A . 
D 4 HOH 137 438 181 HOH HOH A . 
D 4 HOH 138 439 183 HOH HOH A . 
D 4 HOH 139 440 184 HOH HOH A . 
D 4 HOH 140 441 185 HOH HOH A . 
D 4 HOH 141 442 186 HOH HOH A . 
D 4 HOH 142 443 188 HOH HOH A . 
D 4 HOH 143 444 191 HOH HOH A . 
D 4 HOH 144 445 192 HOH HOH A . 
D 4 HOH 145 446 193 HOH HOH A . 
D 4 HOH 146 447 195 HOH HOH A . 
D 4 HOH 147 448 196 HOH HOH A . 
D 4 HOH 148 449 198 HOH HOH A . 
D 4 HOH 149 450 199 HOH HOH A . 
D 4 HOH 150 451 200 HOH HOH A . 
D 4 HOH 151 452 201 HOH HOH A . 
D 4 HOH 152 453 203 HOH HOH A . 
D 4 HOH 153 454 204 HOH HOH A . 
# 
loop_
_pdbx_unobs_or_zero_occ_atoms.id 
_pdbx_unobs_or_zero_occ_atoms.PDB_model_num 
_pdbx_unobs_or_zero_occ_atoms.polymer_flag 
_pdbx_unobs_or_zero_occ_atoms.occupancy_flag 
_pdbx_unobs_or_zero_occ_atoms.auth_asym_id 
_pdbx_unobs_or_zero_occ_atoms.auth_comp_id 
_pdbx_unobs_or_zero_occ_atoms.auth_seq_id 
_pdbx_unobs_or_zero_occ_atoms.PDB_ins_code 
_pdbx_unobs_or_zero_occ_atoms.auth_atom_id 
_pdbx_unobs_or_zero_occ_atoms.label_alt_id 
_pdbx_unobs_or_zero_occ_atoms.label_asym_id 
_pdbx_unobs_or_zero_occ_atoms.label_comp_id 
_pdbx_unobs_or_zero_occ_atoms.label_seq_id 
_pdbx_unobs_or_zero_occ_atoms.label_atom_id 
1  1 Y 1 A SER 3   ? OG  ? A SER 16  OG  
2  1 Y 1 A ASN 35  ? CG  ? A ASN 48  CG  
3  1 Y 1 A ASN 35  ? OD1 ? A ASN 48  OD1 
4  1 Y 1 A ASN 35  ? ND2 ? A ASN 48  ND2 
5  1 Y 1 A GLU 51  ? CG  ? A GLU 64  CG  
6  1 Y 1 A GLU 51  ? CD  ? A GLU 64  CD  
7  1 Y 1 A GLU 51  ? OE1 ? A GLU 64  OE1 
8  1 Y 1 A GLU 51  ? OE2 ? A GLU 64  OE2 
9  1 Y 1 A LYS 55  ? CG  ? A LYS 68  CG  
10 1 Y 1 A LYS 55  ? CD  ? A LYS 68  CD  
11 1 Y 1 A LYS 55  ? CE  ? A LYS 68  CE  
12 1 Y 1 A LYS 55  ? NZ  ? A LYS 68  NZ  
13 1 Y 1 A GLU 68  ? CG  ? A GLU 81  CG  
14 1 Y 1 A GLU 68  ? CD  ? A GLU 81  CD  
15 1 Y 1 A GLU 68  ? OE1 ? A GLU 81  OE1 
16 1 Y 1 A GLU 68  ? OE2 ? A GLU 81  OE2 
17 1 Y 1 A LYS 100 ? CG  ? A LYS 113 CG  
18 1 Y 1 A LYS 100 ? CD  ? A LYS 113 CD  
19 1 Y 1 A LYS 100 ? CE  ? A LYS 113 CE  
20 1 Y 1 A LYS 100 ? NZ  ? A LYS 113 NZ  
21 1 Y 1 A GLU 138 ? CG  ? A GLU 151 CG  
22 1 Y 1 A GLU 138 ? CD  ? A GLU 151 CD  
23 1 Y 1 A GLU 138 ? OE1 ? A GLU 151 OE1 
24 1 Y 1 A GLU 138 ? OE2 ? A GLU 151 OE2 
25 1 Y 1 A LYS 144 ? CG  ? A LYS 157 CG  
26 1 Y 1 A LYS 144 ? CD  ? A LYS 157 CD  
27 1 Y 1 A LYS 144 ? CE  ? A LYS 157 CE  
28 1 Y 1 A LYS 144 ? NZ  ? A LYS 157 NZ  
# 
loop_
_software.name 
_software.classification 
_software.version 
_software.citation_id 
_software.pdbx_ordinal 
REFMAC    refinement       5.2.0005 ? 1 
DENZO     'data reduction' .        ? 2 
SCALEPACK 'data scaling'   .        ? 3 
AMoRE     phasing          .        ? 4 
# 
_cell.entry_id           1YZN 
_cell.length_a           39.011 
_cell.length_b           56.930 
_cell.length_c           74.720 
_cell.angle_alpha        90.00 
_cell.angle_beta         90.00 
_cell.angle_gamma        90.00 
_cell.Z_PDB              4 
_cell.pdbx_unique_axis   ? 
# 
_symmetry.entry_id                         1YZN 
_symmetry.space_group_name_H-M             'P 21 21 21' 
_symmetry.pdbx_full_space_group_name_H-M   ? 
_symmetry.cell_setting                     ? 
_symmetry.Int_Tables_number                19 
_symmetry.space_group_name_Hall            ? 
# 
_exptl.entry_id          1YZN 
_exptl.method            'X-RAY DIFFRACTION' 
_exptl.crystals_number   1 
# 
_exptl_crystal.id                    1 
_exptl_crystal.density_meas          ? 
_exptl_crystal.density_Matthews      2.08 
_exptl_crystal.density_percent_sol   40.43 
_exptl_crystal.description           ? 
_exptl_crystal.F_000                 ? 
_exptl_crystal.preparation           ? 
# 
_exptl_crystal_grow.crystal_id      1 
_exptl_crystal_grow.method          'VAPOR DIFFUSION, HANGING DROP' 
_exptl_crystal_grow.temp            298 
_exptl_crystal_grow.temp_details    ? 
_exptl_crystal_grow.pH              6.5 
_exptl_crystal_grow.pdbx_details    '30% MPD, 10% Glycerol, 100mM MES, pH 6.5, VAPOR DIFFUSION, HANGING DROP, temperature 298K' 
_exptl_crystal_grow.pdbx_pH_range   . 
# 
_diffrn.id                     1 
_diffrn.ambient_temp           100 
_diffrn.ambient_temp_details   ? 
_diffrn.crystal_id             1 
# 
_diffrn_detector.diffrn_id              1 
_diffrn_detector.detector               'IMAGE PLATE' 
_diffrn_detector.type                   'MAR scanner 300 mm plate' 
_diffrn_detector.pdbx_collection_date   2003-07-01 
_diffrn_detector.details                'osmic mirror' 
# 
_diffrn_radiation.diffrn_id                        1 
_diffrn_radiation.wavelength_id                    1 
_diffrn_radiation.pdbx_monochromatic_or_laue_m_l   M 
_diffrn_radiation.monochromator                    ? 
_diffrn_radiation.pdbx_diffrn_protocol             'SINGLE WAVELENGTH' 
_diffrn_radiation.pdbx_scattering_type             x-ray 
# 
_diffrn_radiation_wavelength.id           1 
_diffrn_radiation_wavelength.wavelength   1.5418 
_diffrn_radiation_wavelength.wt           1.0 
# 
_diffrn_source.diffrn_id                   1 
_diffrn_source.source                      'ROTATING ANODE' 
_diffrn_source.type                        'RIGAKU RUH3R' 
_diffrn_source.pdbx_synchrotron_site       ? 
_diffrn_source.pdbx_synchrotron_beamline   ? 
_diffrn_source.pdbx_wavelength             1.5418 
_diffrn_source.pdbx_wavelength_list        ? 
# 
_reflns.entry_id                     1YZN 
_reflns.observed_criterion_sigma_F   0 
_reflns.observed_criterion_sigma_I   0 
_reflns.d_resolution_high            2.06 
_reflns.d_resolution_low             50 
_reflns.number_all                   10706 
_reflns.number_obs                   10705 
_reflns.percent_possible_obs         99.2 
_reflns.pdbx_Rmerge_I_obs            ? 
_reflns.pdbx_Rsym_value              0.068 
_reflns.pdbx_netI_over_sigmaI        18.1 
_reflns.B_iso_Wilson_estimate        34.6 
_reflns.pdbx_redundancy              3 
_reflns.R_free_details               ? 
_reflns.limit_h_max                  ? 
_reflns.limit_h_min                  ? 
_reflns.limit_k_max                  ? 
_reflns.limit_k_min                  ? 
_reflns.limit_l_max                  ? 
_reflns.limit_l_min                  ? 
_reflns.observed_criterion_F_max     ? 
_reflns.observed_criterion_F_min     ? 
_reflns.pdbx_chi_squared             ? 
_reflns.pdbx_scaling_rejects         ? 
_reflns.pdbx_diffrn_id               1 
_reflns.pdbx_ordinal                 1 
# 
_reflns_shell.d_res_high             2.06 
_reflns_shell.d_res_low              2.12 
_reflns_shell.percent_possible_all   99.7 
_reflns_shell.Rmerge_I_obs           ? 
_reflns_shell.pdbx_Rsym_value        0.293 
_reflns_shell.meanI_over_sigI_obs    4.7 
_reflns_shell.pdbx_redundancy        3 
_reflns_shell.percent_possible_obs   ? 
_reflns_shell.number_unique_all      880 
_reflns_shell.number_measured_all    ? 
_reflns_shell.number_measured_obs    ? 
_reflns_shell.number_unique_obs      ? 
_reflns_shell.pdbx_chi_squared       ? 
_reflns_shell.pdbx_diffrn_id         ? 
_reflns_shell.pdbx_ordinal           1 
# 
_refine.entry_id                                 1YZN 
_refine.ls_number_reflns_obs                     8258 
_refine.ls_number_reflns_all                     ? 
_refine.pdbx_ls_sigma_I                          ? 
_refine.pdbx_ls_sigma_F                          0 
_refine.pdbx_data_cutoff_high_absF               ? 
_refine.pdbx_data_cutoff_low_absF                ? 
_refine.pdbx_data_cutoff_high_rms_absF           ? 
_refine.ls_d_res_low                             15.00 
_refine.ls_d_res_high                            2.06 
_refine.ls_percent_reflns_obs                    99.30 
_refine.ls_R_factor_obs                          0.19754 
_refine.ls_R_factor_all                          0.212 
_refine.ls_R_factor_R_work                       0.19562 
_refine.ls_R_factor_R_free                       0.23462 
_refine.ls_R_factor_R_free_error                 ? 
_refine.ls_R_factor_R_free_error_details         ? 
_refine.ls_percent_reflns_R_free                 4.8 
_refine.ls_number_reflns_R_free                  514 
_refine.ls_number_parameters                     ? 
_refine.ls_number_restraints                     ? 
_refine.occupancy_min                            ? 
_refine.occupancy_max                            ? 
_refine.correlation_coeff_Fo_to_Fc               0.950 
_refine.correlation_coeff_Fo_to_Fc_free          0.930 
_refine.B_iso_mean                               27.148 
_refine.aniso_B[1][1]                            -1.14 
_refine.aniso_B[2][2]                            1.46 
_refine.aniso_B[3][3]                            -0.32 
_refine.aniso_B[1][2]                            0.00 
_refine.aniso_B[1][3]                            0.00 
_refine.aniso_B[2][3]                            0.00 
_refine.solvent_model_details                    MASK 
_refine.solvent_model_param_ksol                 ? 
_refine.solvent_model_param_bsol                 ? 
_refine.pdbx_solvent_vdw_probe_radii             1.20 
_refine.pdbx_solvent_ion_probe_radii             0.80 
_refine.pdbx_solvent_shrinkage_radii             0.80 
_refine.pdbx_ls_cross_valid_method               THROUGHOUT 
_refine.details                                  'HYDROGENS HAVE BEEN ADDED IN THE RIDING POSITIONS' 
_refine.pdbx_starting_model                      'Polyalanine Rab3A GTPase' 
_refine.pdbx_method_to_determine_struct          'MOLECULAR REPLACEMENT' 
_refine.pdbx_isotropic_thermal_model             ? 
_refine.pdbx_stereochemistry_target_values       'MAXIMUM LIKELIHOOD' 
_refine.pdbx_stereochem_target_val_spec_case     ? 
_refine.pdbx_R_Free_selection_details            RANDOM 
_refine.pdbx_overall_ESU_R                       0.262 
_refine.pdbx_overall_ESU_R_Free                  0.194 
_refine.overall_SU_ML                            0.141 
_refine.overall_SU_B                             5.236 
_refine.ls_redundancy_reflns_obs                 ? 
_refine.B_iso_min                                ? 
_refine.B_iso_max                                ? 
_refine.overall_SU_R_Cruickshank_DPI             ? 
_refine.overall_SU_R_free                        ? 
_refine.ls_wR_factor_R_free                      ? 
_refine.ls_wR_factor_R_work                      ? 
_refine.overall_FOM_free_R_set                   ? 
_refine.overall_FOM_work_R_set                   ? 
_refine.pdbx_refine_id                           'X-RAY DIFFRACTION' 
_refine.pdbx_diffrn_id                           1 
_refine.pdbx_TLS_residual_ADP_flag               ? 
_refine.pdbx_overall_phase_error                 ? 
_refine.pdbx_overall_SU_R_free_Cruickshank_DPI   ? 
_refine.pdbx_overall_SU_R_Blow_DPI               ? 
_refine.pdbx_overall_SU_R_free_Blow_DPI          ? 
# 
_refine_hist.pdbx_refine_id                   'X-RAY DIFFRACTION' 
_refine_hist.cycle_id                         LAST 
_refine_hist.pdbx_number_atoms_protein        1391 
_refine_hist.pdbx_number_atoms_nucleic_acid   0 
_refine_hist.pdbx_number_atoms_ligand         33 
_refine_hist.number_atoms_solvent             153 
_refine_hist.number_atoms_total               1577 
_refine_hist.d_res_high                       2.06 
_refine_hist.d_res_low                        15.00 
# 
loop_
_refine_ls_restr.type 
_refine_ls_restr.dev_ideal 
_refine_ls_restr.dev_ideal_target 
_refine_ls_restr.weight 
_refine_ls_restr.number 
_refine_ls_restr.pdbx_refine_id 
_refine_ls_restr.pdbx_restraint_function 
r_bond_refined_d             0.008  0.022  ? 1449 'X-RAY DIFFRACTION' ? 
r_bond_other_d               ?      ?      ? ?    'X-RAY DIFFRACTION' ? 
r_angle_refined_deg          1.174  1.987  ? 1970 'X-RAY DIFFRACTION' ? 
r_angle_other_deg            ?      ?      ? ?    'X-RAY DIFFRACTION' ? 
r_dihedral_angle_1_deg       5.172  5.000  ? 177  'X-RAY DIFFRACTION' ? 
r_dihedral_angle_2_deg       35.337 24.032 ? 62   'X-RAY DIFFRACTION' ? 
r_dihedral_angle_3_deg       15.622 15.000 ? 244  'X-RAY DIFFRACTION' ? 
r_dihedral_angle_4_deg       16.123 15.000 ? 8    'X-RAY DIFFRACTION' ? 
r_chiral_restr               0.069  0.200  ? 227  'X-RAY DIFFRACTION' ? 
r_gen_planes_refined         0.003  0.020  ? 1060 'X-RAY DIFFRACTION' ? 
r_gen_planes_other           ?      ?      ? ?    'X-RAY DIFFRACTION' ? 
r_nbd_refined                0.197  0.200  ? 655  'X-RAY DIFFRACTION' ? 
r_nbd_other                  ?      ?      ? ?    'X-RAY DIFFRACTION' ? 
r_nbtor_refined              0.303  0.200  ? 989  'X-RAY DIFFRACTION' ? 
r_nbtor_other                ?      ?      ? ?    'X-RAY DIFFRACTION' ? 
r_xyhbond_nbd_refined        0.134  0.200  ? 145  'X-RAY DIFFRACTION' ? 
r_xyhbond_nbd_other          ?      ?      ? ?    'X-RAY DIFFRACTION' ? 
r_metal_ion_refined          0.071  0.200  ? 1    'X-RAY DIFFRACTION' ? 
r_metal_ion_other            ?      ?      ? ?    'X-RAY DIFFRACTION' ? 
r_symmetry_vdw_refined       0.234  0.200  ? 52   'X-RAY DIFFRACTION' ? 
r_symmetry_vdw_other         ?      ?      ? ?    'X-RAY DIFFRACTION' ? 
r_symmetry_hbond_refined     0.151  0.200  ? 23   'X-RAY DIFFRACTION' ? 
r_symmetry_hbond_other       ?      ?      ? ?    'X-RAY DIFFRACTION' ? 
r_symmetry_metal_ion_refined ?      ?      ? ?    'X-RAY DIFFRACTION' ? 
r_symmetry_metal_ion_other   ?      ?      ? ?    'X-RAY DIFFRACTION' ? 
r_mcbond_it                  0.511  1.500  ? 898  'X-RAY DIFFRACTION' ? 
r_mcbond_other               ?      ?      ? ?    'X-RAY DIFFRACTION' ? 
r_mcangle_it                 0.941  2.000  ? 1414 'X-RAY DIFFRACTION' ? 
r_scbond_it                  1.382  3.000  ? 638  'X-RAY DIFFRACTION' ? 
r_scangle_it                 2.151  4.500  ? 556  'X-RAY DIFFRACTION' ? 
r_rigid_bond_restr           ?      ?      ? ?    'X-RAY DIFFRACTION' ? 
r_sphericity_free            ?      ?      ? ?    'X-RAY DIFFRACTION' ? 
r_sphericity_bonded          ?      ?      ? ?    'X-RAY DIFFRACTION' ? 
# 
_refine_ls_shell.pdbx_total_number_of_bins_used   20 
_refine_ls_shell.d_res_high                       2.060 
_refine_ls_shell.d_res_low                        2.112 
_refine_ls_shell.number_reflns_R_work             739 
_refine_ls_shell.R_factor_R_work                  0.229 
_refine_ls_shell.percent_reflns_obs               99.49 
_refine_ls_shell.R_factor_R_free                  0.348 
_refine_ls_shell.R_factor_R_free_error            ? 
_refine_ls_shell.percent_reflns_R_free            ? 
_refine_ls_shell.number_reflns_R_free             34 
_refine_ls_shell.number_reflns_obs                ? 
_refine_ls_shell.redundancy_reflns_obs            ? 
_refine_ls_shell.number_reflns_all                ? 
_refine_ls_shell.pdbx_refine_id                   'X-RAY DIFFRACTION' 
_refine_ls_shell.R_factor_all                     ? 
# 
_struct.entry_id                  1YZN 
_struct.title                     'GppNHp-Bound Ypt1p GTPase' 
_struct.pdbx_model_details        ? 
_struct.pdbx_CASP_flag            ? 
_struct.pdbx_model_type_details   ? 
# 
_struct_keywords.entry_id        1YZN 
_struct_keywords.pdbx_keywords   'PROTEIN TRANSPORT' 
_struct_keywords.text            'Rab GTPase, Ypt1p GTPase, vesicular trafficking, Protein transport' 
# 
loop_
_struct_asym.id 
_struct_asym.pdbx_blank_PDB_chainid_flag 
_struct_asym.pdbx_modified 
_struct_asym.entity_id 
_struct_asym.details 
A N N 1 ? 
B N N 2 ? 
C N N 3 ? 
D N N 4 ? 
# 
_struct_ref.id                         1 
_struct_ref.db_name                    UNP 
_struct_ref.db_code                    YPT1_YEAST 
_struct_ref.pdbx_db_accession          P01123 
_struct_ref.entity_id                  1 
_struct_ref.pdbx_seq_one_letter_code   
;SEYDYLFKLLLIGNSGVGKSCLLLRFSDDTYTNDYISTIGVDFKIKTVELDGKTVKLQIWDTAGQERFRTITSSYYRGSH
GIIIVYDVTDQESFNGVKMWLQEIDRYATSTVLKLLVGNKCDLKDKRVVEYDVAKEFADANKMPFLETSALDSTNVEDAF
LTMARQIKES
;
_struct_ref.pdbx_align_begin           3 
_struct_ref.pdbx_db_isoform            ? 
# 
_struct_ref_seq.align_id                      1 
_struct_ref_seq.ref_id                        1 
_struct_ref_seq.pdbx_PDB_id_code              1YZN 
_struct_ref_seq.pdbx_strand_id                A 
_struct_ref_seq.seq_align_beg                 16 
_struct_ref_seq.pdbx_seq_align_beg_ins_code   ? 
_struct_ref_seq.seq_align_end                 185 
_struct_ref_seq.pdbx_seq_align_end_ins_code   ? 
_struct_ref_seq.pdbx_db_accession             P01123 
_struct_ref_seq.db_align_beg                  3 
_struct_ref_seq.pdbx_db_align_beg_ins_code    ? 
_struct_ref_seq.db_align_end                  172 
_struct_ref_seq.pdbx_db_align_end_ins_code    ? 
_struct_ref_seq.pdbx_auth_seq_align_beg       3 
_struct_ref_seq.pdbx_auth_seq_align_end       172 
# 
loop_
_struct_ref_seq_dif.align_id 
_struct_ref_seq_dif.pdbx_pdb_id_code 
_struct_ref_seq_dif.mon_id 
_struct_ref_seq_dif.pdbx_pdb_strand_id 
_struct_ref_seq_dif.seq_num 
_struct_ref_seq_dif.pdbx_pdb_ins_code 
_struct_ref_seq_dif.pdbx_seq_db_name 
_struct_ref_seq_dif.pdbx_seq_db_accession_code 
_struct_ref_seq_dif.db_mon_id 
_struct_ref_seq_dif.pdbx_seq_db_seq_num 
_struct_ref_seq_dif.details 
_struct_ref_seq_dif.pdbx_auth_seq_num 
_struct_ref_seq_dif.pdbx_ordinal 
1 1YZN MET A 1  ? UNP P01123 ? ? 'cloning artifact' -12 1  
1 1YZN GLY A 2  ? UNP P01123 ? ? 'cloning artifact' -11 2  
1 1YZN HIS A 3  ? UNP P01123 ? ? 'cloning artifact' -10 3  
1 1YZN HIS A 4  ? UNP P01123 ? ? 'cloning artifact' -9  4  
1 1YZN HIS A 5  ? UNP P01123 ? ? 'cloning artifact' -8  5  
1 1YZN HIS A 6  ? UNP P01123 ? ? 'cloning artifact' -7  6  
1 1YZN HIS A 7  ? UNP P01123 ? ? 'cloning artifact' -6  7  
1 1YZN HIS A 8  ? UNP P01123 ? ? 'cloning artifact' -5  8  
1 1YZN GLY A 9  ? UNP P01123 ? ? 'cloning artifact' -4  9  
1 1YZN SER A 10 ? UNP P01123 ? ? 'cloning artifact' -3  10 
1 1YZN LEU A 11 ? UNP P01123 ? ? 'cloning artifact' -2  11 
1 1YZN VAL A 12 ? UNP P01123 ? ? 'cloning artifact' -1  12 
1 1YZN PRO A 13 ? UNP P01123 ? ? 'cloning artifact' 0   13 
1 1YZN ARG A 14 ? UNP P01123 ? ? 'cloning artifact' 1   14 
1 1YZN GLY A 15 ? UNP P01123 ? ? 'cloning artifact' 2   15 
# 
_pdbx_struct_assembly.id                   1 
_pdbx_struct_assembly.details              author_defined_assembly 
_pdbx_struct_assembly.method_details       ? 
_pdbx_struct_assembly.oligomeric_details   monomeric 
_pdbx_struct_assembly.oligomeric_count     1 
# 
_pdbx_struct_assembly_gen.assembly_id       1 
_pdbx_struct_assembly_gen.oper_expression   1 
_pdbx_struct_assembly_gen.asym_id_list      A,B,C,D 
# 
_pdbx_struct_oper_list.id                   1 
_pdbx_struct_oper_list.type                 'identity operation' 
_pdbx_struct_oper_list.name                 1_555 
_pdbx_struct_oper_list.symmetry_operation   x,y,z 
_pdbx_struct_oper_list.matrix[1][1]         1.0000000000 
_pdbx_struct_oper_list.matrix[1][2]         0.0000000000 
_pdbx_struct_oper_list.matrix[1][3]         0.0000000000 
_pdbx_struct_oper_list.vector[1]            0.0000000000 
_pdbx_struct_oper_list.matrix[2][1]         0.0000000000 
_pdbx_struct_oper_list.matrix[2][2]         1.0000000000 
_pdbx_struct_oper_list.matrix[2][3]         0.0000000000 
_pdbx_struct_oper_list.vector[2]            0.0000000000 
_pdbx_struct_oper_list.matrix[3][1]         0.0000000000 
_pdbx_struct_oper_list.matrix[3][2]         0.0000000000 
_pdbx_struct_oper_list.matrix[3][3]         1.0000000000 
_pdbx_struct_oper_list.vector[3]            0.0000000000 
# 
_struct_biol.id                    1 
_struct_biol.pdbx_parent_biol_id   ? 
_struct_biol.details               ? 
# 
loop_
_struct_conf.conf_type_id 
_struct_conf.id 
_struct_conf.pdbx_PDB_helix_id 
_struct_conf.beg_label_comp_id 
_struct_conf.beg_label_asym_id 
_struct_conf.beg_label_seq_id 
_struct_conf.pdbx_beg_PDB_ins_code 
_struct_conf.end_label_comp_id 
_struct_conf.end_label_asym_id 
_struct_conf.end_label_seq_id 
_struct_conf.pdbx_end_PDB_ins_code 
_struct_conf.beg_auth_comp_id 
_struct_conf.beg_auth_asym_id 
_struct_conf.beg_auth_seq_id 
_struct_conf.end_auth_comp_id 
_struct_conf.end_auth_asym_id 
_struct_conf.end_auth_seq_id 
_struct_conf.pdbx_PDB_helix_class 
_struct_conf.details 
_struct_conf.pdbx_PDB_helix_length 
HELX_P HELX_P1 1 GLY A 33  ? ASP A 44  ? GLY A 20  ASP A 31  1 ? 12 
HELX_P HELX_P2 2 GLN A 80  ? ARG A 84  ? GLN A 67  ARG A 71  5 ? 5  
HELX_P HELX_P3 3 THR A 87  ? GLY A 93  ? THR A 74  GLY A 80  1 ? 7  
HELX_P HELX_P4 4 ASP A 105 ? ALA A 123 ? ASP A 92  ALA A 110 1 ? 19 
HELX_P HELX_P5 5 LEU A 138 ? ARG A 142 ? LEU A 125 ARG A 129 5 ? 5  
HELX_P HELX_P6 6 GLU A 145 ? ASN A 156 ? GLU A 132 ASN A 143 1 ? 12 
HELX_P HELX_P7 7 ASN A 170 ? GLU A 184 ? ASN A 157 GLU A 171 1 ? 15 
# 
_struct_conf_type.id          HELX_P 
_struct_conf_type.criteria    ? 
_struct_conf_type.reference   ? 
# 
loop_
_struct_conn.id 
_struct_conn.conn_type_id 
_struct_conn.pdbx_leaving_atom_flag 
_struct_conn.pdbx_PDB_id 
_struct_conn.ptnr1_label_asym_id 
_struct_conn.ptnr1_label_comp_id 
_struct_conn.ptnr1_label_seq_id 
_struct_conn.ptnr1_label_atom_id 
_struct_conn.pdbx_ptnr1_label_alt_id 
_struct_conn.pdbx_ptnr1_PDB_ins_code 
_struct_conn.pdbx_ptnr1_standard_comp_id 
_struct_conn.ptnr1_symmetry 
_struct_conn.ptnr2_label_asym_id 
_struct_conn.ptnr2_label_comp_id 
_struct_conn.ptnr2_label_seq_id 
_struct_conn.ptnr2_label_atom_id 
_struct_conn.pdbx_ptnr2_label_alt_id 
_struct_conn.pdbx_ptnr2_PDB_ins_code 
_struct_conn.ptnr1_auth_asym_id 
_struct_conn.ptnr1_auth_comp_id 
_struct_conn.ptnr1_auth_seq_id 
_struct_conn.ptnr2_auth_asym_id 
_struct_conn.ptnr2_auth_comp_id 
_struct_conn.ptnr2_auth_seq_id 
_struct_conn.ptnr2_symmetry 
_struct_conn.pdbx_ptnr3_label_atom_id 
_struct_conn.pdbx_ptnr3_label_seq_id 
_struct_conn.pdbx_ptnr3_label_comp_id 
_struct_conn.pdbx_ptnr3_label_asym_id 
_struct_conn.pdbx_ptnr3_label_alt_id 
_struct_conn.pdbx_ptnr3_PDB_ins_code 
_struct_conn.details 
_struct_conn.pdbx_dist_value 
_struct_conn.pdbx_value_order 
_struct_conn.pdbx_role 
metalc1 metalc ? ? A SER 35 OG  ? ? ? 1_555 B MG  . MG ? ? A SER 22  A MG  301 1_555 ? ? ? ? ? ? ? 2.045 ? ? 
metalc2 metalc ? ? A THR 53 OG1 ? ? ? 1_555 B MG  . MG ? ? A THR 40  A MG  301 1_555 ? ? ? ? ? ? ? 2.064 ? ? 
metalc3 metalc ? ? C GNP .  O2G ? ? ? 1_555 B MG  . MG ? ? A GNP 300 A MG  301 1_555 ? ? ? ? ? ? ? 1.919 ? ? 
metalc4 metalc ? ? C GNP .  O2B ? ? ? 1_555 B MG  . MG ? ? A GNP 300 A MG  301 1_555 ? ? ? ? ? ? ? 2.063 ? ? 
metalc5 metalc ? ? B MG  .  MG  ? ? ? 1_555 D HOH . O  ? ? A MG  301 A HOH 306 1_555 ? ? ? ? ? ? ? 2.092 ? ? 
metalc6 metalc ? ? B MG  .  MG  ? ? ? 1_555 D HOH . O  ? ? A MG  301 A HOH 307 1_555 ? ? ? ? ? ? ? 2.178 ? ? 
# 
_struct_conn_type.id          metalc 
_struct_conn_type.criteria    ? 
_struct_conn_type.reference   ? 
# 
loop_
_pdbx_struct_conn_angle.id 
_pdbx_struct_conn_angle.ptnr1_label_atom_id 
_pdbx_struct_conn_angle.ptnr1_label_alt_id 
_pdbx_struct_conn_angle.ptnr1_label_asym_id 
_pdbx_struct_conn_angle.ptnr1_label_comp_id 
_pdbx_struct_conn_angle.ptnr1_label_seq_id 
_pdbx_struct_conn_angle.ptnr1_auth_atom_id 
_pdbx_struct_conn_angle.ptnr1_auth_asym_id 
_pdbx_struct_conn_angle.ptnr1_auth_comp_id 
_pdbx_struct_conn_angle.ptnr1_auth_seq_id 
_pdbx_struct_conn_angle.ptnr1_PDB_ins_code 
_pdbx_struct_conn_angle.ptnr1_symmetry 
_pdbx_struct_conn_angle.ptnr2_label_atom_id 
_pdbx_struct_conn_angle.ptnr2_label_alt_id 
_pdbx_struct_conn_angle.ptnr2_label_asym_id 
_pdbx_struct_conn_angle.ptnr2_label_comp_id 
_pdbx_struct_conn_angle.ptnr2_label_seq_id 
_pdbx_struct_conn_angle.ptnr2_auth_atom_id 
_pdbx_struct_conn_angle.ptnr2_auth_asym_id 
_pdbx_struct_conn_angle.ptnr2_auth_comp_id 
_pdbx_struct_conn_angle.ptnr2_auth_seq_id 
_pdbx_struct_conn_angle.ptnr2_PDB_ins_code 
_pdbx_struct_conn_angle.ptnr2_symmetry 
_pdbx_struct_conn_angle.ptnr3_label_atom_id 
_pdbx_struct_conn_angle.ptnr3_label_alt_id 
_pdbx_struct_conn_angle.ptnr3_label_asym_id 
_pdbx_struct_conn_angle.ptnr3_label_comp_id 
_pdbx_struct_conn_angle.ptnr3_label_seq_id 
_pdbx_struct_conn_angle.ptnr3_auth_atom_id 
_pdbx_struct_conn_angle.ptnr3_auth_asym_id 
_pdbx_struct_conn_angle.ptnr3_auth_comp_id 
_pdbx_struct_conn_angle.ptnr3_auth_seq_id 
_pdbx_struct_conn_angle.ptnr3_PDB_ins_code 
_pdbx_struct_conn_angle.ptnr3_symmetry 
_pdbx_struct_conn_angle.value 
_pdbx_struct_conn_angle.value_esd 
1  OG  ? A SER 35 ? A SER 22  ? 1_555 MG ? B MG . ? A MG 301 ? 1_555 OG1 ? A THR 53 ? A THR 40  ? 1_555 82.7  ? 
2  OG  ? A SER 35 ? A SER 22  ? 1_555 MG ? B MG . ? A MG 301 ? 1_555 O2G ? C GNP .  ? A GNP 300 ? 1_555 172.1 ? 
3  OG1 ? A THR 53 ? A THR 40  ? 1_555 MG ? B MG . ? A MG 301 ? 1_555 O2G ? C GNP .  ? A GNP 300 ? 1_555 89.5  ? 
4  OG  ? A SER 35 ? A SER 22  ? 1_555 MG ? B MG . ? A MG 301 ? 1_555 O2B ? C GNP .  ? A GNP 300 ? 1_555 93.3  ? 
5  OG1 ? A THR 53 ? A THR 40  ? 1_555 MG ? B MG . ? A MG 301 ? 1_555 O2B ? C GNP .  ? A GNP 300 ? 1_555 174.6 ? 
6  O2G ? C GNP .  ? A GNP 300 ? 1_555 MG ? B MG . ? A MG 301 ? 1_555 O2B ? C GNP .  ? A GNP 300 ? 1_555 94.6  ? 
7  OG  ? A SER 35 ? A SER 22  ? 1_555 MG ? B MG . ? A MG 301 ? 1_555 O   ? D HOH .  ? A HOH 306 ? 1_555 87.9  ? 
8  OG1 ? A THR 53 ? A THR 40  ? 1_555 MG ? B MG . ? A MG 301 ? 1_555 O   ? D HOH .  ? A HOH 306 ? 1_555 83.8  ? 
9  O2G ? C GNP .  ? A GNP 300 ? 1_555 MG ? B MG . ? A MG 301 ? 1_555 O   ? D HOH .  ? A HOH 306 ? 1_555 92.6  ? 
10 O2B ? C GNP .  ? A GNP 300 ? 1_555 MG ? B MG . ? A MG 301 ? 1_555 O   ? D HOH .  ? A HOH 306 ? 1_555 92.5  ? 
11 OG  ? A SER 35 ? A SER 22  ? 1_555 MG ? B MG . ? A MG 301 ? 1_555 O   ? D HOH .  ? A HOH 307 ? 1_555 87.7  ? 
12 OG1 ? A THR 53 ? A THR 40  ? 1_555 MG ? B MG . ? A MG 301 ? 1_555 O   ? D HOH .  ? A HOH 307 ? 1_555 94.6  ? 
13 O2G ? C GNP .  ? A GNP 300 ? 1_555 MG ? B MG . ? A MG 301 ? 1_555 O   ? D HOH .  ? A HOH 307 ? 1_555 91.6  ? 
14 O2B ? C GNP .  ? A GNP 300 ? 1_555 MG ? B MG . ? A MG 301 ? 1_555 O   ? D HOH .  ? A HOH 307 ? 1_555 88.8  ? 
15 O   ? D HOH .  ? A HOH 306 ? 1_555 MG ? B MG . ? A MG 301 ? 1_555 O   ? D HOH .  ? A HOH 307 ? 1_555 175.5 ? 
# 
_struct_mon_prot_cis.pdbx_id                1 
_struct_mon_prot_cis.label_comp_id          HIS 
_struct_mon_prot_cis.label_seq_id           8 
_struct_mon_prot_cis.label_asym_id          A 
_struct_mon_prot_cis.label_alt_id           . 
_struct_mon_prot_cis.pdbx_PDB_ins_code      ? 
_struct_mon_prot_cis.auth_comp_id           HIS 
_struct_mon_prot_cis.auth_seq_id            -5 
_struct_mon_prot_cis.auth_asym_id           A 
_struct_mon_prot_cis.pdbx_label_comp_id_2   GLY 
_struct_mon_prot_cis.pdbx_label_seq_id_2    9 
_struct_mon_prot_cis.pdbx_label_asym_id_2   A 
_struct_mon_prot_cis.pdbx_PDB_ins_code_2    ? 
_struct_mon_prot_cis.pdbx_auth_comp_id_2    GLY 
_struct_mon_prot_cis.pdbx_auth_seq_id_2     -4 
_struct_mon_prot_cis.pdbx_auth_asym_id_2    A 
_struct_mon_prot_cis.pdbx_PDB_model_num     1 
_struct_mon_prot_cis.pdbx_omega_angle       9.55 
# 
_struct_sheet.id               A 
_struct_sheet.type             ? 
_struct_sheet.number_strands   6 
_struct_sheet.details          ? 
# 
loop_
_struct_sheet_order.sheet_id 
_struct_sheet_order.range_id_1 
_struct_sheet_order.range_id_2 
_struct_sheet_order.offset 
_struct_sheet_order.sense 
A 1 2 ? anti-parallel 
A 2 3 ? parallel      
A 3 4 ? parallel      
A 4 5 ? parallel      
A 5 6 ? parallel      
# 
loop_
_struct_sheet_range.sheet_id 
_struct_sheet_range.id 
_struct_sheet_range.beg_label_comp_id 
_struct_sheet_range.beg_label_asym_id 
_struct_sheet_range.beg_label_seq_id 
_struct_sheet_range.pdbx_beg_PDB_ins_code 
_struct_sheet_range.end_label_comp_id 
_struct_sheet_range.end_label_asym_id 
_struct_sheet_range.end_label_seq_id 
_struct_sheet_range.pdbx_end_PDB_ins_code 
_struct_sheet_range.beg_auth_comp_id 
_struct_sheet_range.beg_auth_asym_id 
_struct_sheet_range.beg_auth_seq_id 
_struct_sheet_range.end_auth_comp_id 
_struct_sheet_range.end_auth_asym_id 
_struct_sheet_range.end_auth_seq_id 
A 1 VAL A 56  ? LEU A 65  ? VAL A 43  LEU A 52  
A 2 LYS A 68  ? THR A 77  ? LYS A 55  THR A 64  
A 3 LEU A 21  ? ILE A 27  ? LEU A 8   ILE A 14  
A 4 GLY A 96  ? ASP A 102 ? GLY A 83  ASP A 89  
A 5 LEU A 128 ? ASN A 134 ? LEU A 115 ASN A 121 
A 6 PHE A 160 ? GLU A 162 ? PHE A 147 GLU A 149 
# 
loop_
_pdbx_struct_sheet_hbond.sheet_id 
_pdbx_struct_sheet_hbond.range_id_1 
_pdbx_struct_sheet_hbond.range_id_2 
_pdbx_struct_sheet_hbond.range_1_label_atom_id 
_pdbx_struct_sheet_hbond.range_1_label_comp_id 
_pdbx_struct_sheet_hbond.range_1_label_asym_id 
_pdbx_struct_sheet_hbond.range_1_label_seq_id 
_pdbx_struct_sheet_hbond.range_1_PDB_ins_code 
_pdbx_struct_sheet_hbond.range_1_auth_atom_id 
_pdbx_struct_sheet_hbond.range_1_auth_comp_id 
_pdbx_struct_sheet_hbond.range_1_auth_asym_id 
_pdbx_struct_sheet_hbond.range_1_auth_seq_id 
_pdbx_struct_sheet_hbond.range_2_label_atom_id 
_pdbx_struct_sheet_hbond.range_2_label_comp_id 
_pdbx_struct_sheet_hbond.range_2_label_asym_id 
_pdbx_struct_sheet_hbond.range_2_label_seq_id 
_pdbx_struct_sheet_hbond.range_2_PDB_ins_code 
_pdbx_struct_sheet_hbond.range_2_auth_atom_id 
_pdbx_struct_sheet_hbond.range_2_auth_comp_id 
_pdbx_struct_sheet_hbond.range_2_auth_asym_id 
_pdbx_struct_sheet_hbond.range_2_auth_seq_id 
A 1 2 N LEU A 65  ? N LEU A 52  O LYS A 68  ? O LYS A 55  
A 2 3 O GLN A 73  ? O GLN A 60  N PHE A 22  ? N PHE A 9   
A 3 4 N LEU A 25  ? N LEU A 12  O ILE A 98  ? O ILE A 85  
A 4 5 N TYR A 101 ? N TYR A 88  O ASN A 134 ? O ASN A 121 
A 5 6 N LEU A 131 ? N LEU A 118 O LEU A 161 ? O LEU A 148 
# 
loop_
_struct_site.id 
_struct_site.pdbx_evidence_code 
_struct_site.pdbx_auth_asym_id 
_struct_site.pdbx_auth_comp_id 
_struct_site.pdbx_auth_seq_id 
_struct_site.pdbx_auth_ins_code 
_struct_site.pdbx_num_residues 
_struct_site.details 
AC1 Software A MG  301 ? 5  'BINDING SITE FOR RESIDUE MG A 301'  
AC2 Software A GNP 300 ? 30 'BINDING SITE FOR RESIDUE GNP A 300' 
# 
loop_
_struct_site_gen.id 
_struct_site_gen.site_id 
_struct_site_gen.pdbx_num_res 
_struct_site_gen.label_comp_id 
_struct_site_gen.label_asym_id 
_struct_site_gen.label_seq_id 
_struct_site_gen.pdbx_auth_ins_code 
_struct_site_gen.auth_comp_id 
_struct_site_gen.auth_asym_id 
_struct_site_gen.auth_seq_id 
_struct_site_gen.label_atom_id 
_struct_site_gen.label_alt_id 
_struct_site_gen.symmetry 
_struct_site_gen.details 
1  AC1 5  SER A 35  ? SER A 22  . ? 1_555 ? 
2  AC1 5  THR A 53  ? THR A 40  . ? 1_555 ? 
3  AC1 5  GNP C .   ? GNP A 300 . ? 1_555 ? 
4  AC1 5  HOH D .   ? HOH A 306 . ? 1_555 ? 
5  AC1 5  HOH D .   ? HOH A 307 . ? 1_555 ? 
6  AC2 30 ARG A 14  ? ARG A 1   . ? 2_565 ? 
7  AC2 30 SER A 30  ? SER A 17  . ? 1_555 ? 
8  AC2 30 GLY A 31  ? GLY A 18  . ? 1_555 ? 
9  AC2 30 VAL A 32  ? VAL A 19  . ? 1_555 ? 
10 AC2 30 GLY A 33  ? GLY A 20  . ? 1_555 ? 
11 AC2 30 LYS A 34  ? LYS A 21  . ? 1_555 ? 
12 AC2 30 SER A 35  ? SER A 22  . ? 1_555 ? 
13 AC2 30 CYS A 36  ? CYS A 23  . ? 1_555 ? 
14 AC2 30 TYR A 46  ? TYR A 33  . ? 1_555 ? 
15 AC2 30 THR A 47  ? THR A 34  . ? 1_555 ? 
16 AC2 30 ASN A 48  ? ASN A 35  . ? 1_555 ? 
17 AC2 30 ASP A 49  ? ASP A 36  . ? 1_555 ? 
18 AC2 30 TYR A 50  ? TYR A 37  . ? 1_555 ? 
19 AC2 30 SER A 52  ? SER A 39  . ? 1_555 ? 
20 AC2 30 THR A 53  ? THR A 40  . ? 1_555 ? 
21 AC2 30 GLY A 79  ? GLY A 66  . ? 1_555 ? 
22 AC2 30 ASN A 134 ? ASN A 121 . ? 1_555 ? 
23 AC2 30 LYS A 135 ? LYS A 122 . ? 1_555 ? 
24 AC2 30 ASP A 137 ? ASP A 124 . ? 1_555 ? 
25 AC2 30 LEU A 138 ? LEU A 125 . ? 1_555 ? 
26 AC2 30 SER A 164 ? SER A 151 . ? 1_555 ? 
27 AC2 30 ALA A 165 ? ALA A 152 . ? 1_555 ? 
28 AC2 30 LEU A 166 ? LEU A 153 . ? 1_555 ? 
29 AC2 30 MG  B .   ? MG  A 301 . ? 1_555 ? 
30 AC2 30 HOH D .   ? HOH A 303 . ? 1_555 ? 
31 AC2 30 HOH D .   ? HOH A 304 . ? 2_565 ? 
32 AC2 30 HOH D .   ? HOH A 306 . ? 1_555 ? 
33 AC2 30 HOH D .   ? HOH A 307 . ? 1_555 ? 
34 AC2 30 HOH D .   ? HOH A 309 . ? 1_555 ? 
35 AC2 30 HOH D .   ? HOH A 314 . ? 1_555 ? 
# 
_pdbx_validate_torsion.id              1 
_pdbx_validate_torsion.PDB_model_num   1 
_pdbx_validate_torsion.auth_comp_id    SER 
_pdbx_validate_torsion.auth_asym_id    A 
_pdbx_validate_torsion.auth_seq_id     155 
_pdbx_validate_torsion.PDB_ins_code    ? 
_pdbx_validate_torsion.label_alt_id    ? 
_pdbx_validate_torsion.phi             82.53 
_pdbx_validate_torsion.psi             -5.92 
# 
loop_
_pdbx_unobs_or_zero_occ_residues.id 
_pdbx_unobs_or_zero_occ_residues.PDB_model_num 
_pdbx_unobs_or_zero_occ_residues.polymer_flag 
_pdbx_unobs_or_zero_occ_residues.occupancy_flag 
_pdbx_unobs_or_zero_occ_residues.auth_asym_id 
_pdbx_unobs_or_zero_occ_residues.auth_comp_id 
_pdbx_unobs_or_zero_occ_residues.auth_seq_id 
_pdbx_unobs_or_zero_occ_residues.PDB_ins_code 
_pdbx_unobs_or_zero_occ_residues.label_asym_id 
_pdbx_unobs_or_zero_occ_residues.label_comp_id 
_pdbx_unobs_or_zero_occ_residues.label_seq_id 
1 1 Y 1 A MET -12 ? A MET 1 
2 1 Y 1 A GLY -11 ? A GLY 2 
3 1 Y 1 A HIS -10 ? A HIS 3 
4 1 Y 1 A HIS -9  ? A HIS 4 
5 1 Y 1 A HIS -8  ? A HIS 5 
6 1 Y 1 A HIS -7  ? A HIS 6 
7 1 Y 1 A HIS -6  ? A HIS 7 
# 
loop_
_chem_comp_atom.comp_id 
_chem_comp_atom.atom_id 
_chem_comp_atom.type_symbol 
_chem_comp_atom.pdbx_aromatic_flag 
_chem_comp_atom.pdbx_stereo_config 
_chem_comp_atom.pdbx_ordinal 
ALA N      N  N N 1   
ALA CA     C  N S 2   
ALA C      C  N N 3   
ALA O      O  N N 4   
ALA CB     C  N N 5   
ALA OXT    O  N N 6   
ALA H      H  N N 7   
ALA H2     H  N N 8   
ALA HA     H  N N 9   
ALA HB1    H  N N 10  
ALA HB2    H  N N 11  
ALA HB3    H  N N 12  
ALA HXT    H  N N 13  
ARG N      N  N N 14  
ARG CA     C  N S 15  
ARG C      C  N N 16  
ARG O      O  N N 17  
ARG CB     C  N N 18  
ARG CG     C  N N 19  
ARG CD     C  N N 20  
ARG NE     N  N N 21  
ARG CZ     C  N N 22  
ARG NH1    N  N N 23  
ARG NH2    N  N N 24  
ARG OXT    O  N N 25  
ARG H      H  N N 26  
ARG H2     H  N N 27  
ARG HA     H  N N 28  
ARG HB2    H  N N 29  
ARG HB3    H  N N 30  
ARG HG2    H  N N 31  
ARG HG3    H  N N 32  
ARG HD2    H  N N 33  
ARG HD3    H  N N 34  
ARG HE     H  N N 35  
ARG HH11   H  N N 36  
ARG HH12   H  N N 37  
ARG HH21   H  N N 38  
ARG HH22   H  N N 39  
ARG HXT    H  N N 40  
ASN N      N  N N 41  
ASN CA     C  N S 42  
ASN C      C  N N 43  
ASN O      O  N N 44  
ASN CB     C  N N 45  
ASN CG     C  N N 46  
ASN OD1    O  N N 47  
ASN ND2    N  N N 48  
ASN OXT    O  N N 49  
ASN H      H  N N 50  
ASN H2     H  N N 51  
ASN HA     H  N N 52  
ASN HB2    H  N N 53  
ASN HB3    H  N N 54  
ASN HD21   H  N N 55  
ASN HD22   H  N N 56  
ASN HXT    H  N N 57  
ASP N      N  N N 58  
ASP CA     C  N S 59  
ASP C      C  N N 60  
ASP O      O  N N 61  
ASP CB     C  N N 62  
ASP CG     C  N N 63  
ASP OD1    O  N N 64  
ASP OD2    O  N N 65  
ASP OXT    O  N N 66  
ASP H      H  N N 67  
ASP H2     H  N N 68  
ASP HA     H  N N 69  
ASP HB2    H  N N 70  
ASP HB3    H  N N 71  
ASP HD2    H  N N 72  
ASP HXT    H  N N 73  
CYS N      N  N N 74  
CYS CA     C  N R 75  
CYS C      C  N N 76  
CYS O      O  N N 77  
CYS CB     C  N N 78  
CYS SG     S  N N 79  
CYS OXT    O  N N 80  
CYS H      H  N N 81  
CYS H2     H  N N 82  
CYS HA     H  N N 83  
CYS HB2    H  N N 84  
CYS HB3    H  N N 85  
CYS HG     H  N N 86  
CYS HXT    H  N N 87  
GLN N      N  N N 88  
GLN CA     C  N S 89  
GLN C      C  N N 90  
GLN O      O  N N 91  
GLN CB     C  N N 92  
GLN CG     C  N N 93  
GLN CD     C  N N 94  
GLN OE1    O  N N 95  
GLN NE2    N  N N 96  
GLN OXT    O  N N 97  
GLN H      H  N N 98  
GLN H2     H  N N 99  
GLN HA     H  N N 100 
GLN HB2    H  N N 101 
GLN HB3    H  N N 102 
GLN HG2    H  N N 103 
GLN HG3    H  N N 104 
GLN HE21   H  N N 105 
GLN HE22   H  N N 106 
GLN HXT    H  N N 107 
GLU N      N  N N 108 
GLU CA     C  N S 109 
GLU C      C  N N 110 
GLU O      O  N N 111 
GLU CB     C  N N 112 
GLU CG     C  N N 113 
GLU CD     C  N N 114 
GLU OE1    O  N N 115 
GLU OE2    O  N N 116 
GLU OXT    O  N N 117 
GLU H      H  N N 118 
GLU H2     H  N N 119 
GLU HA     H  N N 120 
GLU HB2    H  N N 121 
GLU HB3    H  N N 122 
GLU HG2    H  N N 123 
GLU HG3    H  N N 124 
GLU HE2    H  N N 125 
GLU HXT    H  N N 126 
GLY N      N  N N 127 
GLY CA     C  N N 128 
GLY C      C  N N 129 
GLY O      O  N N 130 
GLY OXT    O  N N 131 
GLY H      H  N N 132 
GLY H2     H  N N 133 
GLY HA2    H  N N 134 
GLY HA3    H  N N 135 
GLY HXT    H  N N 136 
GNP PG     P  N N 137 
GNP O1G    O  N N 138 
GNP O2G    O  N N 139 
GNP O3G    O  N N 140 
GNP N3B    N  N N 141 
GNP PB     P  N R 142 
GNP O1B    O  N N 143 
GNP O2B    O  N N 144 
GNP O3A    O  N N 145 
GNP PA     P  N S 146 
GNP O1A    O  N N 147 
GNP O2A    O  N N 148 
GNP "O5'"  O  N N 149 
GNP "C5'"  C  N N 150 
GNP "C4'"  C  N R 151 
GNP "O4'"  O  N N 152 
GNP "C3'"  C  N S 153 
GNP "O3'"  O  N N 154 
GNP "C2'"  C  N R 155 
GNP "O2'"  O  N N 156 
GNP "C1'"  C  N R 157 
GNP N9     N  Y N 158 
GNP C8     C  Y N 159 
GNP N7     N  Y N 160 
GNP C5     C  Y N 161 
GNP C6     C  Y N 162 
GNP O6     O  N N 163 
GNP N1     N  Y N 164 
GNP C2     C  Y N 165 
GNP N2     N  N N 166 
GNP N3     N  Y N 167 
GNP C4     C  Y N 168 
GNP HOG2   H  N N 169 
GNP HOG3   H  N N 170 
GNP HNB3   H  N N 171 
GNP HOB2   H  N N 172 
GNP HOA2   H  N N 173 
GNP "H5'2" H  N N 174 
GNP "H5'1" H  N N 175 
GNP "H4'"  H  N N 176 
GNP "H3'"  H  N N 177 
GNP "HO3'" H  N N 178 
GNP "H2'"  H  N N 179 
GNP "HO2'" H  N N 180 
GNP "H1'"  H  N N 181 
GNP H8     H  N N 182 
GNP HN1    H  N N 183 
GNP HN21   H  N N 184 
GNP HN22   H  N N 185 
HIS N      N  N N 186 
HIS CA     C  N S 187 
HIS C      C  N N 188 
HIS O      O  N N 189 
HIS CB     C  N N 190 
HIS CG     C  Y N 191 
HIS ND1    N  Y N 192 
HIS CD2    C  Y N 193 
HIS CE1    C  Y N 194 
HIS NE2    N  Y N 195 
HIS OXT    O  N N 196 
HIS H      H  N N 197 
HIS H2     H  N N 198 
HIS HA     H  N N 199 
HIS HB2    H  N N 200 
HIS HB3    H  N N 201 
HIS HD1    H  N N 202 
HIS HD2    H  N N 203 
HIS HE1    H  N N 204 
HIS HE2    H  N N 205 
HIS HXT    H  N N 206 
HOH O      O  N N 207 
HOH H1     H  N N 208 
HOH H2     H  N N 209 
ILE N      N  N N 210 
ILE CA     C  N S 211 
ILE C      C  N N 212 
ILE O      O  N N 213 
ILE CB     C  N S 214 
ILE CG1    C  N N 215 
ILE CG2    C  N N 216 
ILE CD1    C  N N 217 
ILE OXT    O  N N 218 
ILE H      H  N N 219 
ILE H2     H  N N 220 
ILE HA     H  N N 221 
ILE HB     H  N N 222 
ILE HG12   H  N N 223 
ILE HG13   H  N N 224 
ILE HG21   H  N N 225 
ILE HG22   H  N N 226 
ILE HG23   H  N N 227 
ILE HD11   H  N N 228 
ILE HD12   H  N N 229 
ILE HD13   H  N N 230 
ILE HXT    H  N N 231 
LEU N      N  N N 232 
LEU CA     C  N S 233 
LEU C      C  N N 234 
LEU O      O  N N 235 
LEU CB     C  N N 236 
LEU CG     C  N N 237 
LEU CD1    C  N N 238 
LEU CD2    C  N N 239 
LEU OXT    O  N N 240 
LEU H      H  N N 241 
LEU H2     H  N N 242 
LEU HA     H  N N 243 
LEU HB2    H  N N 244 
LEU HB3    H  N N 245 
LEU HG     H  N N 246 
LEU HD11   H  N N 247 
LEU HD12   H  N N 248 
LEU HD13   H  N N 249 
LEU HD21   H  N N 250 
LEU HD22   H  N N 251 
LEU HD23   H  N N 252 
LEU HXT    H  N N 253 
LYS N      N  N N 254 
LYS CA     C  N S 255 
LYS C      C  N N 256 
LYS O      O  N N 257 
LYS CB     C  N N 258 
LYS CG     C  N N 259 
LYS CD     C  N N 260 
LYS CE     C  N N 261 
LYS NZ     N  N N 262 
LYS OXT    O  N N 263 
LYS H      H  N N 264 
LYS H2     H  N N 265 
LYS HA     H  N N 266 
LYS HB2    H  N N 267 
LYS HB3    H  N N 268 
LYS HG2    H  N N 269 
LYS HG3    H  N N 270 
LYS HD2    H  N N 271 
LYS HD3    H  N N 272 
LYS HE2    H  N N 273 
LYS HE3    H  N N 274 
LYS HZ1    H  N N 275 
LYS HZ2    H  N N 276 
LYS HZ3    H  N N 277 
LYS HXT    H  N N 278 
MET N      N  N N 279 
MET CA     C  N S 280 
MET C      C  N N 281 
MET O      O  N N 282 
MET CB     C  N N 283 
MET CG     C  N N 284 
MET SD     S  N N 285 
MET CE     C  N N 286 
MET OXT    O  N N 287 
MET H      H  N N 288 
MET H2     H  N N 289 
MET HA     H  N N 290 
MET HB2    H  N N 291 
MET HB3    H  N N 292 
MET HG2    H  N N 293 
MET HG3    H  N N 294 
MET HE1    H  N N 295 
MET HE2    H  N N 296 
MET HE3    H  N N 297 
MET HXT    H  N N 298 
MG  MG     MG N N 299 
PHE N      N  N N 300 
PHE CA     C  N S 301 
PHE C      C  N N 302 
PHE O      O  N N 303 
PHE CB     C  N N 304 
PHE CG     C  Y N 305 
PHE CD1    C  Y N 306 
PHE CD2    C  Y N 307 
PHE CE1    C  Y N 308 
PHE CE2    C  Y N 309 
PHE CZ     C  Y N 310 
PHE OXT    O  N N 311 
PHE H      H  N N 312 
PHE H2     H  N N 313 
PHE HA     H  N N 314 
PHE HB2    H  N N 315 
PHE HB3    H  N N 316 
PHE HD1    H  N N 317 
PHE HD2    H  N N 318 
PHE HE1    H  N N 319 
PHE HE2    H  N N 320 
PHE HZ     H  N N 321 
PHE HXT    H  N N 322 
PRO N      N  N N 323 
PRO CA     C  N S 324 
PRO C      C  N N 325 
PRO O      O  N N 326 
PRO CB     C  N N 327 
PRO CG     C  N N 328 
PRO CD     C  N N 329 
PRO OXT    O  N N 330 
PRO H      H  N N 331 
PRO HA     H  N N 332 
PRO HB2    H  N N 333 
PRO HB3    H  N N 334 
PRO HG2    H  N N 335 
PRO HG3    H  N N 336 
PRO HD2    H  N N 337 
PRO HD3    H  N N 338 
PRO HXT    H  N N 339 
SER N      N  N N 340 
SER CA     C  N S 341 
SER C      C  N N 342 
SER O      O  N N 343 
SER CB     C  N N 344 
SER OG     O  N N 345 
SER OXT    O  N N 346 
SER H      H  N N 347 
SER H2     H  N N 348 
SER HA     H  N N 349 
SER HB2    H  N N 350 
SER HB3    H  N N 351 
SER HG     H  N N 352 
SER HXT    H  N N 353 
THR N      N  N N 354 
THR CA     C  N S 355 
THR C      C  N N 356 
THR O      O  N N 357 
THR CB     C  N R 358 
THR OG1    O  N N 359 
THR CG2    C  N N 360 
THR OXT    O  N N 361 
THR H      H  N N 362 
THR H2     H  N N 363 
THR HA     H  N N 364 
THR HB     H  N N 365 
THR HG1    H  N N 366 
THR HG21   H  N N 367 
THR HG22   H  N N 368 
THR HG23   H  N N 369 
THR HXT    H  N N 370 
TRP N      N  N N 371 
TRP CA     C  N S 372 
TRP C      C  N N 373 
TRP O      O  N N 374 
TRP CB     C  N N 375 
TRP CG     C  Y N 376 
TRP CD1    C  Y N 377 
TRP CD2    C  Y N 378 
TRP NE1    N  Y N 379 
TRP CE2    C  Y N 380 
TRP CE3    C  Y N 381 
TRP CZ2    C  Y N 382 
TRP CZ3    C  Y N 383 
TRP CH2    C  Y N 384 
TRP OXT    O  N N 385 
TRP H      H  N N 386 
TRP H2     H  N N 387 
TRP HA     H  N N 388 
TRP HB2    H  N N 389 
TRP HB3    H  N N 390 
TRP HD1    H  N N 391 
TRP HE1    H  N N 392 
TRP HE3    H  N N 393 
TRP HZ2    H  N N 394 
TRP HZ3    H  N N 395 
TRP HH2    H  N N 396 
TRP HXT    H  N N 397 
TYR N      N  N N 398 
TYR CA     C  N S 399 
TYR C      C  N N 400 
TYR O      O  N N 401 
TYR CB     C  N N 402 
TYR CG     C  Y N 403 
TYR CD1    C  Y N 404 
TYR CD2    C  Y N 405 
TYR CE1    C  Y N 406 
TYR CE2    C  Y N 407 
TYR CZ     C  Y N 408 
TYR OH     O  N N 409 
TYR OXT    O  N N 410 
TYR H      H  N N 411 
TYR H2     H  N N 412 
TYR HA     H  N N 413 
TYR HB2    H  N N 414 
TYR HB3    H  N N 415 
TYR HD1    H  N N 416 
TYR HD2    H  N N 417 
TYR HE1    H  N N 418 
TYR HE2    H  N N 419 
TYR HH     H  N N 420 
TYR HXT    H  N N 421 
VAL N      N  N N 422 
VAL CA     C  N S 423 
VAL C      C  N N 424 
VAL O      O  N N 425 
VAL CB     C  N N 426 
VAL CG1    C  N N 427 
VAL CG2    C  N N 428 
VAL OXT    O  N N 429 
VAL H      H  N N 430 
VAL H2     H  N N 431 
VAL HA     H  N N 432 
VAL HB     H  N N 433 
VAL HG11   H  N N 434 
VAL HG12   H  N N 435 
VAL HG13   H  N N 436 
VAL HG21   H  N N 437 
VAL HG22   H  N N 438 
VAL HG23   H  N N 439 
VAL HXT    H  N N 440 
# 
loop_
_chem_comp_bond.comp_id 
_chem_comp_bond.atom_id_1 
_chem_comp_bond.atom_id_2 
_chem_comp_bond.value_order 
_chem_comp_bond.pdbx_aromatic_flag 
_chem_comp_bond.pdbx_stereo_config 
_chem_comp_bond.pdbx_ordinal 
ALA N     CA     sing N N 1   
ALA N     H      sing N N 2   
ALA N     H2     sing N N 3   
ALA CA    C      sing N N 4   
ALA CA    CB     sing N N 5   
ALA CA    HA     sing N N 6   
ALA C     O      doub N N 7   
ALA C     OXT    sing N N 8   
ALA CB    HB1    sing N N 9   
ALA CB    HB2    sing N N 10  
ALA CB    HB3    sing N N 11  
ALA OXT   HXT    sing N N 12  
ARG N     CA     sing N N 13  
ARG N     H      sing N N 14  
ARG N     H2     sing N N 15  
ARG CA    C      sing N N 16  
ARG CA    CB     sing N N 17  
ARG CA    HA     sing N N 18  
ARG C     O      doub N N 19  
ARG C     OXT    sing N N 20  
ARG CB    CG     sing N N 21  
ARG CB    HB2    sing N N 22  
ARG CB    HB3    sing N N 23  
ARG CG    CD     sing N N 24  
ARG CG    HG2    sing N N 25  
ARG CG    HG3    sing N N 26  
ARG CD    NE     sing N N 27  
ARG CD    HD2    sing N N 28  
ARG CD    HD3    sing N N 29  
ARG NE    CZ     sing N N 30  
ARG NE    HE     sing N N 31  
ARG CZ    NH1    sing N N 32  
ARG CZ    NH2    doub N N 33  
ARG NH1   HH11   sing N N 34  
ARG NH1   HH12   sing N N 35  
ARG NH2   HH21   sing N N 36  
ARG NH2   HH22   sing N N 37  
ARG OXT   HXT    sing N N 38  
ASN N     CA     sing N N 39  
ASN N     H      sing N N 40  
ASN N     H2     sing N N 41  
ASN CA    C      sing N N 42  
ASN CA    CB     sing N N 43  
ASN CA    HA     sing N N 44  
ASN C     O      doub N N 45  
ASN C     OXT    sing N N 46  
ASN CB    CG     sing N N 47  
ASN CB    HB2    sing N N 48  
ASN CB    HB3    sing N N 49  
ASN CG    OD1    doub N N 50  
ASN CG    ND2    sing N N 51  
ASN ND2   HD21   sing N N 52  
ASN ND2   HD22   sing N N 53  
ASN OXT   HXT    sing N N 54  
ASP N     CA     sing N N 55  
ASP N     H      sing N N 56  
ASP N     H2     sing N N 57  
ASP CA    C      sing N N 58  
ASP CA    CB     sing N N 59  
ASP CA    HA     sing N N 60  
ASP C     O      doub N N 61  
ASP C     OXT    sing N N 62  
ASP CB    CG     sing N N 63  
ASP CB    HB2    sing N N 64  
ASP CB    HB3    sing N N 65  
ASP CG    OD1    doub N N 66  
ASP CG    OD2    sing N N 67  
ASP OD2   HD2    sing N N 68  
ASP OXT   HXT    sing N N 69  
CYS N     CA     sing N N 70  
CYS N     H      sing N N 71  
CYS N     H2     sing N N 72  
CYS CA    C      sing N N 73  
CYS CA    CB     sing N N 74  
CYS CA    HA     sing N N 75  
CYS C     O      doub N N 76  
CYS C     OXT    sing N N 77  
CYS CB    SG     sing N N 78  
CYS CB    HB2    sing N N 79  
CYS CB    HB3    sing N N 80  
CYS SG    HG     sing N N 81  
CYS OXT   HXT    sing N N 82  
GLN N     CA     sing N N 83  
GLN N     H      sing N N 84  
GLN N     H2     sing N N 85  
GLN CA    C      sing N N 86  
GLN CA    CB     sing N N 87  
GLN CA    HA     sing N N 88  
GLN C     O      doub N N 89  
GLN C     OXT    sing N N 90  
GLN CB    CG     sing N N 91  
GLN CB    HB2    sing N N 92  
GLN CB    HB3    sing N N 93  
GLN CG    CD     sing N N 94  
GLN CG    HG2    sing N N 95  
GLN CG    HG3    sing N N 96  
GLN CD    OE1    doub N N 97  
GLN CD    NE2    sing N N 98  
GLN NE2   HE21   sing N N 99  
GLN NE2   HE22   sing N N 100 
GLN OXT   HXT    sing N N 101 
GLU N     CA     sing N N 102 
GLU N     H      sing N N 103 
GLU N     H2     sing N N 104 
GLU CA    C      sing N N 105 
GLU CA    CB     sing N N 106 
GLU CA    HA     sing N N 107 
GLU C     O      doub N N 108 
GLU C     OXT    sing N N 109 
GLU CB    CG     sing N N 110 
GLU CB    HB2    sing N N 111 
GLU CB    HB3    sing N N 112 
GLU CG    CD     sing N N 113 
GLU CG    HG2    sing N N 114 
GLU CG    HG3    sing N N 115 
GLU CD    OE1    doub N N 116 
GLU CD    OE2    sing N N 117 
GLU OE2   HE2    sing N N 118 
GLU OXT   HXT    sing N N 119 
GLY N     CA     sing N N 120 
GLY N     H      sing N N 121 
GLY N     H2     sing N N 122 
GLY CA    C      sing N N 123 
GLY CA    HA2    sing N N 124 
GLY CA    HA3    sing N N 125 
GLY C     O      doub N N 126 
GLY C     OXT    sing N N 127 
GLY OXT   HXT    sing N N 128 
GNP PG    O1G    doub N N 129 
GNP PG    O2G    sing N N 130 
GNP PG    O3G    sing N N 131 
GNP PG    N3B    sing N N 132 
GNP O2G   HOG2   sing N N 133 
GNP O3G   HOG3   sing N N 134 
GNP N3B   PB     sing N N 135 
GNP N3B   HNB3   sing N N 136 
GNP PB    O1B    doub N N 137 
GNP PB    O2B    sing N N 138 
GNP PB    O3A    sing N N 139 
GNP O2B   HOB2   sing N N 140 
GNP O3A   PA     sing N N 141 
GNP PA    O1A    doub N N 142 
GNP PA    O2A    sing N N 143 
GNP PA    "O5'"  sing N N 144 
GNP O2A   HOA2   sing N N 145 
GNP "O5'" "C5'"  sing N N 146 
GNP "C5'" "C4'"  sing N N 147 
GNP "C5'" "H5'2" sing N N 148 
GNP "C5'" "H5'1" sing N N 149 
GNP "C4'" "O4'"  sing N N 150 
GNP "C4'" "C3'"  sing N N 151 
GNP "C4'" "H4'"  sing N N 152 
GNP "O4'" "C1'"  sing N N 153 
GNP "C3'" "O3'"  sing N N 154 
GNP "C3'" "C2'"  sing N N 155 
GNP "C3'" "H3'"  sing N N 156 
GNP "O3'" "HO3'" sing N N 157 
GNP "C2'" "O2'"  sing N N 158 
GNP "C2'" "C1'"  sing N N 159 
GNP "C2'" "H2'"  sing N N 160 
GNP "O2'" "HO2'" sing N N 161 
GNP "C1'" N9     sing N N 162 
GNP "C1'" "H1'"  sing N N 163 
GNP N9    C8     sing Y N 164 
GNP N9    C4     sing Y N 165 
GNP C8    N7     doub Y N 166 
GNP C8    H8     sing N N 167 
GNP N7    C5     sing Y N 168 
GNP C5    C6     sing Y N 169 
GNP C5    C4     doub Y N 170 
GNP C6    O6     doub N N 171 
GNP C6    N1     sing Y N 172 
GNP N1    C2     sing Y N 173 
GNP N1    HN1    sing N N 174 
GNP C2    N2     sing N N 175 
GNP C2    N3     doub Y N 176 
GNP N2    HN21   sing N N 177 
GNP N2    HN22   sing N N 178 
GNP N3    C4     sing Y N 179 
HIS N     CA     sing N N 180 
HIS N     H      sing N N 181 
HIS N     H2     sing N N 182 
HIS CA    C      sing N N 183 
HIS CA    CB     sing N N 184 
HIS CA    HA     sing N N 185 
HIS C     O      doub N N 186 
HIS C     OXT    sing N N 187 
HIS CB    CG     sing N N 188 
HIS CB    HB2    sing N N 189 
HIS CB    HB3    sing N N 190 
HIS CG    ND1    sing Y N 191 
HIS CG    CD2    doub Y N 192 
HIS ND1   CE1    doub Y N 193 
HIS ND1   HD1    sing N N 194 
HIS CD2   NE2    sing Y N 195 
HIS CD2   HD2    sing N N 196 
HIS CE1   NE2    sing Y N 197 
HIS CE1   HE1    sing N N 198 
HIS NE2   HE2    sing N N 199 
HIS OXT   HXT    sing N N 200 
HOH O     H1     sing N N 201 
HOH O     H2     sing N N 202 
ILE N     CA     sing N N 203 
ILE N     H      sing N N 204 
ILE N     H2     sing N N 205 
ILE CA    C      sing N N 206 
ILE CA    CB     sing N N 207 
ILE CA    HA     sing N N 208 
ILE C     O      doub N N 209 
ILE C     OXT    sing N N 210 
ILE CB    CG1    sing N N 211 
ILE CB    CG2    sing N N 212 
ILE CB    HB     sing N N 213 
ILE CG1   CD1    sing N N 214 
ILE CG1   HG12   sing N N 215 
ILE CG1   HG13   sing N N 216 
ILE CG2   HG21   sing N N 217 
ILE CG2   HG22   sing N N 218 
ILE CG2   HG23   sing N N 219 
ILE CD1   HD11   sing N N 220 
ILE CD1   HD12   sing N N 221 
ILE CD1   HD13   sing N N 222 
ILE OXT   HXT    sing N N 223 
LEU N     CA     sing N N 224 
LEU N     H      sing N N 225 
LEU N     H2     sing N N 226 
LEU CA    C      sing N N 227 
LEU CA    CB     sing N N 228 
LEU CA    HA     sing N N 229 
LEU C     O      doub N N 230 
LEU C     OXT    sing N N 231 
LEU CB    CG     sing N N 232 
LEU CB    HB2    sing N N 233 
LEU CB    HB3    sing N N 234 
LEU CG    CD1    sing N N 235 
LEU CG    CD2    sing N N 236 
LEU CG    HG     sing N N 237 
LEU CD1   HD11   sing N N 238 
LEU CD1   HD12   sing N N 239 
LEU CD1   HD13   sing N N 240 
LEU CD2   HD21   sing N N 241 
LEU CD2   HD22   sing N N 242 
LEU CD2   HD23   sing N N 243 
LEU OXT   HXT    sing N N 244 
LYS N     CA     sing N N 245 
LYS N     H      sing N N 246 
LYS N     H2     sing N N 247 
LYS CA    C      sing N N 248 
LYS CA    CB     sing N N 249 
LYS CA    HA     sing N N 250 
LYS C     O      doub N N 251 
LYS C     OXT    sing N N 252 
LYS CB    CG     sing N N 253 
LYS CB    HB2    sing N N 254 
LYS CB    HB3    sing N N 255 
LYS CG    CD     sing N N 256 
LYS CG    HG2    sing N N 257 
LYS CG    HG3    sing N N 258 
LYS CD    CE     sing N N 259 
LYS CD    HD2    sing N N 260 
LYS CD    HD3    sing N N 261 
LYS CE    NZ     sing N N 262 
LYS CE    HE2    sing N N 263 
LYS CE    HE3    sing N N 264 
LYS NZ    HZ1    sing N N 265 
LYS NZ    HZ2    sing N N 266 
LYS NZ    HZ3    sing N N 267 
LYS OXT   HXT    sing N N 268 
MET N     CA     sing N N 269 
MET N     H      sing N N 270 
MET N     H2     sing N N 271 
MET CA    C      sing N N 272 
MET CA    CB     sing N N 273 
MET CA    HA     sing N N 274 
MET C     O      doub N N 275 
MET C     OXT    sing N N 276 
MET CB    CG     sing N N 277 
MET CB    HB2    sing N N 278 
MET CB    HB3    sing N N 279 
MET CG    SD     sing N N 280 
MET CG    HG2    sing N N 281 
MET CG    HG3    sing N N 282 
MET SD    CE     sing N N 283 
MET CE    HE1    sing N N 284 
MET CE    HE2    sing N N 285 
MET CE    HE3    sing N N 286 
MET OXT   HXT    sing N N 287 
PHE N     CA     sing N N 288 
PHE N     H      sing N N 289 
PHE N     H2     sing N N 290 
PHE CA    C      sing N N 291 
PHE CA    CB     sing N N 292 
PHE CA    HA     sing N N 293 
PHE C     O      doub N N 294 
PHE C     OXT    sing N N 295 
PHE CB    CG     sing N N 296 
PHE CB    HB2    sing N N 297 
PHE CB    HB3    sing N N 298 
PHE CG    CD1    doub Y N 299 
PHE CG    CD2    sing Y N 300 
PHE CD1   CE1    sing Y N 301 
PHE CD1   HD1    sing N N 302 
PHE CD2   CE2    doub Y N 303 
PHE CD2   HD2    sing N N 304 
PHE CE1   CZ     doub Y N 305 
PHE CE1   HE1    sing N N 306 
PHE CE2   CZ     sing Y N 307 
PHE CE2   HE2    sing N N 308 
PHE CZ    HZ     sing N N 309 
PHE OXT   HXT    sing N N 310 
PRO N     CA     sing N N 311 
PRO N     CD     sing N N 312 
PRO N     H      sing N N 313 
PRO CA    C      sing N N 314 
PRO CA    CB     sing N N 315 
PRO CA    HA     sing N N 316 
PRO C     O      doub N N 317 
PRO C     OXT    sing N N 318 
PRO CB    CG     sing N N 319 
PRO CB    HB2    sing N N 320 
PRO CB    HB3    sing N N 321 
PRO CG    CD     sing N N 322 
PRO CG    HG2    sing N N 323 
PRO CG    HG3    sing N N 324 
PRO CD    HD2    sing N N 325 
PRO CD    HD3    sing N N 326 
PRO OXT   HXT    sing N N 327 
SER N     CA     sing N N 328 
SER N     H      sing N N 329 
SER N     H2     sing N N 330 
SER CA    C      sing N N 331 
SER CA    CB     sing N N 332 
SER CA    HA     sing N N 333 
SER C     O      doub N N 334 
SER C     OXT    sing N N 335 
SER CB    OG     sing N N 336 
SER CB    HB2    sing N N 337 
SER CB    HB3    sing N N 338 
SER OG    HG     sing N N 339 
SER OXT   HXT    sing N N 340 
THR N     CA     sing N N 341 
THR N     H      sing N N 342 
THR N     H2     sing N N 343 
THR CA    C      sing N N 344 
THR CA    CB     sing N N 345 
THR CA    HA     sing N N 346 
THR C     O      doub N N 347 
THR C     OXT    sing N N 348 
THR CB    OG1    sing N N 349 
THR CB    CG2    sing N N 350 
THR CB    HB     sing N N 351 
THR OG1   HG1    sing N N 352 
THR CG2   HG21   sing N N 353 
THR CG2   HG22   sing N N 354 
THR CG2   HG23   sing N N 355 
THR OXT   HXT    sing N N 356 
TRP N     CA     sing N N 357 
TRP N     H      sing N N 358 
TRP N     H2     sing N N 359 
TRP CA    C      sing N N 360 
TRP CA    CB     sing N N 361 
TRP CA    HA     sing N N 362 
TRP C     O      doub N N 363 
TRP C     OXT    sing N N 364 
TRP CB    CG     sing N N 365 
TRP CB    HB2    sing N N 366 
TRP CB    HB3    sing N N 367 
TRP CG    CD1    doub Y N 368 
TRP CG    CD2    sing Y N 369 
TRP CD1   NE1    sing Y N 370 
TRP CD1   HD1    sing N N 371 
TRP CD2   CE2    doub Y N 372 
TRP CD2   CE3    sing Y N 373 
TRP NE1   CE2    sing Y N 374 
TRP NE1   HE1    sing N N 375 
TRP CE2   CZ2    sing Y N 376 
TRP CE3   CZ3    doub Y N 377 
TRP CE3   HE3    sing N N 378 
TRP CZ2   CH2    doub Y N 379 
TRP CZ2   HZ2    sing N N 380 
TRP CZ3   CH2    sing Y N 381 
TRP CZ3   HZ3    sing N N 382 
TRP CH2   HH2    sing N N 383 
TRP OXT   HXT    sing N N 384 
TYR N     CA     sing N N 385 
TYR N     H      sing N N 386 
TYR N     H2     sing N N 387 
TYR CA    C      sing N N 388 
TYR CA    CB     sing N N 389 
TYR CA    HA     sing N N 390 
TYR C     O      doub N N 391 
TYR C     OXT    sing N N 392 
TYR CB    CG     sing N N 393 
TYR CB    HB2    sing N N 394 
TYR CB    HB3    sing N N 395 
TYR CG    CD1    doub Y N 396 
TYR CG    CD2    sing Y N 397 
TYR CD1   CE1    sing Y N 398 
TYR CD1   HD1    sing N N 399 
TYR CD2   CE2    doub Y N 400 
TYR CD2   HD2    sing N N 401 
TYR CE1   CZ     doub Y N 402 
TYR CE1   HE1    sing N N 403 
TYR CE2   CZ     sing Y N 404 
TYR CE2   HE2    sing N N 405 
TYR CZ    OH     sing N N 406 
TYR OH    HH     sing N N 407 
TYR OXT   HXT    sing N N 408 
VAL N     CA     sing N N 409 
VAL N     H      sing N N 410 
VAL N     H2     sing N N 411 
VAL CA    C      sing N N 412 
VAL CA    CB     sing N N 413 
VAL CA    HA     sing N N 414 
VAL C     O      doub N N 415 
VAL C     OXT    sing N N 416 
VAL CB    CG1    sing N N 417 
VAL CB    CG2    sing N N 418 
VAL CB    HB     sing N N 419 
VAL CG1   HG11   sing N N 420 
VAL CG1   HG12   sing N N 421 
VAL CG1   HG13   sing N N 422 
VAL CG2   HG21   sing N N 423 
VAL CG2   HG22   sing N N 424 
VAL CG2   HG23   sing N N 425 
VAL OXT   HXT    sing N N 426 
# 
_pdbx_initial_refinement_model.accession_code   ? 
_pdbx_initial_refinement_model.id               1 
_pdbx_initial_refinement_model.entity_id_list   ? 
_pdbx_initial_refinement_model.type             'experimental model' 
_pdbx_initial_refinement_model.source_name      Other 
_pdbx_initial_refinement_model.details          'Polyalanine Rab3A GTPase' 
# 
_atom_sites.entry_id                    1YZN 
_atom_sites.fract_transf_matrix[1][1]   -0.01350292 
_atom_sites.fract_transf_matrix[1][2]   -0.02087666 
_atom_sites.fract_transf_matrix[1][3]   0.00624007 
_atom_sites.fract_transf_matrix[2][1]   -0.01140637 
_atom_sites.fract_transf_matrix[2][2]   0.01001836 
_atom_sites.fract_transf_matrix[2][3]   0.00883495 
_atom_sites.fract_transf_matrix[3][1]   -0.00734032 
_atom_sites.fract_transf_matrix[3][2]   0.00143029 
_atom_sites.fract_transf_matrix[3][3]   -0.01109859 
_atom_sites.fract_transf_vector[1]      0.402304 
_atom_sites.fract_transf_vector[2]      0.439070 
_atom_sites.fract_transf_vector[3]      0.106064 
# 
loop_
_atom_type.symbol 
C  
MG 
N  
O  
P  
S  
# 
loop_
_atom_site.group_PDB 
_atom_site.id 
_atom_site.type_symbol 
_atom_site.label_atom_id 
_atom_site.label_alt_id 
_atom_site.label_comp_id 
_atom_site.label_asym_id 
_atom_site.label_entity_id 
_atom_site.label_seq_id 
_atom_site.pdbx_PDB_ins_code 
_atom_site.Cartn_x 
_atom_site.Cartn_y 
_atom_site.Cartn_z 
_atom_site.occupancy 
_atom_site.B_iso_or_equiv 
_atom_site.pdbx_formal_charge 
_atom_site.auth_seq_id 
_atom_site.auth_comp_id 
_atom_site.auth_asym_id 
_atom_site.auth_atom_id 
_atom_site.pdbx_PDB_model_num 
ATOM   1    N  N     . HIS A 1 8   ? 16.817  -6.121  39.507  1.00 38.09 ? -5  HIS A N     1 
ATOM   2    C  CA    . HIS A 1 8   ? 15.714  -5.661  40.402  1.00 38.05 ? -5  HIS A CA    1 
ATOM   3    C  C     . HIS A 1 8   ? 15.046  -4.431  39.789  1.00 37.75 ? -5  HIS A C     1 
ATOM   4    O  O     . HIS A 1 8   ? 15.742  -3.535  39.330  1.00 37.82 ? -5  HIS A O     1 
ATOM   5    C  CB    . HIS A 1 8   ? 16.267  -5.347  41.799  1.00 38.25 ? -5  HIS A CB    1 
ATOM   6    C  CG    . HIS A 1 8   ? 16.991  -6.494  42.434  1.00 39.15 ? -5  HIS A CG    1 
ATOM   7    N  ND1   . HIS A 1 8   ? 16.415  -7.300  43.394  1.00 40.61 ? -5  HIS A ND1   1 
ATOM   8    C  CD2   . HIS A 1 8   ? 18.244  -6.975  42.244  1.00 39.89 ? -5  HIS A CD2   1 
ATOM   9    C  CE1   . HIS A 1 8   ? 17.281  -8.226  43.769  1.00 40.54 ? -5  HIS A CE1   1 
ATOM   10   N  NE2   . HIS A 1 8   ? 18.398  -8.051  43.085  1.00 40.29 ? -5  HIS A NE2   1 
ATOM   11   N  N     . GLY A 1 9   ? 13.714  -4.355  39.795  1.00 37.58 ? -4  GLY A N     1 
ATOM   12   C  CA    . GLY A 1 9   ? 12.855  -5.272  40.524  1.00 37.20 ? -4  GLY A CA    1 
ATOM   13   C  C     . GLY A 1 9   ? 11.619  -5.818  39.830  1.00 36.86 ? -4  GLY A C     1 
ATOM   14   O  O     . GLY A 1 9   ? 11.308  -6.992  40.000  1.00 36.80 ? -4  GLY A O     1 
ATOM   15   N  N     . SER A 1 10  ? 10.915  -4.995  39.052  1.00 36.49 ? -3  SER A N     1 
ATOM   16   C  CA    . SER A 1 10  ? 9.594   -5.395  38.527  1.00 36.28 ? -3  SER A CA    1 
ATOM   17   C  C     . SER A 1 10  ? 9.535   -5.806  37.042  1.00 36.51 ? -3  SER A C     1 
ATOM   18   O  O     . SER A 1 10  ? 9.652   -4.962  36.146  1.00 36.39 ? -3  SER A O     1 
ATOM   19   C  CB    . SER A 1 10  ? 8.551   -4.314  38.824  1.00 36.24 ? -3  SER A CB    1 
ATOM   20   O  OG    . SER A 1 10  ? 7.315   -4.603  38.203  1.00 35.25 ? -3  SER A OG    1 
ATOM   21   N  N     . LEU A 1 11  ? 9.326   -7.104  36.801  1.00 36.55 ? -2  LEU A N     1 
ATOM   22   C  CA    . LEU A 1 11  ? 9.230   -7.671  35.443  1.00 36.72 ? -2  LEU A CA    1 
ATOM   23   C  C     . LEU A 1 11  ? 8.085   -7.067  34.636  1.00 36.98 ? -2  LEU A C     1 
ATOM   24   O  O     . LEU A 1 11  ? 6.947   -6.992  35.110  1.00 37.28 ? -2  LEU A O     1 
ATOM   25   C  CB    . LEU A 1 11  ? 9.069   -9.199  35.495  1.00 36.70 ? -2  LEU A CB    1 
ATOM   26   C  CG    . LEU A 1 11  ? 8.816   -9.975  34.187  1.00 36.57 ? -2  LEU A CG    1 
ATOM   27   C  CD1   . LEU A 1 11  ? 10.106  -10.210 33.409  1.00 36.17 ? -2  LEU A CD1   1 
ATOM   28   C  CD2   . LEU A 1 11  ? 8.113   -11.294 34.459  1.00 36.40 ? -2  LEU A CD2   1 
ATOM   29   N  N     . VAL A 1 12  ? 8.401   -6.617  33.426  1.00 37.18 ? -1  VAL A N     1 
ATOM   30   C  CA    . VAL A 1 12  ? 7.380   -6.234  32.461  1.00 37.41 ? -1  VAL A CA    1 
ATOM   31   C  C     . VAL A 1 12  ? 7.411   -7.279  31.350  1.00 37.95 ? -1  VAL A C     1 
ATOM   32   O  O     . VAL A 1 12  ? 8.337   -7.287  30.526  1.00 37.73 ? -1  VAL A O     1 
ATOM   33   C  CB    . VAL A 1 12  ? 7.593   -4.805  31.897  1.00 37.50 ? -1  VAL A CB    1 
ATOM   34   C  CG1   . VAL A 1 12  ? 6.552   -4.482  30.818  1.00 37.34 ? -1  VAL A CG1   1 
ATOM   35   C  CG2   . VAL A 1 12  ? 7.523   -3.777  33.008  1.00 37.05 ? -1  VAL A CG2   1 
ATOM   36   N  N     . PRO A 1 13  ? 6.412   -8.184  31.336  1.00 38.38 ? 0   PRO A N     1 
ATOM   37   C  CA    . PRO A 1 13  ? 6.408   -9.263  30.354  1.00 38.76 ? 0   PRO A CA    1 
ATOM   38   C  C     . PRO A 1 13  ? 6.342   -8.697  28.938  1.00 39.11 ? 0   PRO A C     1 
ATOM   39   O  O     . PRO A 1 13  ? 5.418   -7.939  28.605  1.00 39.33 ? 0   PRO A O     1 
ATOM   40   C  CB    . PRO A 1 13  ? 5.149   -10.071 30.706  1.00 38.96 ? 0   PRO A CB    1 
ATOM   41   C  CG    . PRO A 1 13  ? 4.304   -9.158  31.513  1.00 38.52 ? 0   PRO A CG    1 
ATOM   42   C  CD    . PRO A 1 13  ? 5.243   -8.244  32.231  1.00 38.50 ? 0   PRO A CD    1 
ATOM   43   N  N     . ARG A 1 14  ? 7.345   -9.038  28.133  1.00 39.07 ? 1   ARG A N     1 
ATOM   44   C  CA    . ARG A 1 14  ? 7.455   -8.525  26.772  1.00 39.24 ? 1   ARG A CA    1 
ATOM   45   C  C     . ARG A 1 14  ? 7.792   -9.640  25.791  1.00 39.38 ? 1   ARG A C     1 
ATOM   46   O  O     . ARG A 1 14  ? 8.391   -10.657 26.165  1.00 39.50 ? 1   ARG A O     1 
ATOM   47   C  CB    . ARG A 1 14  ? 8.505   -7.405  26.698  1.00 39.18 ? 1   ARG A CB    1 
ATOM   48   C  CG    . ARG A 1 14  ? 9.919   -7.827  27.097  1.00 39.04 ? 1   ARG A CG    1 
ATOM   49   C  CD    . ARG A 1 14  ? 10.965  -6.908  26.493  1.00 39.23 ? 1   ARG A CD    1 
ATOM   50   N  NE    . ARG A 1 14  ? 10.945  -6.945  25.032  1.00 38.79 ? 1   ARG A NE    1 
ATOM   51   C  CZ    . ARG A 1 14  ? 11.516  -6.041  24.239  1.00 39.98 ? 1   ARG A CZ    1 
ATOM   52   N  NH1   . ARG A 1 14  ? 12.166  -4.998  24.749  1.00 39.06 ? 1   ARG A NH1   1 
ATOM   53   N  NH2   . ARG A 1 14  ? 11.432  -6.181  22.920  1.00 39.69 ? 1   ARG A NH2   1 
ATOM   54   N  N     . GLY A 1 15  ? 7.395   -9.447  24.536  1.00 39.49 ? 2   GLY A N     1 
ATOM   55   C  CA    . GLY A 1 15  ? 7.757   -10.367 23.464  1.00 39.24 ? 2   GLY A CA    1 
ATOM   56   C  C     . GLY A 1 15  ? 8.866   -9.813  22.588  1.00 39.14 ? 2   GLY A C     1 
ATOM   57   O  O     . GLY A 1 15  ? 9.520   -8.826  22.944  1.00 39.40 ? 2   GLY A O     1 
ATOM   58   N  N     . SER A 1 16  ? 9.069   -10.455 21.438  1.00 38.63 ? 3   SER A N     1 
ATOM   59   C  CA    . SER A 1 16  ? 10.073  -10.043 20.465  1.00 37.95 ? 3   SER A CA    1 
ATOM   60   C  C     . SER A 1 16  ? 9.751   -8.695  19.823  1.00 37.52 ? 3   SER A C     1 
ATOM   61   O  O     . SER A 1 16  ? 8.609   -8.219  19.871  1.00 37.05 ? 3   SER A O     1 
ATOM   62   C  CB    . SER A 1 16  ? 10.234  -11.116 19.397  1.00 38.05 ? 3   SER A CB    1 
ATOM   63   N  N     . GLU A 1 17  ? 10.774  -8.094  19.219  1.00 37.03 ? 4   GLU A N     1 
ATOM   64   C  CA    . GLU A 1 17  ? 10.654  -6.808  18.523  1.00 36.66 ? 4   GLU A CA    1 
ATOM   65   C  C     . GLU A 1 17  ? 9.703   -6.865  17.336  1.00 36.43 ? 4   GLU A C     1 
ATOM   66   O  O     . GLU A 1 17  ? 9.114   -5.850  16.952  1.00 36.32 ? 4   GLU A O     1 
ATOM   67   C  CB    . GLU A 1 17  ? 12.029  -6.343  18.031  1.00 36.42 ? 4   GLU A CB    1 
ATOM   68   C  CG    . GLU A 1 17  ? 13.012  -6.014  19.136  1.00 35.81 ? 4   GLU A CG    1 
ATOM   69   C  CD    . GLU A 1 17  ? 12.586  -4.830  19.982  1.00 34.20 ? 4   GLU A CD    1 
ATOM   70   O  OE1   . GLU A 1 17  ? 11.842  -3.953  19.494  1.00 33.31 ? 4   GLU A OE1   1 
ATOM   71   O  OE2   . GLU A 1 17  ? 13.002  -4.780  21.151  1.00 35.63 ? 4   GLU A OE2   1 
ATOM   72   N  N     . TYR A 1 18  ? 9.566   -8.056  16.762  1.00 36.16 ? 5   TYR A N     1 
ATOM   73   C  CA    . TYR A 1 18  ? 8.806   -8.239  15.533  1.00 36.14 ? 5   TYR A CA    1 
ATOM   74   C  C     . TYR A 1 18  ? 7.493   -8.993  15.742  1.00 35.78 ? 5   TYR A C     1 
ATOM   75   O  O     . TYR A 1 18  ? 6.849   -9.417  14.778  1.00 35.42 ? 5   TYR A O     1 
ATOM   76   C  CB    . TYR A 1 18  ? 9.701   -8.880  14.460  1.00 36.41 ? 5   TYR A CB    1 
ATOM   77   C  CG    . TYR A 1 18  ? 10.865  -7.978  14.107  1.00 37.02 ? 5   TYR A CG    1 
ATOM   78   C  CD1   . TYR A 1 18  ? 12.052  -8.019  14.846  1.00 37.29 ? 5   TYR A CD1   1 
ATOM   79   C  CD2   . TYR A 1 18  ? 10.762  -7.044  13.068  1.00 37.21 ? 5   TYR A CD2   1 
ATOM   80   C  CE1   . TYR A 1 18  ? 13.111  -7.174  14.547  1.00 38.03 ? 5   TYR A CE1   1 
ATOM   81   C  CE2   . TYR A 1 18  ? 11.820  -6.194  12.758  1.00 37.24 ? 5   TYR A CE2   1 
ATOM   82   C  CZ    . TYR A 1 18  ? 12.988  -6.266  13.501  1.00 37.70 ? 5   TYR A CZ    1 
ATOM   83   O  OH    . TYR A 1 18  ? 14.040  -5.433  13.202  1.00 38.47 ? 5   TYR A OH    1 
ATOM   84   N  N     . ASP A 1 19  ? 7.100   -9.122  17.011  1.00 35.52 ? 6   ASP A N     1 
ATOM   85   C  CA    . ASP A 1 19  ? 5.780   -9.637  17.388  1.00 35.55 ? 6   ASP A CA    1 
ATOM   86   C  C     . ASP A 1 19  ? 4.682   -8.649  16.989  1.00 35.06 ? 6   ASP A C     1 
ATOM   87   O  O     . ASP A 1 19  ? 4.704   -7.479  17.393  1.00 34.99 ? 6   ASP A O     1 
ATOM   88   C  CB    . ASP A 1 19  ? 5.719   -9.924  18.895  1.00 35.83 ? 6   ASP A CB    1 
ATOM   89   C  CG    . ASP A 1 19  ? 6.506   -11.173 19.293  1.00 37.38 ? 6   ASP A CG    1 
ATOM   90   O  OD1   . ASP A 1 19  ? 6.957   -11.922 18.393  1.00 39.04 ? 6   ASP A OD1   1 
ATOM   91   O  OD2   . ASP A 1 19  ? 6.668   -11.410 20.513  1.00 38.57 ? 6   ASP A OD2   1 
ATOM   92   N  N     . TYR A 1 20  ? 3.734   -9.131  16.187  1.00 34.47 ? 7   TYR A N     1 
ATOM   93   C  CA    . TYR A 1 20  ? 2.646   -8.316  15.622  1.00 33.90 ? 7   TYR A CA    1 
ATOM   94   C  C     . TYR A 1 20  ? 3.113   -7.054  14.887  1.00 32.87 ? 7   TYR A C     1 
ATOM   95   O  O     . TYR A 1 20  ? 2.455   -6.006  14.940  1.00 33.19 ? 7   TYR A O     1 
ATOM   96   C  CB    . TYR A 1 20  ? 1.580   -7.994  16.680  1.00 34.65 ? 7   TYR A CB    1 
ATOM   97   C  CG    . TYR A 1 20  ? 0.864   -9.230  17.157  1.00 35.63 ? 7   TYR A CG    1 
ATOM   98   C  CD1   . TYR A 1 20  ? 1.205   -9.831  18.367  1.00 36.34 ? 7   TYR A CD1   1 
ATOM   99   C  CD2   . TYR A 1 20  ? -0.132  -9.825  16.377  1.00 35.96 ? 7   TYR A CD2   1 
ATOM   100  C  CE1   . TYR A 1 20  ? 0.555   -10.988 18.803  1.00 37.37 ? 7   TYR A CE1   1 
ATOM   101  C  CE2   . TYR A 1 20  ? -0.786  -10.974 16.800  1.00 36.94 ? 7   TYR A CE2   1 
ATOM   102  C  CZ    . TYR A 1 20  ? -0.438  -11.552 18.013  1.00 36.61 ? 7   TYR A CZ    1 
ATOM   103  O  OH    . TYR A 1 20  ? -1.085  -12.694 18.431  1.00 36.94 ? 7   TYR A OH    1 
ATOM   104  N  N     . LEU A 1 21  ? 4.254   -7.171  14.213  1.00 31.05 ? 8   LEU A N     1 
ATOM   105  C  CA    . LEU A 1 21  ? 4.709   -6.152  13.288  1.00 29.38 ? 8   LEU A CA    1 
ATOM   106  C  C     . LEU A 1 21  ? 4.460   -6.637  11.863  1.00 28.03 ? 8   LEU A C     1 
ATOM   107  O  O     . LEU A 1 21  ? 5.099   -7.586  11.398  1.00 27.72 ? 8   LEU A O     1 
ATOM   108  C  CB    . LEU A 1 21  ? 6.190   -5.825  13.485  1.00 29.54 ? 8   LEU A CB    1 
ATOM   109  C  CG    . LEU A 1 21  ? 6.649   -4.661  12.600  1.00 29.58 ? 8   LEU A CG    1 
ATOM   110  C  CD1   . LEU A 1 21  ? 6.902   -3.403  13.421  1.00 30.37 ? 8   LEU A CD1   1 
ATOM   111  C  CD2   . LEU A 1 21  ? 7.882   -5.042  11.837  1.00 29.84 ? 8   LEU A CD2   1 
ATOM   112  N  N     . PHE A 1 22  ? 3.529   -5.970  11.185  1.00 26.11 ? 9   PHE A N     1 
ATOM   113  C  CA    . PHE A 1 22  ? 3.146   -6.319  9.829   1.00 24.45 ? 9   PHE A CA    1 
ATOM   114  C  C     . PHE A 1 22  ? 3.903   -5.443  8.837   1.00 23.30 ? 9   PHE A C     1 
ATOM   115  O  O     . PHE A 1 22  ? 3.991   -4.225  9.010   1.00 22.84 ? 9   PHE A O     1 
ATOM   116  C  CB    . PHE A 1 22  ? 1.631   -6.161  9.631   1.00 24.91 ? 9   PHE A CB    1 
ATOM   117  C  CG    . PHE A 1 22  ? 0.784   -7.060  10.515  1.00 25.58 ? 9   PHE A CG    1 
ATOM   118  C  CD1   . PHE A 1 22  ? -0.554  -6.749  10.749  1.00 26.21 ? 9   PHE A CD1   1 
ATOM   119  C  CD2   . PHE A 1 22  ? 1.313   -8.205  11.114  1.00 27.01 ? 9   PHE A CD2   1 
ATOM   120  C  CE1   . PHE A 1 22  ? -1.363  -7.562  11.556  1.00 26.57 ? 9   PHE A CE1   1 
ATOM   121  C  CE2   . PHE A 1 22  ? 0.514   -9.017  11.937  1.00 27.39 ? 9   PHE A CE2   1 
ATOM   122  C  CZ    . PHE A 1 22  ? -0.826  -8.692  12.150  1.00 25.96 ? 9   PHE A CZ    1 
ATOM   123  N  N     . LYS A 1 23  ? 4.464   -6.068  7.809   1.00 21.63 ? 10  LYS A N     1 
ATOM   124  C  CA    . LYS A 1 23  ? 5.259   -5.353  6.818   1.00 20.83 ? 10  LYS A CA    1 
ATOM   125  C  C     . LYS A 1 23  ? 4.489   -5.193  5.519   1.00 19.99 ? 10  LYS A C     1 
ATOM   126  O  O     . LYS A 1 23  ? 4.143   -6.177  4.869   1.00 19.83 ? 10  LYS A O     1 
ATOM   127  C  CB    . LYS A 1 23  ? 6.615   -6.041  6.605   1.00 20.85 ? 10  LYS A CB    1 
ATOM   128  C  CG    . LYS A 1 23  ? 7.416   -6.150  7.896   1.00 20.85 ? 10  LYS A CG    1 
ATOM   129  C  CD    . LYS A 1 23  ? 8.684   -6.926  7.717   1.00 22.16 ? 10  LYS A CD    1 
ATOM   130  C  CE    . LYS A 1 23  ? 9.309   -7.226  9.060   1.00 24.58 ? 10  LYS A CE    1 
ATOM   131  N  NZ    . LYS A 1 23  ? 10.328  -8.298  8.940   1.00 26.17 ? 10  LYS A NZ    1 
ATOM   132  N  N     . LEU A 1 24  ? 4.215   -3.939  5.169   1.00 19.40 ? 11  LEU A N     1 
ATOM   133  C  CA    . LEU A 1 24  ? 3.414   -3.593  3.991   1.00 18.92 ? 11  LEU A CA    1 
ATOM   134  C  C     . LEU A 1 24  ? 4.271   -2.857  2.982   1.00 18.40 ? 11  LEU A C     1 
ATOM   135  O  O     . LEU A 1 24  ? 5.066   -1.993  3.355   1.00 18.17 ? 11  LEU A O     1 
ATOM   136  C  CB    . LEU A 1 24  ? 2.206   -2.717  4.368   1.00 18.98 ? 11  LEU A CB    1 
ATOM   137  C  CG    . LEU A 1 24  ? 1.232   -3.180  5.459   1.00 20.06 ? 11  LEU A CG    1 
ATOM   138  C  CD1   . LEU A 1 24  ? -0.065  -2.385  5.398   1.00 19.94 ? 11  LEU A CD1   1 
ATOM   139  C  CD2   . LEU A 1 24  ? 0.954   -4.642  5.278   1.00 23.37 ? 11  LEU A CD2   1 
ATOM   140  N  N     . LEU A 1 25  ? 4.097   -3.198  1.709   1.00 17.68 ? 12  LEU A N     1 
ATOM   141  C  CA    . LEU A 1 25  ? 4.846   -2.568  0.632   1.00 17.43 ? 12  LEU A CA    1 
ATOM   142  C  C     . LEU A 1 25  ? 3.901   -1.828  -0.311  1.00 17.79 ? 12  LEU A C     1 
ATOM   143  O  O     . LEU A 1 25  ? 2.910   -2.400  -0.774  1.00 18.33 ? 12  LEU A O     1 
ATOM   144  C  CB    . LEU A 1 25  ? 5.655   -3.626  -0.126  1.00 17.17 ? 12  LEU A CB    1 
ATOM   145  C  CG    . LEU A 1 25  ? 6.669   -3.211  -1.192  1.00 16.93 ? 12  LEU A CG    1 
ATOM   146  C  CD1   . LEU A 1 25  ? 7.846   -2.442  -0.600  1.00 16.82 ? 12  LEU A CD1   1 
ATOM   147  C  CD2   . LEU A 1 25  ? 7.145   -4.453  -1.902  1.00 16.77 ? 12  LEU A CD2   1 
ATOM   148  N  N     . LEU A 1 26  ? 4.201   -0.553  -0.572  1.00 17.74 ? 13  LEU A N     1 
ATOM   149  C  CA    . LEU A 1 26  ? 3.445   0.241   -1.541  1.00 17.82 ? 13  LEU A CA    1 
ATOM   150  C  C     . LEU A 1 26  ? 4.221   0.282   -2.854  1.00 17.48 ? 13  LEU A C     1 
ATOM   151  O  O     . LEU A 1 26  ? 5.368   0.726   -2.886  1.00 17.81 ? 13  LEU A O     1 
ATOM   152  C  CB    . LEU A 1 26  ? 3.225   1.676   -1.049  1.00 17.96 ? 13  LEU A CB    1 
ATOM   153  C  CG    . LEU A 1 26  ? 2.398   2.012   0.194   1.00 18.20 ? 13  LEU A CG    1 
ATOM   154  C  CD1   . LEU A 1 26  ? 2.731   3.422   0.628   1.00 16.32 ? 13  LEU A CD1   1 
ATOM   155  C  CD2   . LEU A 1 26  ? 0.911   1.882   -0.094  1.00 19.36 ? 13  LEU A CD2   1 
ATOM   156  N  N     . ILE A 1 27  ? 3.594   -0.180  -3.927  1.00 16.76 ? 14  ILE A N     1 
ATOM   157  C  CA    . ILE A 1 27  ? 4.204   -0.139  -5.253  1.00 16.37 ? 14  ILE A CA    1 
ATOM   158  C  C     . ILE A 1 27  ? 3.234   0.455   -6.269  1.00 16.18 ? 14  ILE A C     1 
ATOM   159  O  O     . ILE A 1 27  ? 2.026   0.434   -6.067  1.00 16.34 ? 14  ILE A O     1 
ATOM   160  C  CB    . ILE A 1 27  ? 4.712   -1.536  -5.705  1.00 16.69 ? 14  ILE A CB    1 
ATOM   161  C  CG1   . ILE A 1 27  ? 3.541   -2.505  -5.960  1.00 16.57 ? 14  ILE A CG1   1 
ATOM   162  C  CG2   . ILE A 1 27  ? 5.748   -2.089  -4.678  1.00 15.78 ? 14  ILE A CG2   1 
ATOM   163  C  CD1   . ILE A 1 27  ? 3.950   -3.854  -6.578  1.00 16.36 ? 14  ILE A CD1   1 
ATOM   164  N  N     . GLY A 1 28  ? 3.770   1.008   -7.349  1.00 16.29 ? 15  GLY A N     1 
ATOM   165  C  CA    . GLY A 1 28  ? 2.955   1.668   -8.366  1.00 16.21 ? 15  GLY A CA    1 
ATOM   166  C  C     . GLY A 1 28  ? 3.763   2.697   -9.132  1.00 16.08 ? 15  GLY A C     1 
ATOM   167  O  O     . GLY A 1 28  ? 4.831   3.110   -8.687  1.00 15.76 ? 15  GLY A O     1 
ATOM   168  N  N     . ASN A 1 29  ? 3.251   3.104   -10.291 1.00 16.15 ? 16  ASN A N     1 
ATOM   169  C  CA    . ASN A 1 29  ? 3.920   4.090   -11.145 1.00 15.98 ? 16  ASN A CA    1 
ATOM   170  C  C     . ASN A 1 29  ? 4.196   5.388   -10.387 1.00 15.86 ? 16  ASN A C     1 
ATOM   171  O  O     . ASN A 1 29  ? 3.562   5.667   -9.368  1.00 15.65 ? 16  ASN A O     1 
ATOM   172  C  CB    . ASN A 1 29  ? 3.079   4.369   -12.403 1.00 15.80 ? 16  ASN A CB    1 
ATOM   173  C  CG    . ASN A 1 29  ? 3.137   3.236   -13.427 1.00 16.54 ? 16  ASN A CG    1 
ATOM   174  O  OD1   . ASN A 1 29  ? 2.747   3.407   -14.588 1.00 17.49 ? 16  ASN A OD1   1 
ATOM   175  N  ND2   . ASN A 1 29  ? 3.608   2.079   -13.006 1.00 13.93 ? 16  ASN A ND2   1 
ATOM   176  N  N     . SER A 1 30  ? 5.150   6.176   -10.871 1.00 15.87 ? 17  SER A N     1 
ATOM   177  C  CA    . SER A 1 30  ? 5.375   7.508   -10.318 1.00 15.84 ? 17  SER A CA    1 
ATOM   178  C  C     . SER A 1 30  ? 4.133   8.391   -10.473 1.00 15.52 ? 17  SER A C     1 
ATOM   179  O  O     . SER A 1 30  ? 3.506   8.395   -11.534 1.00 16.13 ? 17  SER A O     1 
ATOM   180  C  CB    . SER A 1 30  ? 6.566   8.180   -10.997 1.00 15.61 ? 17  SER A CB    1 
ATOM   181  O  OG    . SER A 1 30  ? 6.819   9.442   -10.406 1.00 16.11 ? 17  SER A OG    1 
ATOM   182  N  N     . GLY A 1 31  ? 3.786   9.115   -9.414  1.00 14.87 ? 18  GLY A N     1 
ATOM   183  C  CA    . GLY A 1 31  ? 2.730   10.127  -9.464  1.00 15.46 ? 18  GLY A CA    1 
ATOM   184  C  C     . GLY A 1 31  ? 1.335   9.681   -9.063  1.00 15.37 ? 18  GLY A C     1 
ATOM   185  O  O     . GLY A 1 31  ? 0.413   10.492  -9.020  1.00 15.67 ? 18  GLY A O     1 
ATOM   186  N  N     . VAL A 1 32  ? 1.179   8.396   -8.759  1.00 15.14 ? 19  VAL A N     1 
ATOM   187  C  CA    . VAL A 1 32  ? -0.142  7.821   -8.480  1.00 14.75 ? 19  VAL A CA    1 
ATOM   188  C  C     . VAL A 1 32  ? -0.662  8.215   -7.097  1.00 14.92 ? 19  VAL A C     1 
ATOM   189  O  O     . VAL A 1 32  ? -1.875  8.187   -6.839  1.00 15.17 ? 19  VAL A O     1 
ATOM   190  C  CB    . VAL A 1 32  ? -0.150  6.272   -8.683  1.00 15.07 ? 19  VAL A CB    1 
ATOM   191  C  CG1   . VAL A 1 32  ? 0.253   5.917   -10.109 1.00 13.98 ? 19  VAL A CG1   1 
ATOM   192  C  CG2   . VAL A 1 32  ? 0.782   5.561   -7.695  1.00 13.32 ? 19  VAL A CG2   1 
ATOM   193  N  N     . GLY A 1 33  ? 0.262   8.587   -6.212  1.00 14.64 ? 20  GLY A N     1 
ATOM   194  C  CA    . GLY A 1 33  ? -0.083  9.011   -4.864  1.00 14.39 ? 20  GLY A CA    1 
ATOM   195  C  C     . GLY A 1 33  ? 0.330   8.089   -3.731  1.00 14.44 ? 20  GLY A C     1 
ATOM   196  O  O     . GLY A 1 33  ? -0.239  8.177   -2.649  1.00 14.24 ? 20  GLY A O     1 
ATOM   197  N  N     . LYS A 1 34  ? 1.326   7.227   -3.960  1.00 14.71 ? 21  LYS A N     1 
ATOM   198  C  CA    . LYS A 1 34  ? 1.785   6.302   -2.903  1.00 14.96 ? 21  LYS A CA    1 
ATOM   199  C  C     . LYS A 1 34  ? 2.223   7.048   -1.642  1.00 15.11 ? 21  LYS A C     1 
ATOM   200  O  O     . LYS A 1 34  ? 1.778   6.721   -0.536  1.00 15.02 ? 21  LYS A O     1 
ATOM   201  C  CB    . LYS A 1 34  ? 2.904   5.372   -3.398  1.00 14.68 ? 21  LYS A CB    1 
ATOM   202  C  CG    . LYS A 1 34  ? 2.559   4.572   -4.649  1.00 15.72 ? 21  LYS A CG    1 
ATOM   203  C  CD    . LYS A 1 34  ? 3.719   3.673   -5.089  1.00 14.91 ? 21  LYS A CD    1 
ATOM   204  C  CE    . LYS A 1 34  ? 4.973   4.484   -5.455  1.00 16.19 ? 21  LYS A CE    1 
ATOM   205  N  NZ    . LYS A 1 34  ? 4.766   5.360   -6.650  1.00 16.77 ? 21  LYS A NZ    1 
ATOM   206  N  N     . SER A 1 35  ? 3.088   8.052   -1.813  1.00 15.25 ? 22  SER A N     1 
ATOM   207  C  CA    . SER A 1 35  ? 3.616   8.818   -0.681  1.00 15.68 ? 22  SER A CA    1 
ATOM   208  C  C     . SER A 1 35  ? 2.547   9.628   0.029   1.00 15.97 ? 22  SER A C     1 
ATOM   209  O  O     . SER A 1 35  ? 2.524   9.667   1.254   1.00 16.29 ? 22  SER A O     1 
ATOM   210  C  CB    . SER A 1 35  ? 4.764   9.739   -1.109  1.00 15.90 ? 22  SER A CB    1 
ATOM   211  O  OG    . SER A 1 35  ? 5.845   8.995   -1.656  1.00 15.15 ? 22  SER A OG    1 
ATOM   212  N  N     . CYS A 1 36  ? 1.658   10.267  -0.733  1.00 16.27 ? 23  CYS A N     1 
ATOM   213  C  CA    . CYS A 1 36  ? 0.543   11.000  -0.118  1.00 16.46 ? 23  CYS A CA    1 
ATOM   214  C  C     . CYS A 1 36  ? -0.446  10.090  0.628   1.00 16.65 ? 23  CYS A C     1 
ATOM   215  O  O     . CYS A 1 36  ? -1.002  10.487  1.656   1.00 15.89 ? 23  CYS A O     1 
ATOM   216  C  CB    . CYS A 1 36  ? -0.184  11.870  -1.147  1.00 16.73 ? 23  CYS A CB    1 
ATOM   217  S  SG    . CYS A 1 36  ? 0.750   13.332  -1.645  1.00 17.49 ? 23  CYS A SG    1 
ATOM   218  N  N     . LEU A 1 37  ? -0.652  8.865   0.132   1.00 16.86 ? 24  LEU A N     1 
ATOM   219  C  CA    . LEU A 1 37  ? -1.487  7.900   0.864   1.00 17.23 ? 24  LEU A CA    1 
ATOM   220  C  C     . LEU A 1 37  ? -0.879  7.532   2.205   1.00 17.79 ? 24  LEU A C     1 
ATOM   221  O  O     . LEU A 1 37  ? -1.586  7.448   3.213   1.00 18.01 ? 24  LEU A O     1 
ATOM   222  C  CB    . LEU A 1 37  ? -1.725  6.624   0.050   1.00 16.97 ? 24  LEU A CB    1 
ATOM   223  C  CG    . LEU A 1 37  ? -2.730  6.714   -1.091  1.00 16.89 ? 24  LEU A CG    1 
ATOM   224  C  CD1   . LEU A 1 37  ? -2.537  5.549   -2.059  1.00 16.43 ? 24  LEU A CD1   1 
ATOM   225  C  CD2   . LEU A 1 37  ? -4.146  6.750   -0.538  1.00 18.50 ? 24  LEU A CD2   1 
ATOM   226  N  N     . LEU A 1 38  ? 0.427   7.292   2.208   1.00 18.52 ? 25  LEU A N     1 
ATOM   227  C  CA    . LEU A 1 38  ? 1.133   6.939   3.435   1.00 19.58 ? 25  LEU A CA    1 
ATOM   228  C  C     . LEU A 1 38  ? 1.106   8.114   4.419   1.00 20.24 ? 25  LEU A C     1 
ATOM   229  O  O     . LEU A 1 38  ? 0.847   7.923   5.601   1.00 20.67 ? 25  LEU A O     1 
ATOM   230  C  CB    . LEU A 1 38  ? 2.576   6.535   3.129   1.00 19.19 ? 25  LEU A CB    1 
ATOM   231  C  CG    . LEU A 1 38  ? 3.308   5.452   3.942   1.00 20.22 ? 25  LEU A CG    1 
ATOM   232  C  CD1   . LEU A 1 38  ? 4.819   5.680   3.865   1.00 18.44 ? 25  LEU A CD1   1 
ATOM   233  C  CD2   . LEU A 1 38  ? 2.847   5.304   5.407   1.00 17.92 ? 25  LEU A CD2   1 
ATOM   234  N  N     . LEU A 1 39  ? 1.366   9.318   3.919   1.00 21.33 ? 26  LEU A N     1 
ATOM   235  C  CA    . LEU A 1 39  ? 1.351   10.538  4.740   1.00 22.66 ? 26  LEU A CA    1 
ATOM   236  C  C     . LEU A 1 39  ? -0.029  10.882  5.307   1.00 23.04 ? 26  LEU A C     1 
ATOM   237  O  O     . LEU A 1 39  ? -0.153  11.296  6.465   1.00 23.18 ? 26  LEU A O     1 
ATOM   238  C  CB    . LEU A 1 39  ? 1.923   11.714  3.950   1.00 23.11 ? 26  LEU A CB    1 
ATOM   239  C  CG    . LEU A 1 39  ? 3.447   11.862  4.056   1.00 25.45 ? 26  LEU A CG    1 
ATOM   240  C  CD1   . LEU A 1 39  ? 4.062   12.368  2.753   1.00 27.89 ? 26  LEU A CD1   1 
ATOM   241  C  CD2   . LEU A 1 39  ? 3.815   12.785  5.210   1.00 27.02 ? 26  LEU A CD2   1 
ATOM   242  N  N     . ARG A 1 40  ? -1.065  10.694  4.498   1.00 23.81 ? 27  ARG A N     1 
ATOM   243  C  CA    . ARG A 1 40  ? -2.442  10.813  4.970   1.00 24.40 ? 27  ARG A CA    1 
ATOM   244  C  C     . ARG A 1 40  ? -2.705  9.821   6.109   1.00 24.66 ? 27  ARG A C     1 
ATOM   245  O  O     . ARG A 1 40  ? -3.201  10.200  7.176   1.00 24.48 ? 27  ARG A O     1 
ATOM   246  C  CB    . ARG A 1 40  ? -3.419  10.568  3.811   1.00 24.51 ? 27  ARG A CB    1 
ATOM   247  C  CG    . ARG A 1 40  ? -4.895  10.703  4.172   1.00 25.79 ? 27  ARG A CG    1 
ATOM   248  C  CD    . ARG A 1 40  ? -5.417  12.081  3.797   1.00 28.12 ? 27  ARG A CD    1 
ATOM   249  N  NE    . ARG A 1 40  ? -5.327  13.028  4.892   1.00 27.84 ? 27  ARG A NE    1 
ATOM   250  C  CZ    . ARG A 1 40  ? -5.512  14.340  4.785   1.00 28.79 ? 27  ARG A CZ    1 
ATOM   251  N  NH1   . ARG A 1 40  ? -5.791  14.908  3.617   1.00 28.77 ? 27  ARG A NH1   1 
ATOM   252  N  NH2   . ARG A 1 40  ? -5.415  15.092  5.868   1.00 30.55 ? 27  ARG A NH2   1 
ATOM   253  N  N     . PHE A 1 41  ? -2.373  8.551   5.878   1.00 24.98 ? 28  PHE A N     1 
ATOM   254  C  CA    . PHE A 1 41  ? -2.622  7.495   6.863   1.00 25.27 ? 28  PHE A CA    1 
ATOM   255  C  C     . PHE A 1 41  ? -1.826  7.676   8.161   1.00 26.00 ? 28  PHE A C     1 
ATOM   256  O  O     . PHE A 1 41  ? -2.373  7.504   9.249   1.00 25.45 ? 28  PHE A O     1 
ATOM   257  C  CB    . PHE A 1 41  ? -2.362  6.106   6.261   1.00 24.75 ? 28  PHE A CB    1 
ATOM   258  C  CG    . PHE A 1 41  ? -2.680  4.959   7.200   1.00 24.21 ? 28  PHE A CG    1 
ATOM   259  C  CD1   . PHE A 1 41  ? -3.969  4.763   7.680   1.00 23.95 ? 28  PHE A CD1   1 
ATOM   260  C  CD2   . PHE A 1 41  ? -1.681  4.070   7.596   1.00 23.84 ? 28  PHE A CD2   1 
ATOM   261  C  CE1   . PHE A 1 41  ? -4.261  3.702   8.552   1.00 22.82 ? 28  PHE A CE1   1 
ATOM   262  C  CE2   . PHE A 1 41  ? -1.966  3.008   8.451   1.00 23.08 ? 28  PHE A CE2   1 
ATOM   263  C  CZ    . PHE A 1 41  ? -3.255  2.828   8.935   1.00 23.46 ? 28  PHE A CZ    1 
ATOM   264  N  N     . SER A 1 42  ? -0.545  8.019   8.043   1.00 26.95 ? 29  SER A N     1 
ATOM   265  C  CA    . SER A 1 42  ? 0.328   8.078   9.212   1.00 28.41 ? 29  SER A CA    1 
ATOM   266  C  C     . SER A 1 42  ? 0.236   9.407   9.966   1.00 29.01 ? 29  SER A C     1 
ATOM   267  O  O     . SER A 1 42  ? 0.204   9.418   11.199  1.00 29.02 ? 29  SER A O     1 
ATOM   268  C  CB    . SER A 1 42  ? 1.784   7.761   8.843   1.00 28.33 ? 29  SER A CB    1 
ATOM   269  O  OG    . SER A 1 42  ? 2.338   8.767   8.010   1.00 30.09 ? 29  SER A OG    1 
ATOM   270  N  N     . ASP A 1 43  ? 0.181   10.511  9.223   1.00 30.18 ? 30  ASP A N     1 
ATOM   271  C  CA    . ASP A 1 43  ? 0.250   11.858  9.808   1.00 31.26 ? 30  ASP A CA    1 
ATOM   272  C  C     . ASP A 1 43  ? -1.039  12.657  9.687   1.00 31.45 ? 30  ASP A C     1 
ATOM   273  O  O     . ASP A 1 43  ? -1.143  13.750  10.255  1.00 31.66 ? 30  ASP A O     1 
ATOM   274  C  CB    . ASP A 1 43  ? 1.391   12.663  9.165   1.00 31.59 ? 30  ASP A CB    1 
ATOM   275  C  CG    . ASP A 1 43  ? 2.758   12.149  9.555   1.00 33.04 ? 30  ASP A CG    1 
ATOM   276  O  OD1   . ASP A 1 43  ? 3.698   12.283  8.739   1.00 35.14 ? 30  ASP A OD1   1 
ATOM   277  O  OD2   . ASP A 1 43  ? 2.896   11.608  10.674  1.00 36.06 ? 30  ASP A OD2   1 
ATOM   278  N  N     . ASP A 1 44  ? -2.010  12.111  8.955   1.00 31.68 ? 31  ASP A N     1 
ATOM   279  C  CA    . ASP A 1 44  ? -3.233  12.827  8.600   1.00 31.90 ? 31  ASP A CA    1 
ATOM   280  C  C     . ASP A 1 44  ? -2.856  14.185  8.002   1.00 31.90 ? 31  ASP A C     1 
ATOM   281  O  O     . ASP A 1 44  ? -3.422  15.222  8.346   1.00 32.08 ? 31  ASP A O     1 
ATOM   282  C  CB    . ASP A 1 44  ? -4.168  12.956  9.813   1.00 32.29 ? 31  ASP A CB    1 
ATOM   283  C  CG    . ASP A 1 44  ? -5.550  13.462  9.442   1.00 32.94 ? 31  ASP A CG    1 
ATOM   284  O  OD1   . ASP A 1 44  ? -6.016  13.186  8.312   1.00 33.92 ? 31  ASP A OD1   1 
ATOM   285  O  OD2   . ASP A 1 44  ? -6.172  14.135  10.292  1.00 33.61 ? 31  ASP A OD2   1 
ATOM   286  N  N     . THR A 1 45  ? -1.865  14.155  7.115   1.00 31.45 ? 32  THR A N     1 
ATOM   287  C  CA    . THR A 1 45  ? -1.396  15.341  6.411   1.00 31.07 ? 32  THR A CA    1 
ATOM   288  C  C     . THR A 1 45  ? -1.334  15.077  4.898   1.00 30.39 ? 32  THR A C     1 
ATOM   289  O  O     . THR A 1 45  ? -1.352  13.922  4.461   1.00 29.71 ? 32  THR A O     1 
ATOM   290  C  CB    . THR A 1 45  ? -0.029  15.832  6.973   1.00 31.29 ? 32  THR A CB    1 
ATOM   291  O  OG1   . THR A 1 45  ? 0.127   17.227  6.696   1.00 33.44 ? 32  THR A OG1   1 
ATOM   292  C  CG2   . THR A 1 45  ? 1.138   15.060  6.382   1.00 30.53 ? 32  THR A CG2   1 
ATOM   293  N  N     . TYR A 1 46  ? -1.277  16.154  4.113   1.00 29.83 ? 33  TYR A N     1 
ATOM   294  C  CA    . TYR A 1 46  ? -1.283  16.064  2.652   1.00 29.17 ? 33  TYR A CA    1 
ATOM   295  C  C     . TYR A 1 46  ? -0.504  17.210  2.018   1.00 29.24 ? 33  TYR A C     1 
ATOM   296  O  O     . TYR A 1 46  ? -0.451  18.303  2.575   1.00 29.62 ? 33  TYR A O     1 
ATOM   297  C  CB    . TYR A 1 46  ? -2.723  16.074  2.131   1.00 28.51 ? 33  TYR A CB    1 
ATOM   298  C  CG    . TYR A 1 46  ? -2.839  16.025  0.625   1.00 28.11 ? 33  TYR A CG    1 
ATOM   299  C  CD1   . TYR A 1 46  ? -2.683  14.823  -0.063  1.00 26.57 ? 33  TYR A CD1   1 
ATOM   300  C  CD2   . TYR A 1 46  ? -3.104  17.180  -0.112  1.00 26.47 ? 33  TYR A CD2   1 
ATOM   301  C  CE1   . TYR A 1 46  ? -2.781  14.773  -1.443  1.00 26.96 ? 33  TYR A CE1   1 
ATOM   302  C  CE2   . TYR A 1 46  ? -3.202  17.140  -1.489  1.00 26.75 ? 33  TYR A CE2   1 
ATOM   303  C  CZ    . TYR A 1 46  ? -3.045  15.932  -2.148  1.00 27.18 ? 33  TYR A CZ    1 
ATOM   304  O  OH    . TYR A 1 46  ? -3.152  15.879  -3.512  1.00 27.29 ? 33  TYR A OH    1 
ATOM   305  N  N     . THR A 1 47  ? 0.086   16.956  0.848   1.00 29.13 ? 34  THR A N     1 
ATOM   306  C  CA    . THR A 1 47  ? 0.756   18.001  0.078   1.00 28.91 ? 34  THR A CA    1 
ATOM   307  C  C     . THR A 1 47  ? 0.384   17.973  -1.399  1.00 28.40 ? 34  THR A C     1 
ATOM   308  O  O     . THR A 1 47  ? 0.215   16.902  -1.996  1.00 27.96 ? 34  THR A O     1 
ATOM   309  C  CB    . THR A 1 47  ? 2.296   17.946  0.221   1.00 29.14 ? 34  THR A CB    1 
ATOM   310  O  OG1   . THR A 1 47  ? 2.873   19.047  -0.496  1.00 30.48 ? 34  THR A OG1   1 
ATOM   311  C  CG2   . THR A 1 47  ? 2.868   16.625  -0.323  1.00 29.50 ? 34  THR A CG2   1 
ATOM   312  N  N     . ASN A 1 48  ? 0.265   19.169  -1.974  1.00 27.72 ? 35  ASN A N     1 
ATOM   313  C  CA    . ASN A 1 48  ? 0.044   19.349  -3.405  1.00 27.10 ? 35  ASN A CA    1 
ATOM   314  C  C     . ASN A 1 48  ? 1.325   19.091  -4.189  1.00 26.86 ? 35  ASN A C     1 
ATOM   315  O  O     . ASN A 1 48  ? 1.287   18.837  -5.392  1.00 26.37 ? 35  ASN A O     1 
ATOM   316  C  CB    . ASN A 1 48  ? -0.475  20.761  -3.688  1.00 27.34 ? 35  ASN A CB    1 
ATOM   317  N  N     . ASP A 1 49  ? 2.456   19.162  -3.495  1.00 26.73 ? 36  ASP A N     1 
ATOM   318  C  CA    . ASP A 1 49  ? 3.763   18.951  -4.110  1.00 26.85 ? 36  ASP A CA    1 
ATOM   319  C  C     . ASP A 1 49  ? 3.980   17.521  -4.578  1.00 26.49 ? 36  ASP A C     1 
ATOM   320  O  O     . ASP A 1 49  ? 3.535   16.567  -3.936  1.00 26.52 ? 36  ASP A O     1 
ATOM   321  C  CB    . ASP A 1 49  ? 4.872   19.319  -3.133  1.00 27.21 ? 36  ASP A CB    1 
ATOM   322  C  CG    . ASP A 1 49  ? 4.941   20.803  -2.865  1.00 28.21 ? 36  ASP A CG    1 
ATOM   323  O  OD1   . ASP A 1 49  ? 4.286   21.573  -3.597  1.00 28.91 ? 36  ASP A OD1   1 
ATOM   324  O  OD2   . ASP A 1 49  ? 5.666   21.190  -1.923  1.00 30.13 ? 36  ASP A OD2   1 
ATOM   325  N  N     . TYR A 1 50  ? 4.678   17.402  -5.701  1.00 25.98 ? 37  TYR A N     1 
ATOM   326  C  CA    . TYR A 1 50  ? 5.042   16.133  -6.291  1.00 25.57 ? 37  TYR A CA    1 
ATOM   327  C  C     . TYR A 1 50  ? 6.553   15.976  -6.086  1.00 25.56 ? 37  TYR A C     1 
ATOM   328  O  O     . TYR A 1 50  ? 7.360   16.355  -6.948  1.00 25.88 ? 37  TYR A O     1 
ATOM   329  C  CB    . TYR A 1 50  ? 4.651   16.154  -7.773  1.00 25.31 ? 37  TYR A CB    1 
ATOM   330  C  CG    . TYR A 1 50  ? 4.823   14.875  -8.574  1.00 25.17 ? 37  TYR A CG    1 
ATOM   331  C  CD1   . TYR A 1 50  ? 5.715   13.876  -8.187  1.00 24.41 ? 37  TYR A CD1   1 
ATOM   332  C  CD2   . TYR A 1 50  ? 4.108   14.693  -9.759  1.00 25.81 ? 37  TYR A CD2   1 
ATOM   333  C  CE1   . TYR A 1 50  ? 5.873   12.730  -8.946  1.00 23.90 ? 37  TYR A CE1   1 
ATOM   334  C  CE2   . TYR A 1 50  ? 4.261   13.554  -10.520 1.00 24.75 ? 37  TYR A CE2   1 
ATOM   335  C  CZ    . TYR A 1 50  ? 5.147   12.581  -10.109 1.00 24.47 ? 37  TYR A CZ    1 
ATOM   336  O  OH    . TYR A 1 50  ? 5.295   11.459  -10.868 1.00 24.76 ? 37  TYR A OH    1 
ATOM   337  N  N     . ILE A 1 51  ? 6.919   15.455  -4.914  1.00 24.91 ? 38  ILE A N     1 
ATOM   338  C  CA    . ILE A 1 51  ? 8.311   15.195  -4.560  1.00 24.44 ? 38  ILE A CA    1 
ATOM   339  C  C     . ILE A 1 51  ? 8.516   13.703  -4.741  1.00 23.89 ? 38  ILE A C     1 
ATOM   340  O  O     . ILE A 1 51  ? 8.117   12.901  -3.886  1.00 23.64 ? 38  ILE A O     1 
ATOM   341  C  CB    . ILE A 1 51  ? 8.640   15.581  -3.075  1.00 24.56 ? 38  ILE A CB    1 
ATOM   342  C  CG1   . ILE A 1 51  ? 8.068   16.959  -2.686  1.00 25.14 ? 38  ILE A CG1   1 
ATOM   343  C  CG2   . ILE A 1 51  ? 10.139  15.486  -2.808  1.00 24.51 ? 38  ILE A CG2   1 
ATOM   344  C  CD1   . ILE A 1 51  ? 8.503   18.135  -3.573  1.00 26.47 ? 38  ILE A CD1   1 
ATOM   345  N  N     . SER A 1 52  ? 9.107   13.343  -5.874  1.00 23.19 ? 39  SER A N     1 
ATOM   346  C  CA    . SER A 1 52  ? 9.290   11.964  -6.261  1.00 22.74 ? 39  SER A CA    1 
ATOM   347  C  C     . SER A 1 52  ? 10.201  11.235  -5.268  1.00 22.36 ? 39  SER A C     1 
ATOM   348  O  O     . SER A 1 52  ? 11.245  11.745  -4.872  1.00 22.18 ? 39  SER A O     1 
ATOM   349  C  CB    . SER A 1 52  ? 9.847   11.903  -7.678  1.00 22.87 ? 39  SER A CB    1 
ATOM   350  O  OG    . SER A 1 52  ? 9.591   10.650  -8.274  1.00 23.85 ? 39  SER A OG    1 
ATOM   351  N  N     . THR A 1 53  ? 9.776   10.043  -4.860  1.00 21.58 ? 40  THR A N     1 
ATOM   352  C  CA    . THR A 1 53  ? 10.460  9.273   -3.836  1.00 20.25 ? 40  THR A CA    1 
ATOM   353  C  C     . THR A 1 53  ? 11.717  8.621   -4.400  1.00 20.31 ? 40  THR A C     1 
ATOM   354  O  O     . THR A 1 53  ? 11.705  8.071   -5.503  1.00 20.28 ? 40  THR A O     1 
ATOM   355  C  CB    . THR A 1 53  ? 9.496   8.218   -3.239  1.00 20.37 ? 40  THR A CB    1 
ATOM   356  O  OG1   . THR A 1 53  ? 8.313   8.882   -2.779  1.00 18.38 ? 40  THR A OG1   1 
ATOM   357  C  CG2   . THR A 1 53  ? 10.128  7.434   -2.074  1.00 18.94 ? 40  THR A CG2   1 
ATOM   358  N  N     . ILE A 1 54  ? 12.803  8.704   -3.640  1.00 19.90 ? 41  ILE A N     1 
ATOM   359  C  CA    . ILE A 1 54  ? 14.053  8.041   -3.997  1.00 19.79 ? 41  ILE A CA    1 
ATOM   360  C  C     . ILE A 1 54  ? 14.175  6.757   -3.195  1.00 19.52 ? 41  ILE A C     1 
ATOM   361  O  O     . ILE A 1 54  ? 13.948  6.755   -1.982  1.00 18.82 ? 41  ILE A O     1 
ATOM   362  C  CB    . ILE A 1 54  ? 15.289  8.922   -3.678  1.00 19.94 ? 41  ILE A CB    1 
ATOM   363  C  CG1   . ILE A 1 54  ? 15.111  10.350  -4.221  1.00 20.84 ? 41  ILE A CG1   1 
ATOM   364  C  CG2   . ILE A 1 54  ? 16.566  8.269   -4.196  1.00 19.76 ? 41  ILE A CG2   1 
ATOM   365  C  CD1   . ILE A 1 54  ? 15.298  10.488  -5.705  1.00 21.94 ? 41  ILE A CD1   1 
ATOM   366  N  N     . GLY A 1 55  ? 14.532  5.674   -3.885  1.00 19.44 ? 42  GLY A N     1 
ATOM   367  C  CA    . GLY A 1 55  ? 14.778  4.380   -3.259  1.00 20.12 ? 42  GLY A CA    1 
ATOM   368  C  C     . GLY A 1 55  ? 13.587  3.816   -2.518  1.00 20.34 ? 42  GLY A C     1 
ATOM   369  O  O     . GLY A 1 55  ? 12.494  3.713   -3.066  1.00 19.98 ? 42  GLY A O     1 
ATOM   370  N  N     . VAL A 1 56  ? 13.811  3.444   -1.263  1.00 21.29 ? 43  VAL A N     1 
ATOM   371  C  CA    . VAL A 1 56  ? 12.737  2.976   -0.386  1.00 21.85 ? 43  VAL A CA    1 
ATOM   372  C  C     . VAL A 1 56  ? 12.813  3.694   0.956   1.00 22.65 ? 43  VAL A C     1 
ATOM   373  O  O     . VAL A 1 56  ? 13.889  4.093   1.397   1.00 22.86 ? 43  VAL A O     1 
ATOM   374  C  CB    . VAL A 1 56  ? 12.772  1.433   -0.149  1.00 21.99 ? 43  VAL A CB    1 
ATOM   375  C  CG1   . VAL A 1 56  ? 12.655  0.660   -1.460  1.00 21.46 ? 43  VAL A CG1   1 
ATOM   376  C  CG2   . VAL A 1 56  ? 14.028  1.014   0.591   1.00 21.97 ? 43  VAL A CG2   1 
ATOM   377  N  N     . ASP A 1 57  ? 11.661  3.855   1.594   1.00 23.47 ? 44  ASP A N     1 
ATOM   378  C  CA    . ASP A 1 57  ? 11.587  4.392   2.945   1.00 24.49 ? 44  ASP A CA    1 
ATOM   379  C  C     . ASP A 1 57  ? 10.373  3.768   3.625   1.00 24.56 ? 44  ASP A C     1 
ATOM   380  O  O     . ASP A 1 57  ? 9.546   3.156   2.963   1.00 24.71 ? 44  ASP A O     1 
ATOM   381  C  CB    . ASP A 1 57  ? 11.451  5.917   2.913   1.00 24.83 ? 44  ASP A CB    1 
ATOM   382  C  CG    . ASP A 1 57  ? 11.931  6.591   4.202   1.00 26.48 ? 44  ASP A CG    1 
ATOM   383  O  OD1   . ASP A 1 57  ? 12.367  5.901   5.152   1.00 27.93 ? 44  ASP A OD1   1 
ATOM   384  O  OD2   . ASP A 1 57  ? 11.874  7.835   4.257   1.00 29.04 ? 44  ASP A OD2   1 
ATOM   385  N  N     . PHE A 1 58  ? 10.283  3.908   4.942   1.00 24.51 ? 45  PHE A N     1 
ATOM   386  C  CA    . PHE A 1 58  ? 9.178   3.340   5.694   1.00 24.54 ? 45  PHE A CA    1 
ATOM   387  C  C     . PHE A 1 58  ? 8.668   4.319   6.739   1.00 25.20 ? 45  PHE A C     1 
ATOM   388  O  O     . PHE A 1 58  ? 9.377   5.245   7.152   1.00 25.34 ? 45  PHE A O     1 
ATOM   389  C  CB    . PHE A 1 58  ? 9.601   2.023   6.363   1.00 24.00 ? 45  PHE A CB    1 
ATOM   390  C  CG    . PHE A 1 58  ? 10.495  2.212   7.568   1.00 23.60 ? 45  PHE A CG    1 
ATOM   391  C  CD1   . PHE A 1 58  ? 9.949   2.288   8.852   1.00 23.24 ? 45  PHE A CD1   1 
ATOM   392  C  CD2   . PHE A 1 58  ? 11.872  2.322   7.422   1.00 23.19 ? 45  PHE A CD2   1 
ATOM   393  C  CE1   . PHE A 1 58  ? 10.763  2.477   9.967   1.00 23.74 ? 45  PHE A CE1   1 
ATOM   394  C  CE2   . PHE A 1 58  ? 12.700  2.509   8.537   1.00 24.32 ? 45  PHE A CE2   1 
ATOM   395  C  CZ    . PHE A 1 58  ? 12.142  2.587   9.811   1.00 23.50 ? 45  PHE A CZ    1 
ATOM   396  N  N     . LYS A 1 59  ? 7.425   4.107   7.148   1.00 25.88 ? 46  LYS A N     1 
ATOM   397  C  CA    . LYS A 1 59  ? 6.893   4.702   8.353   1.00 26.81 ? 46  LYS A CA    1 
ATOM   398  C  C     . LYS A 1 59  ? 6.233   3.611   9.183   1.00 27.10 ? 46  LYS A C     1 
ATOM   399  O  O     . LYS A 1 59  ? 5.783   2.595   8.641   1.00 26.82 ? 46  LYS A O     1 
ATOM   400  C  CB    . LYS A 1 59  ? 5.910   5.823   8.019   1.00 27.23 ? 46  LYS A CB    1 
ATOM   401  C  CG    . LYS A 1 59  ? 6.570   7.186   7.940   1.00 29.06 ? 46  LYS A CG    1 
ATOM   402  C  CD    . LYS A 1 59  ? 5.736   8.164   7.148   1.00 32.58 ? 46  LYS A CD    1 
ATOM   403  C  CE    . LYS A 1 59  ? 6.514   9.455   6.907   1.00 34.12 ? 46  LYS A CE    1 
ATOM   404  N  NZ    . LYS A 1 59  ? 6.010   10.161  5.699   1.00 34.35 ? 46  LYS A NZ    1 
ATOM   405  N  N     . ILE A 1 60  ? 6.207   3.806   10.497  1.00 27.44 ? 47  ILE A N     1 
ATOM   406  C  CA    . ILE A 1 60  ? 5.558   2.864   11.402  1.00 28.23 ? 47  ILE A CA    1 
ATOM   407  C  C     . ILE A 1 60  ? 4.238   3.454   11.883  1.00 28.88 ? 47  ILE A C     1 
ATOM   408  O  O     . ILE A 1 60  ? 4.207   4.536   12.463  1.00 28.72 ? 47  ILE A O     1 
ATOM   409  C  CB    . ILE A 1 60  ? 6.447   2.521   12.634  1.00 28.17 ? 47  ILE A CB    1 
ATOM   410  C  CG1   . ILE A 1 60  ? 7.855   2.074   12.209  1.00 28.14 ? 47  ILE A CG1   1 
ATOM   411  C  CG2   . ILE A 1 60  ? 5.758   1.478   13.530  1.00 28.06 ? 47  ILE A CG2   1 
ATOM   412  C  CD1   . ILE A 1 60  ? 7.937   0.665   11.652  1.00 28.20 ? 47  ILE A CD1   1 
ATOM   413  N  N     . LYS A 1 61  ? 3.147   2.745   11.633  1.00 29.92 ? 48  LYS A N     1 
ATOM   414  C  CA    . LYS A 1 61  ? 1.852   3.178   12.130  1.00 31.13 ? 48  LYS A CA    1 
ATOM   415  C  C     . LYS A 1 61  ? 1.233   2.121   13.030  1.00 31.84 ? 48  LYS A C     1 
ATOM   416  O  O     . LYS A 1 61  ? 1.031   0.978   12.617  1.00 31.86 ? 48  LYS A O     1 
ATOM   417  C  CB    . LYS A 1 61  ? 0.911   3.534   10.976  1.00 31.30 ? 48  LYS A CB    1 
ATOM   418  C  CG    . LYS A 1 61  ? -0.495  3.935   11.416  1.00 31.98 ? 48  LYS A CG    1 
ATOM   419  C  CD    . LYS A 1 61  ? -0.543  5.361   11.912  1.00 33.17 ? 48  LYS A CD    1 
ATOM   420  C  CE    . LYS A 1 61  ? -1.973  5.833   12.040  1.00 34.19 ? 48  LYS A CE    1 
ATOM   421  N  NZ    . LYS A 1 61  ? -1.993  7.290   12.315  1.00 35.99 ? 48  LYS A NZ    1 
ATOM   422  N  N     . THR A 1 62  ? 0.942   2.525   14.262  1.00 32.81 ? 49  THR A N     1 
ATOM   423  C  CA    . THR A 1 62  ? 0.322   1.660   15.255  1.00 34.03 ? 49  THR A CA    1 
ATOM   424  C  C     . THR A 1 62  ? -1.196  1.759   15.160  1.00 34.70 ? 49  THR A C     1 
ATOM   425  O  O     . THR A 1 62  ? -1.764  2.859   15.167  1.00 34.92 ? 49  THR A O     1 
ATOM   426  C  CB    . THR A 1 62  ? 0.805   2.019   16.679  1.00 34.06 ? 49  THR A CB    1 
ATOM   427  O  OG1   . THR A 1 62  ? 2.113   1.477   16.888  1.00 34.54 ? 49  THR A OG1   1 
ATOM   428  C  CG2   . THR A 1 62  ? -0.125  1.456   17.739  1.00 35.09 ? 49  THR A CG2   1 
ATOM   429  N  N     . VAL A 1 63  ? -1.847  0.603   15.051  1.00 35.24 ? 50  VAL A N     1 
ATOM   430  C  CA    . VAL A 1 63  ? -3.302  0.547   14.976  1.00 35.83 ? 50  VAL A CA    1 
ATOM   431  C  C     . VAL A 1 63  ? -3.849  -0.504  15.938  1.00 36.42 ? 50  VAL A C     1 
ATOM   432  O  O     . VAL A 1 63  ? -3.095  -1.319  16.473  1.00 36.18 ? 50  VAL A O     1 
ATOM   433  C  CB    . VAL A 1 63  ? -3.813  0.283   13.524  1.00 35.70 ? 50  VAL A CB    1 
ATOM   434  C  CG1   . VAL A 1 63  ? -3.330  1.374   12.574  1.00 35.68 ? 50  VAL A CG1   1 
ATOM   435  C  CG2   . VAL A 1 63  ? -3.395  -1.094  13.027  1.00 35.59 ? 50  VAL A CG2   1 
ATOM   436  N  N     . GLU A 1 64  ? -5.161  -0.461  16.160  1.00 37.20 ? 51  GLU A N     1 
ATOM   437  C  CA    . GLU A 1 64  ? -5.849  -1.471  16.951  1.00 37.91 ? 51  GLU A CA    1 
ATOM   438  C  C     . GLU A 1 64  ? -6.753  -2.304  16.047  1.00 38.24 ? 51  GLU A C     1 
ATOM   439  O  O     . GLU A 1 64  ? -7.527  -1.762  15.256  1.00 38.17 ? 51  GLU A O     1 
ATOM   440  C  CB    . GLU A 1 64  ? -6.653  -0.821  18.080  1.00 38.06 ? 51  GLU A CB    1 
ATOM   441  N  N     . LEU A 1 65  ? -6.626  -3.622  16.150  1.00 38.87 ? 52  LEU A N     1 
ATOM   442  C  CA    . LEU A 1 65  ? -7.516  -4.537  15.440  1.00 39.58 ? 52  LEU A CA    1 
ATOM   443  C  C     . LEU A 1 65  ? -8.051  -5.584  16.402  1.00 40.04 ? 52  LEU A C     1 
ATOM   444  O  O     . LEU A 1 65  ? -7.278  -6.357  16.980  1.00 40.13 ? 52  LEU A O     1 
ATOM   445  C  CB    . LEU A 1 65  ? -6.802  -5.215  14.268  1.00 39.50 ? 52  LEU A CB    1 
ATOM   446  C  CG    . LEU A 1 65  ? -6.316  -4.389  13.078  1.00 39.26 ? 52  LEU A CG    1 
ATOM   447  C  CD1   . LEU A 1 65  ? -5.485  -5.285  12.178  1.00 39.14 ? 52  LEU A CD1   1 
ATOM   448  C  CD2   . LEU A 1 65  ? -7.471  -3.759  12.306  1.00 39.52 ? 52  LEU A CD2   1 
ATOM   449  N  N     . ASP A 1 66  ? -9.376  -5.590  16.565  1.00 40.66 ? 53  ASP A N     1 
ATOM   450  C  CA    . ASP A 1 66  ? -10.080 -6.483  17.496  1.00 41.13 ? 53  ASP A CA    1 
ATOM   451  C  C     . ASP A 1 66  ? -9.482  -6.424  18.908  1.00 41.01 ? 53  ASP A C     1 
ATOM   452  O  O     . ASP A 1 66  ? -9.150  -7.453  19.504  1.00 41.10 ? 53  ASP A O     1 
ATOM   453  C  CB    . ASP A 1 66  ? -10.106 -7.927  16.958  1.00 41.52 ? 53  ASP A CB    1 
ATOM   454  C  CG    . ASP A 1 66  ? -10.523 -8.006  15.491  1.00 42.69 ? 53  ASP A CG    1 
ATOM   455  O  OD1   . ASP A 1 66  ? -11.536 -7.369  15.112  1.00 43.07 ? 53  ASP A OD1   1 
ATOM   456  O  OD2   . ASP A 1 66  ? -9.833  -8.714  14.720  1.00 44.54 ? 53  ASP A OD2   1 
ATOM   457  N  N     . GLY A 1 67  ? -9.330  -5.205  19.423  1.00 40.89 ? 54  GLY A N     1 
ATOM   458  C  CA    . GLY A 1 67  ? -8.785  -4.974  20.762  1.00 40.74 ? 54  GLY A CA    1 
ATOM   459  C  C     . GLY A 1 67  ? -7.316  -5.322  20.943  1.00 40.51 ? 54  GLY A C     1 
ATOM   460  O  O     . GLY A 1 67  ? -6.821  -5.384  22.073  1.00 40.77 ? 54  GLY A O     1 
ATOM   461  N  N     . LYS A 1 68  ? -6.611  -5.551  19.836  1.00 39.97 ? 55  LYS A N     1 
ATOM   462  C  CA    . LYS A 1 68  ? -5.188  -5.860  19.888  1.00 39.15 ? 55  LYS A CA    1 
ATOM   463  C  C     . LYS A 1 68  ? -4.380  -4.820  19.124  1.00 38.64 ? 55  LYS A C     1 
ATOM   464  O  O     . LYS A 1 68  ? -4.764  -4.404  18.028  1.00 38.72 ? 55  LYS A O     1 
ATOM   465  C  CB    . LYS A 1 68  ? -4.920  -7.266  19.346  1.00 39.38 ? 55  LYS A CB    1 
ATOM   466  N  N     . THR A 1 69  ? -3.258  -4.410  19.709  1.00 37.69 ? 56  THR A N     1 
ATOM   467  C  CA    . THR A 1 69  ? -2.375  -3.422  19.098  1.00 36.88 ? 56  THR A CA    1 
ATOM   468  C  C     . THR A 1 69  ? -1.370  -4.085  18.156  1.00 35.87 ? 56  THR A C     1 
ATOM   469  O  O     . THR A 1 69  ? -0.600  -4.967  18.562  1.00 35.83 ? 56  THR A O     1 
ATOM   470  C  CB    . THR A 1 69  ? -1.633  -2.592  20.170  1.00 37.14 ? 56  THR A CB    1 
ATOM   471  O  OG1   . THR A 1 69  ? -2.587  -2.012  21.065  1.00 37.92 ? 56  THR A OG1   1 
ATOM   472  C  CG2   . THR A 1 69  ? -0.820  -1.479  19.524  1.00 37.47 ? 56  THR A CG2   1 
ATOM   473  N  N     . VAL A 1 70  ? -1.394  -3.666  16.893  1.00 34.48 ? 57  VAL A N     1 
ATOM   474  C  CA    . VAL A 1 70  ? -0.438  -4.160  15.900  1.00 33.06 ? 57  VAL A CA    1 
ATOM   475  C  C     . VAL A 1 70  ? 0.320   -2.999  15.253  1.00 32.10 ? 57  VAL A C     1 
ATOM   476  O  O     . VAL A 1 70  ? -0.256  -1.942  14.997  1.00 31.98 ? 57  VAL A O     1 
ATOM   477  C  CB    . VAL A 1 70  ? -1.100  -5.078  14.822  1.00 33.07 ? 57  VAL A CB    1 
ATOM   478  C  CG1   . VAL A 1 70  ? -1.859  -6.224  15.475  1.00 33.31 ? 57  VAL A CG1   1 
ATOM   479  C  CG2   . VAL A 1 70  ? -2.024  -4.298  13.905  1.00 33.24 ? 57  VAL A CG2   1 
ATOM   480  N  N     . LYS A 1 71  ? 1.614   -3.200  15.011  1.00 30.84 ? 58  LYS A N     1 
ATOM   481  C  CA    . LYS A 1 71  ? 2.445   -2.196  14.350  1.00 29.84 ? 58  LYS A CA    1 
ATOM   482  C  C     . LYS A 1 71  ? 2.538   -2.454  12.849  1.00 28.61 ? 58  LYS A C     1 
ATOM   483  O  O     . LYS A 1 71  ? 2.915   -3.552  12.420  1.00 28.49 ? 58  LYS A O     1 
ATOM   484  C  CB    . LYS A 1 71  ? 3.848   -2.174  14.949  1.00 30.14 ? 58  LYS A CB    1 
ATOM   485  C  CG    . LYS A 1 71  ? 3.966   -1.504  16.305  1.00 31.36 ? 58  LYS A CG    1 
ATOM   486  C  CD    . LYS A 1 71  ? 5.438   -1.275  16.625  1.00 33.32 ? 58  LYS A CD    1 
ATOM   487  C  CE    . LYS A 1 71  ? 5.630   -0.377  17.844  1.00 34.84 ? 58  LYS A CE    1 
ATOM   488  N  NZ    . LYS A 1 71  ? 7.077   -0.063  18.057  1.00 35.73 ? 58  LYS A NZ    1 
ATOM   489  N  N     . LEU A 1 72  ? 2.190   -1.442  12.061  1.00 26.92 ? 59  LEU A N     1 
ATOM   490  C  CA    . LEU A 1 72  ? 2.287   -1.521  10.608  1.00 25.52 ? 59  LEU A CA    1 
ATOM   491  C  C     . LEU A 1 72  ? 3.558   -0.836  10.126  1.00 24.42 ? 59  LEU A C     1 
ATOM   492  O  O     . LEU A 1 72  ? 3.733   0.374   10.304  1.00 24.16 ? 59  LEU A O     1 
ATOM   493  C  CB    . LEU A 1 72  ? 1.055   -0.901  9.940   1.00 25.44 ? 59  LEU A CB    1 
ATOM   494  C  CG    . LEU A 1 72  ? -0.153  -1.768  9.540   1.00 26.38 ? 59  LEU A CG    1 
ATOM   495  C  CD1   . LEU A 1 72  ? -0.390  -2.980  10.428  1.00 26.12 ? 59  LEU A CD1   1 
ATOM   496  C  CD2   . LEU A 1 72  ? -1.419  -0.923  9.433   1.00 25.91 ? 59  LEU A CD2   1 
ATOM   497  N  N     . GLN A 1 73  ? 4.440   -1.628  9.525   1.00 22.59 ? 60  GLN A N     1 
ATOM   498  C  CA    . GLN A 1 73  ? 5.660   -1.131  8.920   1.00 21.22 ? 60  GLN A CA    1 
ATOM   499  C  C     . GLN A 1 73  ? 5.401   -1.026  7.423   1.00 20.60 ? 60  GLN A C     1 
ATOM   500  O  O     . GLN A 1 73  ? 5.396   -2.027  6.710   1.00 20.13 ? 60  GLN A O     1 
ATOM   501  C  CB    . GLN A 1 73  ? 6.822   -2.083  9.210   1.00 20.90 ? 60  GLN A CB    1 
ATOM   502  C  CG    . GLN A 1 73  ? 8.176   -1.570  8.746   1.00 21.05 ? 60  GLN A CG    1 
ATOM   503  C  CD    . GLN A 1 73  ? 9.266   -2.612  8.892   1.00 22.12 ? 60  GLN A CD    1 
ATOM   504  O  OE1   . GLN A 1 73  ? 9.314   -3.586  8.143   1.00 21.64 ? 60  GLN A OE1   1 
ATOM   505  N  NE2   . GLN A 1 73  ? 10.156  -2.401  9.847   1.00 21.40 ? 60  GLN A NE2   1 
ATOM   506  N  N     . ILE A 1 74  ? 5.170   0.196   6.958   1.00 19.73 ? 61  ILE A N     1 
ATOM   507  C  CA    . ILE A 1 74  ? 4.738   0.435   5.587   1.00 19.17 ? 61  ILE A CA    1 
ATOM   508  C  C     . ILE A 1 74  ? 5.885   1.035   4.784   1.00 19.04 ? 61  ILE A C     1 
ATOM   509  O  O     . ILE A 1 74  ? 6.395   2.100   5.124   1.00 18.86 ? 61  ILE A O     1 
ATOM   510  C  CB    . ILE A 1 74  ? 3.503   1.358   5.540   1.00 19.01 ? 61  ILE A CB    1 
ATOM   511  C  CG1   . ILE A 1 74  ? 2.405   0.812   6.471   1.00 19.51 ? 61  ILE A CG1   1 
ATOM   512  C  CG2   . ILE A 1 74  ? 3.010   1.529   4.083   1.00 19.45 ? 61  ILE A CG2   1 
ATOM   513  C  CD1   . ILE A 1 74  ? 1.328   1.827   6.860   1.00 20.93 ? 61  ILE A CD1   1 
ATOM   514  N  N     . TRP A 1 75  ? 6.275   0.342   3.719   1.00 18.63 ? 62  TRP A N     1 
ATOM   515  C  CA    . TRP A 1 75  ? 7.386   0.761   2.885   1.00 18.93 ? 62  TRP A CA    1 
ATOM   516  C  C     . TRP A 1 75  ? 6.938   1.497   1.630   1.00 18.69 ? 62  TRP A C     1 
ATOM   517  O  O     . TRP A 1 75  ? 6.205   0.951   0.797   1.00 19.16 ? 62  TRP A O     1 
ATOM   518  C  CB    . TRP A 1 75  ? 8.270   -0.430  2.513   1.00 18.58 ? 62  TRP A CB    1 
ATOM   519  C  CG    . TRP A 1 75  ? 8.907   -1.074  3.703   1.00 19.40 ? 62  TRP A CG    1 
ATOM   520  C  CD1   . TRP A 1 75  ? 8.336   -1.980  4.553   1.00 18.80 ? 62  TRP A CD1   1 
ATOM   521  C  CD2   . TRP A 1 75  ? 10.232  -0.854  4.181   1.00 18.54 ? 62  TRP A CD2   1 
ATOM   522  N  NE1   . TRP A 1 75  ? 9.228   -2.344  5.522   1.00 19.39 ? 62  TRP A NE1   1 
ATOM   523  C  CE2   . TRP A 1 75  ? 10.401  -1.665  5.323   1.00 19.04 ? 62  TRP A CE2   1 
ATOM   524  C  CE3   . TRP A 1 75  ? 11.299  -0.050  3.755   1.00 19.13 ? 62  TRP A CE3   1 
ATOM   525  C  CZ2   . TRP A 1 75  ? 11.595  -1.694  6.054   1.00 18.41 ? 62  TRP A CZ2   1 
ATOM   526  C  CZ3   . TRP A 1 75  ? 12.484  -0.082  4.475   1.00 19.43 ? 62  TRP A CZ3   1 
ATOM   527  C  CH2   . TRP A 1 75  ? 12.622  -0.902  5.616   1.00 19.02 ? 62  TRP A CH2   1 
ATOM   528  N  N     . ASP A 1 76  ? 7.398   2.738   1.512   1.00 18.28 ? 63  ASP A N     1 
ATOM   529  C  CA    . ASP A 1 76  ? 7.155   3.578   0.353   1.00 18.18 ? 63  ASP A CA    1 
ATOM   530  C  C     . ASP A 1 76  ? 8.290   3.361   -0.630  1.00 18.23 ? 63  ASP A C     1 
ATOM   531  O  O     . ASP A 1 76  ? 9.436   3.147   -0.223  1.00 18.60 ? 63  ASP A O     1 
ATOM   532  C  CB    . ASP A 1 76  ? 7.107   5.044   0.788   1.00 18.41 ? 63  ASP A CB    1 
ATOM   533  C  CG    . ASP A 1 76  ? 6.477   5.945   -0.250  1.00 18.30 ? 63  ASP A CG    1 
ATOM   534  O  OD1   . ASP A 1 76  ? 5.977   5.452   -1.288  1.00 17.57 ? 63  ASP A OD1   1 
ATOM   535  O  OD2   . ASP A 1 76  ? 6.491   7.167   -0.015  1.00 19.46 ? 63  ASP A OD2   1 
ATOM   536  N  N     . THR A 1 77  ? 7.971   3.407   -1.921  1.00 17.69 ? 64  THR A N     1 
ATOM   537  C  CA    . THR A 1 77  ? 8.921   3.049   -2.961  1.00 17.29 ? 64  THR A CA    1 
ATOM   538  C  C     . THR A 1 77  ? 8.964   4.075   -4.094  1.00 17.62 ? 64  THR A C     1 
ATOM   539  O  O     . THR A 1 77  ? 7.987   4.801   -4.331  1.00 17.32 ? 64  THR A O     1 
ATOM   540  C  CB    . THR A 1 77  ? 8.615   1.645   -3.567  1.00 17.18 ? 64  THR A CB    1 
ATOM   541  O  OG1   . THR A 1 77  ? 7.377   1.683   -4.289  1.00 16.52 ? 64  THR A OG1   1 
ATOM   542  C  CG2   . THR A 1 77  ? 8.533   0.595   -2.481  1.00 16.78 ? 64  THR A CG2   1 
ATOM   543  N  N     . ALA A 1 78  ? 10.102  4.132   -4.779  1.00 17.56 ? 65  ALA A N     1 
ATOM   544  C  CA    . ALA A 1 78  ? 10.240  4.961   -5.972  1.00 18.15 ? 65  ALA A CA    1 
ATOM   545  C  C     . ALA A 1 78  ? 9.353   4.427   -7.096  1.00 18.44 ? 65  ALA A C     1 
ATOM   546  O  O     . ALA A 1 78  ? 9.416   3.243   -7.422  1.00 18.38 ? 65  ALA A O     1 
ATOM   547  C  CB    . ALA A 1 78  ? 11.678  4.991   -6.426  1.00 17.71 ? 65  ALA A CB    1 
ATOM   548  N  N     . GLY A 1 79  ? 8.518   5.297   -7.663  1.00 18.55 ? 66  GLY A N     1 
ATOM   549  C  CA    . GLY A 1 79  ? 7.811   4.983   -8.907  1.00 18.92 ? 66  GLY A CA    1 
ATOM   550  C  C     . GLY A 1 79  ? 8.656   5.212   -10.154 1.00 19.34 ? 66  GLY A C     1 
ATOM   551  O  O     . GLY A 1 79  ? 8.453   4.555   -11.174 1.00 19.09 ? 66  GLY A O     1 
ATOM   552  N  N     . GLN A 1 80  ? 9.599   6.154   -10.077 1.00 20.06 ? 67  GLN A N     1 
ATOM   553  C  CA    . GLN A 1 80  ? 10.525  6.413   -11.179 1.00 20.83 ? 67  GLN A CA    1 
ATOM   554  C  C     . GLN A 1 80  ? 11.642  5.382   -11.189 1.00 21.23 ? 67  GLN A C     1 
ATOM   555  O  O     . GLN A 1 80  ? 12.329  5.178   -10.173 1.00 20.76 ? 67  GLN A O     1 
ATOM   556  C  CB    . GLN A 1 80  ? 11.129  7.816   -11.088 1.00 21.03 ? 67  GLN A CB    1 
ATOM   557  C  CG    . GLN A 1 80  ? 10.114  8.940   -11.211 1.00 23.12 ? 67  GLN A CG    1 
ATOM   558  C  CD    . GLN A 1 80  ? 10.744  10.251  -11.610 1.00 24.43 ? 67  GLN A CD    1 
ATOM   559  O  OE1   . GLN A 1 80  ? 11.318  10.367  -12.688 1.00 28.88 ? 67  GLN A OE1   1 
ATOM   560  N  NE2   . GLN A 1 80  ? 10.635  11.246  -10.752 1.00 24.00 ? 67  GLN A NE2   1 
ATOM   561  N  N     . GLU A 1 81  ? 11.809  4.740   -12.342 1.00 21.55 ? 68  GLU A N     1 
ATOM   562  C  CA    . GLU A 1 81  ? 12.810  3.688   -12.542 1.00 22.03 ? 68  GLU A CA    1 
ATOM   563  C  C     . GLU A 1 81  ? 14.237  4.120   -12.208 1.00 22.19 ? 68  GLU A C     1 
ATOM   564  O  O     . GLU A 1 81  ? 15.010  3.354   -11.626 1.00 22.60 ? 68  GLU A O     1 
ATOM   565  C  CB    . GLU A 1 81  ? 12.741  3.170   -13.975 1.00 22.08 ? 68  GLU A CB    1 
ATOM   566  N  N     . ARG A 1 82  ? 14.583  5.346   -12.586 1.00 22.29 ? 69  ARG A N     1 
ATOM   567  C  CA    . ARG A 1 82  ? 15.920  5.886   -12.347 1.00 22.10 ? 69  ARG A CA    1 
ATOM   568  C  C     . ARG A 1 82  ? 16.209  6.103   -10.856 1.00 21.54 ? 69  ARG A C     1 
ATOM   569  O  O     . ARG A 1 82  ? 17.362  6.285   -10.476 1.00 21.32 ? 69  ARG A O     1 
ATOM   570  C  CB    . ARG A 1 82  ? 16.106  7.200   -13.111 1.00 22.37 ? 69  ARG A CB    1 
ATOM   571  C  CG    . ARG A 1 82  ? 15.190  8.308   -12.647 1.00 23.70 ? 69  ARG A CG    1 
ATOM   572  C  CD    . ARG A 1 82  ? 15.380  9.554   -13.471 1.00 27.80 ? 69  ARG A CD    1 
ATOM   573  N  NE    . ARG A 1 82  ? 14.500  10.625  -13.015 1.00 30.25 ? 69  ARG A NE    1 
ATOM   574  C  CZ    . ARG A 1 82  ? 14.738  11.919  -13.201 1.00 31.67 ? 69  ARG A CZ    1 
ATOM   575  N  NH1   . ARG A 1 82  ? 15.838  12.314  -13.835 1.00 33.11 ? 69  ARG A NH1   1 
ATOM   576  N  NH2   . ARG A 1 82  ? 13.879  12.822  -12.744 1.00 31.52 ? 69  ARG A NH2   1 
ATOM   577  N  N     . PHE A 1 83  ? 15.166  6.088   -10.022 1.00 21.00 ? 70  PHE A N     1 
ATOM   578  C  CA    . PHE A 1 83  ? 15.322  6.275   -8.572  1.00 20.71 ? 70  PHE A CA    1 
ATOM   579  C  C     . PHE A 1 83  ? 15.151  5.001   -7.725  1.00 20.63 ? 70  PHE A C     1 
ATOM   580  O  O     . PHE A 1 83  ? 15.217  5.063   -6.497  1.00 20.44 ? 70  PHE A O     1 
ATOM   581  C  CB    . PHE A 1 83  ? 14.378  7.370   -8.057  1.00 20.60 ? 70  PHE A CB    1 
ATOM   582  C  CG    . PHE A 1 83  ? 14.646  8.740   -8.628  1.00 21.35 ? 70  PHE A CG    1 
ATOM   583  C  CD1   . PHE A 1 83  ? 13.608  9.655   -8.766  1.00 21.71 ? 70  PHE A CD1   1 
ATOM   584  C  CD2   . PHE A 1 83  ? 15.933  9.122   -9.021  1.00 21.50 ? 70  PHE A CD2   1 
ATOM   585  C  CE1   . PHE A 1 83  ? 13.842  10.925  -9.284  1.00 22.62 ? 70  PHE A CE1   1 
ATOM   586  C  CE2   . PHE A 1 83  ? 16.174  10.400  -9.544  1.00 22.21 ? 70  PHE A CE2   1 
ATOM   587  C  CZ    . PHE A 1 83  ? 15.129  11.299  -9.676  1.00 21.35 ? 70  PHE A CZ    1 
ATOM   588  N  N     . ARG A 1 84  ? 14.930  3.859   -8.369  1.00 20.66 ? 71  ARG A N     1 
ATOM   589  C  CA    . ARG A 1 84  ? 14.649  2.624   -7.639  1.00 20.86 ? 71  ARG A CA    1 
ATOM   590  C  C     . ARG A 1 84  ? 15.885  2.016   -7.002  1.00 20.73 ? 71  ARG A C     1 
ATOM   591  O  O     . ARG A 1 84  ? 16.979  2.029   -7.573  1.00 20.34 ? 71  ARG A O     1 
ATOM   592  C  CB    . ARG A 1 84  ? 13.962  1.583   -8.529  1.00 21.00 ? 71  ARG A CB    1 
ATOM   593  C  CG    . ARG A 1 84  ? 12.734  2.123   -9.249  1.00 22.96 ? 71  ARG A CG    1 
ATOM   594  C  CD    . ARG A 1 84  ? 11.679  1.069   -9.500  1.00 25.19 ? 71  ARG A CD    1 
ATOM   595  N  NE    . ARG A 1 84  ? 10.493  1.680   -10.099 1.00 27.38 ? 71  ARG A NE    1 
ATOM   596  C  CZ    . ARG A 1 84  ? 9.966   1.322   -11.268 1.00 28.46 ? 71  ARG A CZ    1 
ATOM   597  N  NH1   . ARG A 1 84  ? 10.494  0.321   -11.966 1.00 29.25 ? 71  ARG A NH1   1 
ATOM   598  N  NH2   . ARG A 1 84  ? 8.890   1.953   -11.729 1.00 27.95 ? 71  ARG A NH2   1 
ATOM   599  N  N     . THR A 1 85  ? 15.688  1.476   -5.807  1.00 20.53 ? 72  THR A N     1 
ATOM   600  C  CA    . THR A 1 85  ? 16.695  0.665   -5.153  1.00 20.22 ? 72  THR A CA    1 
ATOM   601  C  C     . THR A 1 85  ? 16.094  -0.685  -4.796  1.00 20.51 ? 72  THR A C     1 
ATOM   602  O  O     . THR A 1 85  ? 16.818  -1.597  -4.382  1.00 19.63 ? 72  THR A O     1 
ATOM   603  C  CB    . THR A 1 85  ? 17.169  1.305   -3.851  1.00 20.29 ? 72  THR A CB    1 
ATOM   604  O  OG1   . THR A 1 85  ? 16.025  1.638   -3.063  1.00 18.86 ? 72  THR A OG1   1 
ATOM   605  C  CG2   . THR A 1 85  ? 17.983  2.553   -4.128  1.00 19.80 ? 72  THR A CG2   1 
ATOM   606  N  N     . ILE A 1 86  ? 14.774  -0.798  -4.962  1.00 21.04 ? 73  ILE A N     1 
ATOM   607  C  CA    . ILE A 1 86  ? 14.031  -1.983  -4.536  1.00 22.09 ? 73  ILE A CA    1 
ATOM   608  C  C     . ILE A 1 86  ? 14.630  -3.241  -5.148  1.00 22.76 ? 73  ILE A C     1 
ATOM   609  O  O     . ILE A 1 86  ? 14.980  -3.279  -6.328  1.00 23.10 ? 73  ILE A O     1 
ATOM   610  C  CB    . ILE A 1 86  ? 12.508  -1.899  -4.832  1.00 22.12 ? 73  ILE A CB    1 
ATOM   611  C  CG1   . ILE A 1 86  ? 11.750  -2.955  -4.010  1.00 22.68 ? 73  ILE A CG1   1 
ATOM   612  C  CG2   . ILE A 1 86  ? 12.226  -2.055  -6.327  1.00 21.99 ? 73  ILE A CG2   1 
ATOM   613  C  CD1   . ILE A 1 86  ? 10.240  -2.777  -3.971  1.00 22.18 ? 73  ILE A CD1   1 
ATOM   614  N  N     . THR A 1 87  ? 14.739  -4.260  -4.317  1.00 23.29 ? 74  THR A N     1 
ATOM   615  C  CA    . THR A 1 87  ? 15.406  -5.490  -4.665  1.00 24.29 ? 74  THR A CA    1 
ATOM   616  C  C     . THR A 1 87  ? 14.448  -6.647  -4.331  1.00 24.19 ? 74  THR A C     1 
ATOM   617  O  O     . THR A 1 87  ? 13.440  -6.420  -3.658  1.00 24.05 ? 74  THR A O     1 
ATOM   618  C  CB    . THR A 1 87  ? 16.767  -5.518  -3.923  1.00 24.53 ? 74  THR A CB    1 
ATOM   619  O  OG1   . THR A 1 87  ? 17.760  -6.148  -4.735  1.00 27.89 ? 74  THR A OG1   1 
ATOM   620  C  CG2   . THR A 1 87  ? 16.678  -6.157  -2.568  1.00 24.11 ? 74  THR A CG2   1 
ATOM   621  N  N     . SER A 1 88  ? 14.728  -7.865  -4.811  1.00 24.21 ? 75  SER A N     1 
ATOM   622  C  CA    . SER A 1 88  ? 13.785  -8.995  -4.656  1.00 24.14 ? 75  SER A CA    1 
ATOM   623  C  C     . SER A 1 88  ? 13.339  -9.229  -3.209  1.00 23.91 ? 75  SER A C     1 
ATOM   624  O  O     . SER A 1 88  ? 12.176  -9.551  -2.958  1.00 23.78 ? 75  SER A O     1 
ATOM   625  C  CB    . SER A 1 88  ? 14.332  -10.294 -5.276  1.00 24.32 ? 75  SER A CB    1 
ATOM   626  O  OG    . SER A 1 88  ? 15.355  -10.889 -4.489  1.00 25.45 ? 75  SER A OG    1 
ATOM   627  N  N     . SER A 1 89  ? 14.270  -9.046  -2.273  1.00 23.93 ? 76  SER A N     1 
ATOM   628  C  CA    . SER A 1 89  ? 14.035  -9.245  -0.836  1.00 23.66 ? 76  SER A CA    1 
ATOM   629  C  C     . SER A 1 89  ? 12.934  -8.366  -0.248  1.00 23.37 ? 76  SER A C     1 
ATOM   630  O  O     . SER A 1 89  ? 12.265  -8.769  0.712   1.00 23.42 ? 76  SER A O     1 
ATOM   631  C  CB    . SER A 1 89  ? 15.329  -9.026  -0.051  1.00 23.68 ? 76  SER A CB    1 
ATOM   632  O  OG    . SER A 1 89  ? 16.289  -10.011 -0.390  1.00 25.05 ? 76  SER A OG    1 
ATOM   633  N  N     . TYR A 1 90  ? 12.761  -7.167  -0.797  1.00 22.87 ? 77  TYR A N     1 
ATOM   634  C  CA    . TYR A 1 90  ? 11.671  -6.290  -0.365  1.00 22.65 ? 77  TYR A CA    1 
ATOM   635  C  C     . TYR A 1 90  ? 10.306  -6.931  -0.644  1.00 21.58 ? 77  TYR A C     1 
ATOM   636  O  O     . TYR A 1 90  ? 9.415   -6.891  0.203   1.00 21.33 ? 77  TYR A O     1 
ATOM   637  C  CB    . TYR A 1 90  ? 11.796  -4.904  -1.000  1.00 23.52 ? 77  TYR A CB    1 
ATOM   638  C  CG    . TYR A 1 90  ? 12.880  -4.065  -0.357  1.00 25.26 ? 77  TYR A CG    1 
ATOM   639  C  CD1   . TYR A 1 90  ? 14.184  -4.057  -0.867  1.00 25.48 ? 77  TYR A CD1   1 
ATOM   640  C  CD2   . TYR A 1 90  ? 12.610  -3.294  0.782   1.00 26.35 ? 77  TYR A CD2   1 
ATOM   641  C  CE1   . TYR A 1 90  ? 15.200  -3.286  -0.257  1.00 26.30 ? 77  TYR A CE1   1 
ATOM   642  C  CE2   . TYR A 1 90  ? 13.612  -2.526  1.400   1.00 26.28 ? 77  TYR A CE2   1 
ATOM   643  C  CZ    . TYR A 1 90  ? 14.904  -2.526  0.876   1.00 27.14 ? 77  TYR A CZ    1 
ATOM   644  O  OH    . TYR A 1 90  ? 15.894  -1.753  1.487   1.00 28.69 ? 77  TYR A OH    1 
ATOM   645  N  N     . TYR A 1 91  ? 10.165  -7.545  -1.816  1.00 20.70 ? 78  TYR A N     1 
ATOM   646  C  CA    . TYR A 1 91  ? 8.966   -8.311  -2.132  1.00 20.32 ? 78  TYR A CA    1 
ATOM   647  C  C     . TYR A 1 91  ? 8.824   -9.552  -1.244  1.00 19.78 ? 78  TYR A C     1 
ATOM   648  O  O     . TYR A 1 91  ? 7.763   -9.782  -0.669  1.00 19.36 ? 78  TYR A O     1 
ATOM   649  C  CB    . TYR A 1 91  ? 8.951   -8.710  -3.607  1.00 20.80 ? 78  TYR A CB    1 
ATOM   650  C  CG    . TYR A 1 91  ? 8.815   -7.537  -4.552  1.00 21.59 ? 78  TYR A CG    1 
ATOM   651  C  CD1   . TYR A 1 91  ? 9.934   -6.979  -5.161  1.00 20.92 ? 78  TYR A CD1   1 
ATOM   652  C  CD2   . TYR A 1 91  ? 7.562   -6.976  -4.824  1.00 22.55 ? 78  TYR A CD2   1 
ATOM   653  C  CE1   . TYR A 1 91  ? 9.814   -5.896  -6.019  1.00 21.97 ? 78  TYR A CE1   1 
ATOM   654  C  CE2   . TYR A 1 91  ? 7.431   -5.895  -5.685  1.00 22.00 ? 78  TYR A CE2   1 
ATOM   655  C  CZ    . TYR A 1 91  ? 8.561   -5.365  -6.277  1.00 21.79 ? 78  TYR A CZ    1 
ATOM   656  O  OH    . TYR A 1 91  ? 8.439   -4.292  -7.124  1.00 23.23 ? 78  TYR A OH    1 
ATOM   657  N  N     . ARG A 1 92  ? 9.890   -10.346 -1.144  1.00 19.41 ? 79  ARG A N     1 
ATOM   658  C  CA    . ARG A 1 92  ? 9.880   -11.591 -0.366  1.00 19.63 ? 79  ARG A CA    1 
ATOM   659  C  C     . ARG A 1 92  ? 9.722   -11.352 1.136   1.00 18.83 ? 79  ARG A C     1 
ATOM   660  O  O     . ARG A 1 92  ? 9.192   -12.206 1.844   1.00 19.15 ? 79  ARG A O     1 
ATOM   661  C  CB    . ARG A 1 92  ? 11.136  -12.431 -0.650  1.00 20.03 ? 79  ARG A CB    1 
ATOM   662  C  CG    . ARG A 1 92  ? 11.021  -13.910 -0.217  1.00 22.72 ? 79  ARG A CG    1 
ATOM   663  C  CD    . ARG A 1 92  ? 11.413  -14.870 -1.333  1.00 27.56 ? 79  ARG A CD    1 
ATOM   664  N  NE    . ARG A 1 92  ? 10.351  -15.010 -2.332  1.00 31.22 ? 79  ARG A NE    1 
ATOM   665  C  CZ    . ARG A 1 92  ? 10.465  -15.684 -3.476  1.00 33.09 ? 79  ARG A CZ    1 
ATOM   666  N  NH1   . ARG A 1 92  ? 11.599  -16.294 -3.789  1.00 35.72 ? 79  ARG A NH1   1 
ATOM   667  N  NH2   . ARG A 1 92  ? 9.443   -15.742 -4.320  1.00 34.80 ? 79  ARG A NH2   1 
ATOM   668  N  N     . GLY A 1 93  ? 10.183  -10.195 1.612   1.00 18.04 ? 80  GLY A N     1 
ATOM   669  C  CA    . GLY A 1 93  ? 10.120  -9.848  3.033   1.00 17.07 ? 80  GLY A CA    1 
ATOM   670  C  C     . GLY A 1 93  ? 8.846   -9.168  3.499   1.00 16.54 ? 80  GLY A C     1 
ATOM   671  O  O     . GLY A 1 93  ? 8.706   -8.849  4.683   1.00 16.22 ? 80  GLY A O     1 
ATOM   672  N  N     . SER A 1 94  ? 7.911   -8.959  2.579   1.00 16.06 ? 81  SER A N     1 
ATOM   673  C  CA    . SER A 1 94  ? 6.633   -8.312  2.907   1.00 16.29 ? 81  SER A CA    1 
ATOM   674  C  C     . SER A 1 94  ? 5.544   -9.321  3.260   1.00 16.03 ? 81  SER A C     1 
ATOM   675  O  O     . SER A 1 94  ? 5.487   -10.407 2.673   1.00 15.55 ? 81  SER A O     1 
ATOM   676  C  CB    . SER A 1 94  ? 6.163   -7.455  1.730   1.00 16.26 ? 81  SER A CB    1 
ATOM   677  O  OG    . SER A 1 94  ? 7.016   -6.336  1.566   1.00 17.75 ? 81  SER A OG    1 
ATOM   678  N  N     . HIS A 1 95  ? 4.677   -8.953  4.208   1.00 16.12 ? 82  HIS A N     1 
ATOM   679  C  CA    . HIS A 1 95  ? 3.467   -9.730  4.501   1.00 16.22 ? 82  HIS A CA    1 
ATOM   680  C  C     . HIS A 1 95  ? 2.400   -9.408  3.456   1.00 16.24 ? 82  HIS A C     1 
ATOM   681  O  O     . HIS A 1 95  ? 1.642   -10.284 3.041   1.00 16.38 ? 82  HIS A O     1 
ATOM   682  C  CB    . HIS A 1 95  ? 2.888   -9.382  5.876   1.00 16.21 ? 82  HIS A CB    1 
ATOM   683  C  CG    . HIS A 1 95  ? 3.750   -9.773  7.032   1.00 17.55 ? 82  HIS A CG    1 
ATOM   684  N  ND1   . HIS A 1 95  ? 3.770   -11.054 7.549   1.00 19.03 ? 82  HIS A ND1   1 
ATOM   685  C  CD2   . HIS A 1 95  ? 4.590   -9.044  7.802   1.00 17.52 ? 82  HIS A CD2   1 
ATOM   686  C  CE1   . HIS A 1 95  ? 4.602   -11.100 8.573   1.00 19.20 ? 82  HIS A CE1   1 
ATOM   687  N  NE2   . HIS A 1 95  ? 5.120   -9.897  8.743   1.00 20.97 ? 82  HIS A NE2   1 
ATOM   688  N  N     . GLY A 1 96  ? 2.316   -8.136  3.068   1.00 15.56 ? 83  GLY A N     1 
ATOM   689  C  CA    . GLY A 1 96  ? 1.310   -7.704  2.109   1.00 14.94 ? 83  GLY A CA    1 
ATOM   690  C  C     . GLY A 1 96  ? 1.805   -6.601  1.202   1.00 15.01 ? 83  GLY A C     1 
ATOM   691  O  O     . GLY A 1 96  ? 2.625   -5.772  1.604   1.00 14.88 ? 83  GLY A O     1 
ATOM   692  N  N     . ILE A 1 97  ? 1.294   -6.583  -0.024  1.00 14.83 ? 84  ILE A N     1 
ATOM   693  C  CA    . ILE A 1 97  ? 1.698   -5.595  -1.013  1.00 15.33 ? 84  ILE A CA    1 
ATOM   694  C  C     . ILE A 1 97  ? 0.467   -4.841  -1.534  1.00 15.59 ? 84  ILE A C     1 
ATOM   695  O  O     . ILE A 1 97  ? -0.529  -5.451  -1.922  1.00 15.55 ? 84  ILE A O     1 
ATOM   696  C  CB    . ILE A 1 97  ? 2.512   -6.246  -2.168  1.00 15.60 ? 84  ILE A CB    1 
ATOM   697  C  CG1   . ILE A 1 97  ? 3.757   -6.960  -1.601  1.00 15.31 ? 84  ILE A CG1   1 
ATOM   698  C  CG2   . ILE A 1 97  ? 2.903   -5.189  -3.223  1.00 15.15 ? 84  ILE A CG2   1 
ATOM   699  C  CD1   . ILE A 1 97  ? 4.467   -7.893  -2.561  1.00 15.59 ? 84  ILE A CD1   1 
ATOM   700  N  N     . ILE A 1 98  ? 0.539   -3.512  -1.506  1.00 15.85 ? 85  ILE A N     1 
ATOM   701  C  CA    . ILE A 1 98  ? -0.528  -2.670  -2.036  1.00 15.90 ? 85  ILE A CA    1 
ATOM   702  C  C     . ILE A 1 98  ? -0.068  -2.102  -3.374  1.00 15.99 ? 85  ILE A C     1 
ATOM   703  O  O     . ILE A 1 98  ? 0.946   -1.400  -3.446  1.00 15.50 ? 85  ILE A O     1 
ATOM   704  C  CB    . ILE A 1 98  ? -0.903  -1.533  -1.041  1.00 16.01 ? 85  ILE A CB    1 
ATOM   705  C  CG1   . ILE A 1 98  ? -1.355  -2.129  0.299   1.00 16.15 ? 85  ILE A CG1   1 
ATOM   706  C  CG2   . ILE A 1 98  ? -1.981  -0.595  -1.641  1.00 16.06 ? 85  ILE A CG2   1 
ATOM   707  C  CD1   . ILE A 1 98  ? -1.465  -1.128  1.444   1.00 16.28 ? 85  ILE A CD1   1 
ATOM   708  N  N     . ILE A 1 99  ? -0.799  -2.424  -4.437  1.00 16.20 ? 86  ILE A N     1 
ATOM   709  C  CA    . ILE A 1 99  ? -0.497  -1.871  -5.757  1.00 16.60 ? 86  ILE A CA    1 
ATOM   710  C  C     . ILE A 1 99  ? -1.409  -0.664  -5.982  1.00 16.78 ? 86  ILE A C     1 
ATOM   711  O  O     . ILE A 1 99  ? -2.638  -0.767  -5.867  1.00 16.47 ? 86  ILE A O     1 
ATOM   712  C  CB    . ILE A 1 99  ? -0.640  -2.913  -6.900  1.00 16.98 ? 86  ILE A CB    1 
ATOM   713  C  CG1   . ILE A 1 99  ? 0.131   -4.196  -6.582  1.00 17.93 ? 86  ILE A CG1   1 
ATOM   714  C  CG2   . ILE A 1 99  ? -0.132  -2.346  -8.233  1.00 16.62 ? 86  ILE A CG2   1 
ATOM   715  C  CD1   . ILE A 1 99  ? -0.692  -5.247  -5.835  1.00 21.52 ? 86  ILE A CD1   1 
ATOM   716  N  N     . VAL A 1 100 ? -0.792  0.477   -6.283  1.00 16.46 ? 87  VAL A N     1 
ATOM   717  C  CA    . VAL A 1 100 ? -1.506  1.748   -6.405  1.00 16.73 ? 87  VAL A CA    1 
ATOM   718  C  C     . VAL A 1 100 ? -1.466  2.235   -7.850  1.00 16.51 ? 87  VAL A C     1 
ATOM   719  O  O     . VAL A 1 100 ? -0.411  2.239   -8.488  1.00 16.37 ? 87  VAL A O     1 
ATOM   720  C  CB    . VAL A 1 100 ? -0.893  2.840   -5.481  1.00 16.39 ? 87  VAL A CB    1 
ATOM   721  C  CG1   . VAL A 1 100 ? -1.759  4.100   -5.462  1.00 17.23 ? 87  VAL A CG1   1 
ATOM   722  C  CG2   . VAL A 1 100 ? -0.704  2.308   -4.060  1.00 17.20 ? 87  VAL A CG2   1 
ATOM   723  N  N     . TYR A 1 101 ? -2.626  2.619   -8.368  1.00 16.38 ? 88  TYR A N     1 
ATOM   724  C  CA    . TYR A 1 101 ? -2.684  3.341   -9.628  1.00 16.57 ? 88  TYR A CA    1 
ATOM   725  C  C     . TYR A 1 101 ? -3.470  4.617   -9.396  1.00 16.68 ? 88  TYR A C     1 
ATOM   726  O  O     . TYR A 1 101 ? -3.944  4.873   -8.293  1.00 16.37 ? 88  TYR A O     1 
ATOM   727  C  CB    . TYR A 1 101 ? -3.288  2.483   -10.756 1.00 16.86 ? 88  TYR A CB    1 
ATOM   728  C  CG    . TYR A 1 101 ? -4.767  2.192   -10.608 1.00 17.82 ? 88  TYR A CG    1 
ATOM   729  C  CD1   . TYR A 1 101 ? -5.725  3.002   -11.228 1.00 17.80 ? 88  TYR A CD1   1 
ATOM   730  C  CD2   . TYR A 1 101 ? -5.211  1.099   -9.865  1.00 17.72 ? 88  TYR A CD2   1 
ATOM   731  C  CE1   . TYR A 1 101 ? -7.082  2.743   -11.094 1.00 17.95 ? 88  TYR A CE1   1 
ATOM   732  C  CE2   . TYR A 1 101 ? -6.571  0.825   -9.733  1.00 18.60 ? 88  TYR A CE2   1 
ATOM   733  C  CZ    . TYR A 1 101 ? -7.496  1.651   -10.351 1.00 18.17 ? 88  TYR A CZ    1 
ATOM   734  O  OH    . TYR A 1 101 ? -8.836  1.394   -10.213 1.00 17.83 ? 88  TYR A OH    1 
ATOM   735  N  N     . ASP A 1 102 ? -3.598  5.416   -10.442 1.00 17.17 ? 89  ASP A N     1 
ATOM   736  C  CA    . ASP A 1 102 ? -4.263  6.701   -10.376 1.00 17.47 ? 89  ASP A CA    1 
ATOM   737  C  C     . ASP A 1 102 ? -5.461  6.587   -11.338 1.00 17.82 ? 89  ASP A C     1 
ATOM   738  O  O     . ASP A 1 102 ? -5.285  6.309   -12.529 1.00 17.04 ? 89  ASP A O     1 
ATOM   739  C  CB    . ASP A 1 102 ? -3.233  7.764   -10.789 1.00 17.42 ? 89  ASP A CB    1 
ATOM   740  C  CG    . ASP A 1 102 ? -3.835  9.109   -11.108 1.00 18.34 ? 89  ASP A CG    1 
ATOM   741  O  OD1   . ASP A 1 102 ? -5.072  9.284   -11.046 1.00 19.09 ? 89  ASP A OD1   1 
ATOM   742  O  OD2   . ASP A 1 102 ? -3.031  10.008  -11.433 1.00 18.67 ? 89  ASP A OD2   1 
ATOM   743  N  N     . VAL A 1 103 ? -6.674  6.761   -10.806 1.00 18.25 ? 90  VAL A N     1 
ATOM   744  C  CA    . VAL A 1 103 ? -7.906  6.559   -11.598 1.00 18.76 ? 90  VAL A CA    1 
ATOM   745  C  C     . VAL A 1 103 ? -8.032  7.522   -12.787 1.00 19.49 ? 90  VAL A C     1 
ATOM   746  O  O     . VAL A 1 103 ? -8.842  7.301   -13.691 1.00 19.47 ? 90  VAL A O     1 
ATOM   747  C  CB    . VAL A 1 103 ? -9.194  6.634   -10.722 1.00 18.82 ? 90  VAL A CB    1 
ATOM   748  C  CG1   . VAL A 1 103 ? -9.114  5.651   -9.544  1.00 18.46 ? 90  VAL A CG1   1 
ATOM   749  C  CG2   . VAL A 1 103 ? -9.445  8.067   -10.212 1.00 17.96 ? 90  VAL A CG2   1 
ATOM   750  N  N     . THR A 1 104 ? -7.228  8.584   -12.778 1.00 20.36 ? 91  THR A N     1 
ATOM   751  C  CA    . THR A 1 104 ? -7.224  9.581   -13.854 1.00 21.31 ? 91  THR A CA    1 
ATOM   752  C  C     . THR A 1 104 ? -6.111  9.324   -14.864 1.00 21.94 ? 91  THR A C     1 
ATOM   753  O  O     . THR A 1 104 ? -5.889  10.121  -15.785 1.00 21.92 ? 91  THR A O     1 
ATOM   754  C  CB    . THR A 1 104 ? -7.090  11.013  -13.299 1.00 21.42 ? 91  THR A CB    1 
ATOM   755  O  OG1   . THR A 1 104 ? -5.756  11.220  -12.804 1.00 21.94 ? 91  THR A OG1   1 
ATOM   756  C  CG2   . THR A 1 104 ? -8.098  11.240  -12.171 1.00 20.90 ? 91  THR A CG2   1 
ATOM   757  N  N     . ASP A 1 105 ? -5.427  8.196   -14.702 1.00 22.59 ? 92  ASP A N     1 
ATOM   758  C  CA    . ASP A 1 105 ? -4.234  7.902   -15.483 1.00 23.38 ? 92  ASP A CA    1 
ATOM   759  C  C     . ASP A 1 105 ? -4.287  6.459   -15.957 1.00 23.63 ? 92  ASP A C     1 
ATOM   760  O  O     . ASP A 1 105 ? -3.969  5.526   -15.207 1.00 23.47 ? 92  ASP A O     1 
ATOM   761  C  CB    . ASP A 1 105 ? -2.988  8.182   -14.630 1.00 23.63 ? 92  ASP A CB    1 
ATOM   762  C  CG    . ASP A 1 105 ? -1.679  7.855   -15.341 1.00 25.45 ? 92  ASP A CG    1 
ATOM   763  O  OD1   . ASP A 1 105 ? -0.639  7.874   -14.659 1.00 29.47 ? 92  ASP A OD1   1 
ATOM   764  O  OD2   . ASP A 1 105 ? -1.660  7.577   -16.553 1.00 27.07 ? 92  ASP A OD2   1 
ATOM   765  N  N     . GLN A 1 106 ? -4.712  6.283   -17.206 1.00 23.89 ? 93  GLN A N     1 
ATOM   766  C  CA    . GLN A 1 106 ? -4.864  4.953   -17.794 1.00 24.15 ? 93  GLN A CA    1 
ATOM   767  C  C     . GLN A 1 106 ? -3.534  4.200   -17.835 1.00 23.95 ? 93  GLN A C     1 
ATOM   768  O  O     . GLN A 1 106 ? -3.506  2.993   -17.638 1.00 23.68 ? 93  GLN A O     1 
ATOM   769  C  CB    . GLN A 1 106 ? -5.486  5.048   -19.201 1.00 24.27 ? 93  GLN A CB    1 
ATOM   770  C  CG    . GLN A 1 106 ? -5.613  3.721   -19.946 1.00 25.09 ? 93  GLN A CG    1 
ATOM   771  C  CD    . GLN A 1 106 ? -6.619  2.769   -19.322 1.00 27.14 ? 93  GLN A CD    1 
ATOM   772  O  OE1   . GLN A 1 106 ? -7.726  3.169   -18.958 1.00 28.71 ? 93  GLN A OE1   1 
ATOM   773  N  NE2   . GLN A 1 106 ? -6.244  1.499   -19.211 1.00 28.06 ? 93  GLN A NE2   1 
ATOM   774  N  N     . GLU A 1 107 ? -2.441  4.917   -18.084 1.00 24.39 ? 94  GLU A N     1 
ATOM   775  C  CA    . GLU A 1 107 ? -1.111  4.310   -18.128 1.00 24.90 ? 94  GLU A CA    1 
ATOM   776  C  C     . GLU A 1 107 ? -0.707  3.688   -16.792 1.00 24.34 ? 94  GLU A C     1 
ATOM   777  O  O     . GLU A 1 107 ? -0.117  2.607   -16.770 1.00 24.34 ? 94  GLU A O     1 
ATOM   778  C  CB    . GLU A 1 107 ? -0.054  5.323   -18.583 1.00 25.39 ? 94  GLU A CB    1 
ATOM   779  C  CG    . GLU A 1 107 ? 1.258   4.690   -19.038 1.00 29.17 ? 94  GLU A CG    1 
ATOM   780  C  CD    . GLU A 1 107 ? 1.095   3.803   -20.273 1.00 33.60 ? 94  GLU A CD    1 
ATOM   781  O  OE1   . GLU A 1 107 ? 1.336   2.578   -20.166 1.00 35.05 ? 94  GLU A OE1   1 
ATOM   782  O  OE2   . GLU A 1 107 ? 0.719   4.331   -21.347 1.00 36.32 ? 94  GLU A OE2   1 
ATOM   783  N  N     . SER A 1 108 ? -1.026  4.367   -15.689 1.00 23.84 ? 95  SER A N     1 
ATOM   784  C  CA    . SER A 1 108 ? -0.779  3.826   -14.351 1.00 23.72 ? 95  SER A CA    1 
ATOM   785  C  C     . SER A 1 108 ? -1.554  2.527   -14.104 1.00 23.95 ? 95  SER A C     1 
ATOM   786  O  O     . SER A 1 108 ? -1.042  1.623   -13.444 1.00 24.00 ? 95  SER A O     1 
ATOM   787  C  CB    . SER A 1 108 ? -1.124  4.846   -13.266 1.00 23.27 ? 95  SER A CB    1 
ATOM   788  O  OG    . SER A 1 108 ? -2.526  4.967   -13.092 1.00 23.04 ? 95  SER A OG    1 
ATOM   789  N  N     . PHE A 1 109 ? -2.784  2.456   -14.620 1.00 24.02 ? 96  PHE A N     1 
ATOM   790  C  CA    . PHE A 1 109 ? -3.624  1.267   -14.460 1.00 24.58 ? 96  PHE A CA    1 
ATOM   791  C  C     . PHE A 1 109 ? -3.150  0.109   -15.345 1.00 25.07 ? 96  PHE A C     1 
ATOM   792  O  O     . PHE A 1 109 ? -3.196  -1.056  -14.925 1.00 24.88 ? 96  PHE A O     1 
ATOM   793  C  CB    . PHE A 1 109 ? -5.100  1.585   -14.717 1.00 24.45 ? 96  PHE A CB    1 
ATOM   794  C  CG    . PHE A 1 109 ? -6.004  0.380   -14.616 1.00 24.59 ? 96  PHE A CG    1 
ATOM   795  C  CD1   . PHE A 1 109 ? -6.271  -0.207  -13.384 1.00 24.37 ? 96  PHE A CD1   1 
ATOM   796  C  CD2   . PHE A 1 109 ? -6.577  -0.173  -15.758 1.00 24.68 ? 96  PHE A CD2   1 
ATOM   797  C  CE1   . PHE A 1 109 ? -7.099  -1.323  -13.289 1.00 24.25 ? 96  PHE A CE1   1 
ATOM   798  C  CE2   . PHE A 1 109 ? -7.402  -1.293  -15.669 1.00 24.44 ? 96  PHE A CE2   1 
ATOM   799  C  CZ    . PHE A 1 109 ? -7.660  -1.864  -14.433 1.00 24.16 ? 96  PHE A CZ    1 
ATOM   800  N  N     . ASN A 1 110 ? -2.687  0.433   -16.554 1.00 25.43 ? 97  ASN A N     1 
ATOM   801  C  CA    . ASN A 1 110 ? -2.026  -0.542  -17.422 1.00 26.25 ? 97  ASN A CA    1 
ATOM   802  C  C     . ASN A 1 110 ? -0.789  -1.138  -16.745 1.00 26.49 ? 97  ASN A C     1 
ATOM   803  O  O     . ASN A 1 110 ? -0.471  -2.316  -16.926 1.00 26.77 ? 97  ASN A O     1 
ATOM   804  C  CB    . ASN A 1 110 ? -1.625  0.097   -18.758 1.00 26.60 ? 97  ASN A CB    1 
ATOM   805  C  CG    . ASN A 1 110 ? -2.823  0.551   -19.586 1.00 27.31 ? 97  ASN A CG    1 
ATOM   806  O  OD1   . ASN A 1 110 ? -3.941  0.063   -19.424 1.00 29.31 ? 97  ASN A OD1   1 
ATOM   807  N  ND2   . ASN A 1 110 ? -2.586  1.493   -20.485 1.00 28.43 ? 97  ASN A ND2   1 
ATOM   808  N  N     . GLY A 1 111 ? -0.108  -0.312  -15.952 1.00 26.83 ? 98  GLY A N     1 
ATOM   809  C  CA    . GLY A 1 111 ? 1.098   -0.721  -15.234 1.00 26.82 ? 98  GLY A CA    1 
ATOM   810  C  C     . GLY A 1 111 ? 0.845   -1.724  -14.124 1.00 26.84 ? 98  GLY A C     1 
ATOM   811  O  O     . GLY A 1 111 ? 1.770   -2.406  -13.689 1.00 26.43 ? 98  GLY A O     1 
ATOM   812  N  N     . VAL A 1 112 ? -0.407  -1.812  -13.667 1.00 26.92 ? 99  VAL A N     1 
ATOM   813  C  CA    . VAL A 1 112 ? -0.786  -2.749  -12.601 1.00 26.95 ? 99  VAL A CA    1 
ATOM   814  C  C     . VAL A 1 112 ? -0.421  -4.201  -12.962 1.00 27.46 ? 99  VAL A C     1 
ATOM   815  O  O     . VAL A 1 112 ? 0.168   -4.912  -12.144 1.00 27.40 ? 99  VAL A O     1 
ATOM   816  C  CB    . VAL A 1 112 ? -2.287  -2.623  -12.207 1.00 26.92 ? 99  VAL A CB    1 
ATOM   817  C  CG1   . VAL A 1 112 ? -2.719  -3.767  -11.291 1.00 26.39 ? 99  VAL A CG1   1 
ATOM   818  C  CG2   . VAL A 1 112 ? -2.558  -1.266  -11.530 1.00 26.31 ? 99  VAL A CG2   1 
ATOM   819  N  N     . LYS A 1 113 ? -0.745  -4.625  -14.186 1.00 27.81 ? 100 LYS A N     1 
ATOM   820  C  CA    . LYS A 1 113 ? -0.409  -5.982  -14.643 1.00 28.28 ? 100 LYS A CA    1 
ATOM   821  C  C     . LYS A 1 113 ? 1.085   -6.272  -14.504 1.00 28.46 ? 100 LYS A C     1 
ATOM   822  O  O     . LYS A 1 113 ? 1.483   -7.386  -14.156 1.00 28.52 ? 100 LYS A O     1 
ATOM   823  C  CB    . LYS A 1 113 ? -0.865  -6.205  -16.095 1.00 28.18 ? 100 LYS A CB    1 
ATOM   824  N  N     . MET A 1 114 ? 1.904   -5.264  -14.785 1.00 28.71 ? 101 MET A N     1 
ATOM   825  C  CA    . MET A 1 114 ? 3.349   -5.403  -14.721 1.00 29.15 ? 101 MET A CA    1 
ATOM   826  C  C     . MET A 1 114 ? 3.832   -5.443  -13.265 1.00 28.59 ? 101 MET A C     1 
ATOM   827  O  O     . MET A 1 114 ? 4.760   -6.184  -12.934 1.00 28.36 ? 101 MET A O     1 
ATOM   828  C  CB    . MET A 1 114 ? 4.039   -4.283  -15.511 1.00 30.25 ? 101 MET A CB    1 
ATOM   829  C  CG    . MET A 1 114 ? 3.596   -4.175  -16.987 1.00 32.30 ? 101 MET A CG    1 
ATOM   830  S  SD    . MET A 1 114 ? 3.657   -5.747  -17.902 1.00 39.47 ? 101 MET A SD    1 
ATOM   831  C  CE    . MET A 1 114 ? 2.976   -5.256  -19.491 1.00 35.22 ? 101 MET A CE    1 
ATOM   832  N  N     . TRP A 1 115 ? 3.192   -4.652  -12.404 1.00 27.60 ? 102 TRP A N     1 
ATOM   833  C  CA    . TRP A 1 115 ? 3.471   -4.682  -10.969 1.00 27.08 ? 102 TRP A CA    1 
ATOM   834  C  C     . TRP A 1 115 ? 3.088   -6.022  -10.340 1.00 27.54 ? 102 TRP A C     1 
ATOM   835  O  O     . TRP A 1 115 ? 3.812   -6.544  -9.492  1.00 27.30 ? 102 TRP A O     1 
ATOM   836  C  CB    . TRP A 1 115 ? 2.755   -3.542  -10.254 1.00 26.15 ? 102 TRP A CB    1 
ATOM   837  C  CG    . TRP A 1 115 ? 3.393   -2.206  -10.496 1.00 25.00 ? 102 TRP A CG    1 
ATOM   838  C  CD1   . TRP A 1 115 ? 2.811   -1.113  -11.067 1.00 23.81 ? 102 TRP A CD1   1 
ATOM   839  C  CD2   . TRP A 1 115 ? 4.740   -1.828  -10.182 1.00 23.39 ? 102 TRP A CD2   1 
ATOM   840  N  NE1   . TRP A 1 115 ? 3.710   -0.076  -11.127 1.00 23.31 ? 102 TRP A NE1   1 
ATOM   841  C  CE2   . TRP A 1 115 ? 4.902   -0.485  -10.591 1.00 23.54 ? 102 TRP A CE2   1 
ATOM   842  C  CE3   . TRP A 1 115 ? 5.825   -2.494  -9.592  1.00 22.87 ? 102 TRP A CE3   1 
ATOM   843  C  CZ2   . TRP A 1 115 ? 6.101   0.208   -10.429 1.00 23.33 ? 102 TRP A CZ2   1 
ATOM   844  C  CZ3   . TRP A 1 115 ? 7.020   -1.805  -9.438  1.00 23.91 ? 102 TRP A CZ3   1 
ATOM   845  C  CH2   . TRP A 1 115 ? 7.146   -0.463  -9.855  1.00 24.12 ? 102 TRP A CH2   1 
ATOM   846  N  N     . LEU A 1 116 ? 1.955   -6.571  -10.771 1.00 28.12 ? 103 LEU A N     1 
ATOM   847  C  CA    . LEU A 1 116 ? 1.528   -7.905  -10.350 1.00 29.23 ? 103 LEU A CA    1 
ATOM   848  C  C     . LEU A 1 116 ? 2.520   -8.981  -10.756 1.00 29.67 ? 103 LEU A C     1 
ATOM   849  O  O     . LEU A 1 116 ? 2.748   -9.939  -10.009 1.00 29.79 ? 103 LEU A O     1 
ATOM   850  C  CB    . LEU A 1 116 ? 0.159   -8.237  -10.931 1.00 29.47 ? 103 LEU A CB    1 
ATOM   851  C  CG    . LEU A 1 116 ? -1.019  -7.755  -10.100 1.00 30.67 ? 103 LEU A CG    1 
ATOM   852  C  CD1   . LEU A 1 116 ? -2.293  -8.057  -10.843 1.00 32.48 ? 103 LEU A CD1   1 
ATOM   853  C  CD2   . LEU A 1 116 ? -1.019  -8.444  -8.734  1.00 32.23 ? 103 LEU A CD2   1 
ATOM   854  N  N     . GLN A 1 117 ? 3.105   -8.816  -11.937 1.00 29.91 ? 104 GLN A N     1 
ATOM   855  C  CA    . GLN A 1 117 ? 4.114   -9.742  -12.424 1.00 30.60 ? 104 GLN A CA    1 
ATOM   856  C  C     . GLN A 1 117 ? 5.435   -9.608  -11.666 1.00 30.53 ? 104 GLN A C     1 
ATOM   857  O  O     . GLN A 1 117 ? 6.157   -10.590 -11.518 1.00 30.79 ? 104 GLN A O     1 
ATOM   858  C  CB    . GLN A 1 117 ? 4.282   -9.627  -13.946 1.00 30.76 ? 104 GLN A CB    1 
ATOM   859  C  CG    . GLN A 1 117 ? 3.344   -10.576 -14.713 1.00 32.47 ? 104 GLN A CG    1 
ATOM   860  C  CD    . GLN A 1 117 ? 2.871   -10.044 -16.069 1.00 34.37 ? 104 GLN A CD    1 
ATOM   861  O  OE1   . GLN A 1 117 ? 3.716   -9.761  -16.949 1.00 34.12 ? 104 GLN A OE1   1 
ATOM   862  N  NE2   . GLN A 1 117 ? 1.636   -9.932  -16.255 1.00 35.37 ? 104 GLN A NE2   1 
ATOM   863  N  N     . GLU A 1 118 ? 5.731   -8.409  -11.161 1.00 30.45 ? 105 GLU A N     1 
ATOM   864  C  CA    . GLU A 1 118 ? 6.864   -8.206  -10.244 1.00 30.37 ? 105 GLU A CA    1 
ATOM   865  C  C     . GLU A 1 118 ? 6.655   -8.949  -8.919  1.00 30.24 ? 105 GLU A C     1 
ATOM   866  O  O     . GLU A 1 118 ? 7.588   -9.568  -8.394  1.00 30.03 ? 105 GLU A O     1 
ATOM   867  C  CB    . GLU A 1 118 ? 7.091   -6.717  -9.965  1.00 30.36 ? 105 GLU A CB    1 
ATOM   868  C  CG    . GLU A 1 118 ? 7.700   -5.940  -11.115 1.00 31.48 ? 105 GLU A CG    1 
ATOM   869  C  CD    . GLU A 1 118 ? 9.140   -6.343  -11.397 1.00 32.20 ? 105 GLU A CD    1 
ATOM   870  O  OE1   . GLU A 1 118 ? 9.361   -7.086  -12.373 1.00 33.42 ? 105 GLU A OE1   1 
ATOM   871  O  OE2   . GLU A 1 118 ? 10.045  -5.927  -10.647 1.00 32.17 ? 105 GLU A OE2   1 
ATOM   872  N  N     . ILE A 1 119 ? 5.436   -8.861  -8.382  1.00 30.06 ? 106 ILE A N     1 
ATOM   873  C  CA    . ILE A 1 119 ? 5.042   -9.589  -7.175  1.00 30.21 ? 106 ILE A CA    1 
ATOM   874  C  C     . ILE A 1 119 ? 5.135   -11.100 -7.407  1.00 31.09 ? 106 ILE A C     1 
ATOM   875  O  O     . ILE A 1 119 ? 5.719   -11.816 -6.589  1.00 30.90 ? 106 ILE A O     1 
ATOM   876  C  CB    . ILE A 1 119 ? 3.608   -9.223  -6.723  1.00 30.12 ? 106 ILE A CB    1 
ATOM   877  C  CG1   . ILE A 1 119 ? 3.536   -7.756  -6.281  1.00 29.51 ? 106 ILE A CG1   1 
ATOM   878  C  CG2   . ILE A 1 119 ? 3.128   -10.151 -5.602  1.00 29.74 ? 106 ILE A CG2   1 
ATOM   879  C  CD1   . ILE A 1 119 ? 2.120   -7.248  -6.070  1.00 29.40 ? 106 ILE A CD1   1 
ATOM   880  N  N     . ASP A 1 120 ? 4.576   -11.565 -8.526  1.00 31.72 ? 107 ASP A N     1 
ATOM   881  C  CA    . ASP A 1 120 ? 4.619   -12.987 -8.891  1.00 32.98 ? 107 ASP A CA    1 
ATOM   882  C  C     . ASP A 1 120 ? 6.054   -13.483 -9.057  1.00 33.33 ? 107 ASP A C     1 
ATOM   883  O  O     . ASP A 1 120 ? 6.344   -14.641 -8.779  1.00 33.81 ? 107 ASP A O     1 
ATOM   884  C  CB    . ASP A 1 120 ? 3.822   -13.261 -10.175 1.00 33.05 ? 107 ASP A CB    1 
ATOM   885  C  CG    . ASP A 1 120 ? 2.340   -12.921 -10.042 1.00 34.43 ? 107 ASP A CG    1 
ATOM   886  O  OD1   . ASP A 1 120 ? 1.825   -12.783 -8.904  1.00 36.27 ? 107 ASP A OD1   1 
ATOM   887  O  OD2   . ASP A 1 120 ? 1.682   -12.784 -11.096 1.00 35.11 ? 107 ASP A OD2   1 
ATOM   888  N  N     . ARG A 1 121 ? 6.946   -12.603 -9.506  1.00 33.87 ? 108 ARG A N     1 
ATOM   889  C  CA    . ARG A 1 121 ? 8.358   -12.948 -9.659  1.00 34.13 ? 108 ARG A CA    1 
ATOM   890  C  C     . ARG A 1 121 ? 9.132   -13.046 -8.348  1.00 33.98 ? 108 ARG A C     1 
ATOM   891  O  O     . ARG A 1 121 ? 9.955   -13.946 -8.191  1.00 33.89 ? 108 ARG A O     1 
ATOM   892  C  CB    . ARG A 1 121 ? 9.069   -11.964 -10.594 1.00 34.34 ? 108 ARG A CB    1 
ATOM   893  C  CG    . ARG A 1 121 ? 8.865   -12.275 -12.054 1.00 36.10 ? 108 ARG A CG    1 
ATOM   894  C  CD    . ARG A 1 121 ? 9.090   -11.055 -12.917 1.00 39.11 ? 108 ARG A CD    1 
ATOM   895  N  NE    . ARG A 1 121 ? 8.129   -10.996 -14.019 1.00 40.50 ? 108 ARG A NE    1 
ATOM   896  C  CZ    . ARG A 1 121 ? 8.083   -10.024 -14.925 1.00 41.69 ? 108 ARG A CZ    1 
ATOM   897  N  NH1   . ARG A 1 121 ? 8.951   -9.018  -14.876 1.00 41.75 ? 108 ARG A NH1   1 
ATOM   898  N  NH2   . ARG A 1 121 ? 7.168   -10.060 -15.887 1.00 41.86 ? 108 ARG A NH2   1 
ATOM   899  N  N     . TYR A 1 122 ? 8.879   -12.123 -7.419  1.00 33.70 ? 109 TYR A N     1 
ATOM   900  C  CA    . TYR A 1 122 ? 9.754   -11.966 -6.253  1.00 33.60 ? 109 TYR A CA    1 
ATOM   901  C  C     . TYR A 1 122 ? 9.115   -12.233 -4.895  1.00 33.04 ? 109 TYR A C     1 
ATOM   902  O  O     . TYR A 1 122 ? 9.817   -12.508 -3.922  1.00 33.11 ? 109 TYR A O     1 
ATOM   903  C  CB    . TYR A 1 122 ? 10.435  -10.591 -6.256  1.00 34.10 ? 109 TYR A CB    1 
ATOM   904  C  CG    . TYR A 1 122 ? 11.181  -10.272 -7.531  1.00 35.09 ? 109 TYR A CG    1 
ATOM   905  C  CD1   . TYR A 1 122 ? 10.826  -9.166  -8.304  1.00 35.50 ? 109 TYR A CD1   1 
ATOM   906  C  CD2   . TYR A 1 122 ? 12.236  -11.082 -7.975  1.00 35.57 ? 109 TYR A CD2   1 
ATOM   907  C  CE1   . TYR A 1 122 ? 11.498  -8.868  -9.479  1.00 36.20 ? 109 TYR A CE1   1 
ATOM   908  C  CE2   . TYR A 1 122 ? 12.919  -10.790 -9.153  1.00 36.13 ? 109 TYR A CE2   1 
ATOM   909  C  CZ    . TYR A 1 122 ? 12.545  -9.681  -9.899  1.00 36.33 ? 109 TYR A CZ    1 
ATOM   910  O  OH    . TYR A 1 122 ? 13.208  -9.380  -11.070 1.00 36.88 ? 109 TYR A OH    1 
ATOM   911  N  N     . ALA A 1 123 ? 7.793   -12.133 -4.812  1.00 32.42 ? 110 ALA A N     1 
ATOM   912  C  CA    . ALA A 1 123 ? 7.110   -12.406 -3.553  1.00 31.91 ? 110 ALA A CA    1 
ATOM   913  C  C     . ALA A 1 123 ? 6.762   -13.882 -3.458  1.00 31.93 ? 110 ALA A C     1 
ATOM   914  O  O     . ALA A 1 123 ? 6.833   -14.618 -4.444  1.00 31.22 ? 110 ALA A O     1 
ATOM   915  C  CB    . ALA A 1 123 ? 5.868   -11.548 -3.403  1.00 31.69 ? 110 ALA A CB    1 
ATOM   916  N  N     . THR A 1 124 ? 6.399   -14.309 -2.257  1.00 32.02 ? 111 THR A N     1 
ATOM   917  C  CA    . THR A 1 124 ? 5.930   -15.658 -2.051  1.00 32.32 ? 111 THR A CA    1 
ATOM   918  C  C     . THR A 1 124 ? 4.540   -15.808 -2.649  1.00 31.93 ? 111 THR A C     1 
ATOM   919  O  O     . THR A 1 124 ? 3.771   -14.846 -2.709  1.00 31.74 ? 111 THR A O     1 
ATOM   920  C  CB    . THR A 1 124 ? 5.866   -15.995 -0.574  1.00 32.43 ? 111 THR A CB    1 
ATOM   921  O  OG1   . THR A 1 124 ? 6.987   -15.401 0.088   1.00 34.63 ? 111 THR A OG1   1 
ATOM   922  C  CG2   . THR A 1 124 ? 5.914   -17.499 -0.389  1.00 33.31 ? 111 THR A CG2   1 
ATOM   923  N  N     . SER A 1 125 ? 4.228   -17.025 -3.081  1.00 31.51 ? 112 SER A N     1 
ATOM   924  C  CA    . SER A 1 125 ? 2.937   -17.344 -3.678  1.00 31.13 ? 112 SER A CA    1 
ATOM   925  C  C     . SER A 1 125 ? 1.748   -16.873 -2.814  1.00 30.25 ? 112 SER A C     1 
ATOM   926  O  O     . SER A 1 125 ? 0.670   -16.575 -3.330  1.00 29.95 ? 112 SER A O     1 
ATOM   927  C  CB    . SER A 1 125 ? 2.891   -18.855 -3.953  1.00 31.31 ? 112 SER A CB    1 
ATOM   928  O  OG    . SER A 1 125 ? 1.567   -19.354 -3.964  1.00 33.68 ? 112 SER A OG    1 
ATOM   929  N  N     . THR A 1 126 ? 1.971   -16.763 -1.507  1.00 29.30 ? 113 THR A N     1 
ATOM   930  C  CA    . THR A 1 126 ? 0.891   -16.507 -0.547  1.00 28.48 ? 113 THR A CA    1 
ATOM   931  C  C     . THR A 1 126 ? 0.798   -15.048 -0.067  1.00 26.73 ? 113 THR A C     1 
ATOM   932  O  O     . THR A 1 126 ? -0.035  -14.719 0.781   1.00 26.65 ? 113 THR A O     1 
ATOM   933  C  CB    . THR A 1 126 ? 1.041   -17.421 0.690   1.00 28.79 ? 113 THR A CB    1 
ATOM   934  O  OG1   . THR A 1 126 ? 1.949   -18.498 0.401   1.00 30.53 ? 113 THR A OG1   1 
ATOM   935  C  CG2   . THR A 1 126 ? -0.305  -17.979 1.100   1.00 29.79 ? 113 THR A CG2   1 
ATOM   936  N  N     . VAL A 1 127 ? 1.645   -14.180 -0.606  1.00 24.94 ? 114 VAL A N     1 
ATOM   937  C  CA    . VAL A 1 127 ? 1.671   -12.766 -0.186  1.00 23.24 ? 114 VAL A CA    1 
ATOM   938  C  C     . VAL A 1 127 ? 0.286   -12.115 -0.329  1.00 22.36 ? 114 VAL A C     1 
ATOM   939  O  O     . VAL A 1 127 ? -0.405  -12.348 -1.315  1.00 22.10 ? 114 VAL A O     1 
ATOM   940  C  CB    . VAL A 1 127 ? 2.767   -11.979 -0.941  1.00 22.74 ? 114 VAL A CB    1 
ATOM   941  C  CG1   . VAL A 1 127 ? 2.398   -11.795 -2.411  1.00 22.41 ? 114 VAL A CG1   1 
ATOM   942  C  CG2   . VAL A 1 127 ? 3.041   -10.646 -0.269  1.00 22.55 ? 114 VAL A CG2   1 
ATOM   943  N  N     . LEU A 1 128 ? -0.132  -11.347 0.677   1.00 21.60 ? 115 LEU A N     1 
ATOM   944  C  CA    . LEU A 1 128 ? -1.412  -10.636 0.615   1.00 21.29 ? 115 LEU A CA    1 
ATOM   945  C  C     . LEU A 1 128 ? -1.329  -9.463  -0.362  1.00 21.13 ? 115 LEU A C     1 
ATOM   946  O  O     . LEU A 1 128 ? -0.323  -8.757  -0.407  1.00 20.60 ? 115 LEU A O     1 
ATOM   947  C  CB    . LEU A 1 128 ? -1.845  -10.132 1.998   1.00 21.48 ? 115 LEU A CB    1 
ATOM   948  C  CG    . LEU A 1 128 ? -2.389  -11.072 3.086   1.00 21.82 ? 115 LEU A CG    1 
ATOM   949  C  CD1   . LEU A 1 128 ? -3.351  -12.111 2.507   1.00 22.18 ? 115 LEU A CD1   1 
ATOM   950  C  CD2   . LEU A 1 128 ? -1.265  -11.751 3.868   1.00 21.29 ? 115 LEU A CD2   1 
ATOM   951  N  N     . LYS A 1 129 ? -2.388  -9.264  -1.144  1.00 20.49 ? 116 LYS A N     1 
ATOM   952  C  CA    . LYS A 1 129 ? -2.403  -8.208  -2.156  1.00 20.94 ? 116 LYS A CA    1 
ATOM   953  C  C     . LYS A 1 129 ? -3.661  -7.365  -2.049  1.00 20.14 ? 116 LYS A C     1 
ATOM   954  O  O     . LYS A 1 129 ? -4.716  -7.859  -1.644  1.00 20.11 ? 116 LYS A O     1 
ATOM   955  C  CB    . LYS A 1 129 ? -2.287  -8.794  -3.567  1.00 21.00 ? 116 LYS A CB    1 
ATOM   956  C  CG    . LYS A 1 129 ? -0.944  -9.461  -3.847  1.00 22.23 ? 116 LYS A CG    1 
ATOM   957  C  CD    . LYS A 1 129 ? -0.827  -9.951  -5.289  1.00 22.81 ? 116 LYS A CD    1 
ATOM   958  C  CE    . LYS A 1 129 ? -1.202  -11.428 -5.431  1.00 26.67 ? 116 LYS A CE    1 
ATOM   959  N  NZ    . LYS A 1 129 ? -2.666  -11.636 -5.598  1.00 28.27 ? 116 LYS A NZ    1 
ATOM   960  N  N     . LEU A 1 130 ? -3.525  -6.087  -2.401  1.00 19.47 ? 117 LEU A N     1 
ATOM   961  C  CA    . LEU A 1 130 ? -4.626  -5.134  -2.405  1.00 18.68 ? 117 LEU A CA    1 
ATOM   962  C  C     . LEU A 1 130 ? -4.420  -4.141  -3.536  1.00 18.68 ? 117 LEU A C     1 
ATOM   963  O  O     . LEU A 1 130 ? -3.318  -3.603  -3.702  1.00 17.93 ? 117 LEU A O     1 
ATOM   964  C  CB    . LEU A 1 130 ? -4.715  -4.394  -1.060  1.00 18.67 ? 117 LEU A CB    1 
ATOM   965  C  CG    . LEU A 1 130 ? -5.638  -3.159  -1.015  1.00 18.72 ? 117 LEU A CG    1 
ATOM   966  C  CD1   . LEU A 1 130 ? -7.105  -3.561  -1.140  1.00 17.98 ? 117 LEU A CD1   1 
ATOM   967  C  CD2   . LEU A 1 130 ? -5.411  -2.325  0.227   1.00 17.88 ? 117 LEU A CD2   1 
ATOM   968  N  N     . LEU A 1 131 ? -5.475  -3.911  -4.323  1.00 18.03 ? 118 LEU A N     1 
ATOM   969  C  CA    . LEU A 1 131 ? -5.419  -2.916  -5.384  1.00 17.81 ? 118 LEU A CA    1 
ATOM   970  C  C     . LEU A 1 131 ? -6.064  -1.614  -4.924  1.00 17.90 ? 118 LEU A C     1 
ATOM   971  O  O     . LEU A 1 131 ? -7.166  -1.617  -4.376  1.00 17.89 ? 118 LEU A O     1 
ATOM   972  C  CB    . LEU A 1 131 ? -6.075  -3.432  -6.675  1.00 17.50 ? 118 LEU A CB    1 
ATOM   973  C  CG    . LEU A 1 131 ? -6.077  -2.514  -7.907  1.00 17.71 ? 118 LEU A CG    1 
ATOM   974  C  CD1   . LEU A 1 131 ? -4.652  -2.250  -8.437  1.00 16.14 ? 118 LEU A CD1   1 
ATOM   975  C  CD2   . LEU A 1 131 ? -6.976  -3.085  -9.023  1.00 17.26 ? 118 LEU A CD2   1 
ATOM   976  N  N     . VAL A 1 132 ? -5.364  -0.505  -5.147  1.00 17.52 ? 119 VAL A N     1 
ATOM   977  C  CA    . VAL A 1 132 ? -5.862  0.812   -4.787  1.00 17.52 ? 119 VAL A CA    1 
ATOM   978  C  C     . VAL A 1 132 ? -5.839  1.720   -6.011  1.00 17.77 ? 119 VAL A C     1 
ATOM   979  O  O     . VAL A 1 132 ? -4.794  1.928   -6.640  1.00 17.46 ? 119 VAL A O     1 
ATOM   980  C  CB    . VAL A 1 132 ? -5.067  1.439   -3.598  1.00 17.81 ? 119 VAL A CB    1 
ATOM   981  C  CG1   . VAL A 1 132 ? -5.414  2.924   -3.417  1.00 18.17 ? 119 VAL A CG1   1 
ATOM   982  C  CG2   . VAL A 1 132 ? -5.335  0.681   -2.296  1.00 17.10 ? 119 VAL A CG2   1 
ATOM   983  N  N     . GLY A 1 133 ? -7.013  2.230   -6.363  1.00 17.85 ? 120 GLY A N     1 
ATOM   984  C  CA    . GLY A 1 133 ? -7.125  3.278   -7.359  1.00 18.16 ? 120 GLY A CA    1 
ATOM   985  C  C     . GLY A 1 133 ? -7.240  4.600   -6.644  1.00 18.42 ? 120 GLY A C     1 
ATOM   986  O  O     . GLY A 1 133 ? -8.277  4.893   -6.047  1.00 18.80 ? 120 GLY A O     1 
ATOM   987  N  N     . ASN A 1 134 ? -6.174  5.394   -6.695  1.00 18.58 ? 121 ASN A N     1 
ATOM   988  C  CA    . ASN A 1 134 ? -6.117  6.660   -5.958  1.00 18.79 ? 121 ASN A CA    1 
ATOM   989  C  C     . ASN A 1 134 ? -6.623  7.854   -6.774  1.00 18.84 ? 121 ASN A C     1 
ATOM   990  O  O     . ASN A 1 134 ? -6.832  7.739   -7.978  1.00 18.72 ? 121 ASN A O     1 
ATOM   991  C  CB    . ASN A 1 134 ? -4.694  6.918   -5.438  1.00 18.18 ? 121 ASN A CB    1 
ATOM   992  C  CG    . ASN A 1 134 ? -4.637  8.026   -4.390  1.00 18.18 ? 121 ASN A CG    1 
ATOM   993  O  OD1   . ASN A 1 134 ? -5.430  8.052   -3.450  1.00 18.70 ? 121 ASN A OD1   1 
ATOM   994  N  ND2   . ASN A 1 134 ? -3.692  8.938   -4.545  1.00 18.29 ? 121 ASN A ND2   1 
ATOM   995  N  N     . LYS A 1 135 ? -6.785  8.995   -6.099  1.00 19.36 ? 122 LYS A N     1 
ATOM   996  C  CA    . LYS A 1 135 ? -7.253  10.258  -6.689  1.00 19.68 ? 122 LYS A CA    1 
ATOM   997  C  C     . LYS A 1 135 ? -8.727  10.206  -7.092  1.00 20.10 ? 122 LYS A C     1 
ATOM   998  O  O     . LYS A 1 135 ? -9.136  10.828  -8.075  1.00 19.99 ? 122 LYS A O     1 
ATOM   999  C  CB    . LYS A 1 135 ? -6.378  10.710  -7.872  1.00 19.57 ? 122 LYS A CB    1 
ATOM   1000 C  CG    . LYS A 1 135 ? -4.878  10.678  -7.603  1.00 19.21 ? 122 LYS A CG    1 
ATOM   1001 C  CD    . LYS A 1 135 ? -4.128  11.615  -8.534  1.00 18.71 ? 122 LYS A CD    1 
ATOM   1002 C  CE    . LYS A 1 135 ? -2.632  11.490  -8.286  1.00 18.32 ? 122 LYS A CE    1 
ATOM   1003 N  NZ    . LYS A 1 135 ? -1.797  12.282  -9.229  1.00 18.55 ? 122 LYS A NZ    1 
ATOM   1004 N  N     . CYS A 1 136 ? -9.528  9.467   -6.323  1.00 20.69 ? 123 CYS A N     1 
ATOM   1005 C  CA    . CYS A 1 136 ? -10.957 9.333   -6.627  1.00 21.30 ? 123 CYS A CA    1 
ATOM   1006 C  C     . CYS A 1 136 ? -11.732 10.636  -6.372  1.00 21.57 ? 123 CYS A C     1 
ATOM   1007 O  O     . CYS A 1 136 ? -12.918 10.737  -6.701  1.00 21.64 ? 123 CYS A O     1 
ATOM   1008 C  CB    . CYS A 1 136 ? -11.575 8.132   -5.886  1.00 21.00 ? 123 CYS A CB    1 
ATOM   1009 S  SG    . CYS A 1 136 ? -11.812 8.361   -4.112  1.00 21.47 ? 123 CYS A SG    1 
ATOM   1010 N  N     . ASP A 1 137 ? -11.051 11.626  -5.789  1.00 22.14 ? 124 ASP A N     1 
ATOM   1011 C  CA    . ASP A 1 137 ? -11.591 12.983  -5.625  1.00 22.83 ? 124 ASP A CA    1 
ATOM   1012 C  C     . ASP A 1 137 ? -11.690 13.709  -6.962  1.00 23.13 ? 124 ASP A C     1 
ATOM   1013 O  O     . ASP A 1 137 ? -12.485 14.641  -7.119  1.00 23.55 ? 124 ASP A O     1 
ATOM   1014 C  CB    . ASP A 1 137 ? -10.746 13.807  -4.643  1.00 22.86 ? 124 ASP A CB    1 
ATOM   1015 C  CG    . ASP A 1 137 ? -9.279  13.901  -5.053  1.00 24.07 ? 124 ASP A CG    1 
ATOM   1016 O  OD1   . ASP A 1 137 ? -8.529  12.917  -4.869  1.00 24.31 ? 124 ASP A OD1   1 
ATOM   1017 O  OD2   . ASP A 1 137 ? -8.869  14.966  -5.556  1.00 25.09 ? 124 ASP A OD2   1 
ATOM   1018 N  N     . LEU A 1 138 ? -10.876 13.272  -7.924  1.00 23.28 ? 125 LEU A N     1 
ATOM   1019 C  CA    . LEU A 1 138 ? -10.855 13.847  -9.260  1.00 23.29 ? 125 LEU A CA    1 
ATOM   1020 C  C     . LEU A 1 138 ? -11.929 13.216  -10.152 1.00 23.72 ? 125 LEU A C     1 
ATOM   1021 O  O     . LEU A 1 138 ? -11.628 12.707  -11.225 1.00 23.36 ? 125 LEU A O     1 
ATOM   1022 C  CB    . LEU A 1 138 ? -9.456  13.691  -9.883  1.00 23.18 ? 125 LEU A CB    1 
ATOM   1023 C  CG    . LEU A 1 138 ? -8.273  14.403  -9.210  1.00 22.63 ? 125 LEU A CG    1 
ATOM   1024 C  CD1   . LEU A 1 138 ? -6.992  14.186  -10.006 1.00 20.81 ? 125 LEU A CD1   1 
ATOM   1025 C  CD2   . LEU A 1 138 ? -8.539  15.890  -9.029  1.00 22.36 ? 125 LEU A CD2   1 
ATOM   1026 N  N     . LYS A 1 139 ? -13.182 13.261  -9.697  1.00 24.84 ? 126 LYS A N     1 
ATOM   1027 C  CA    . LYS A 1 139 ? -14.318 12.623  -10.395 1.00 25.95 ? 126 LYS A CA    1 
ATOM   1028 C  C     . LYS A 1 139 ? -14.385 13.066  -11.846 1.00 26.38 ? 126 LYS A C     1 
ATOM   1029 O  O     . LYS A 1 139 ? -14.677 12.277  -12.754 1.00 25.93 ? 126 LYS A O     1 
ATOM   1030 C  CB    . LYS A 1 139 ? -15.628 12.965  -9.682  1.00 26.39 ? 126 LYS A CB    1 
ATOM   1031 C  CG    . LYS A 1 139 ? -15.743 12.343  -8.298  1.00 27.47 ? 126 LYS A CG    1 
ATOM   1032 C  CD    . LYS A 1 139 ? -16.766 13.072  -7.454  1.00 31.07 ? 126 LYS A CD    1 
ATOM   1033 C  CE    . LYS A 1 139 ? -16.952 12.396  -6.103  1.00 33.10 ? 126 LYS A CE    1 
ATOM   1034 N  NZ    . LYS A 1 139 ? -15.668 12.049  -5.431  1.00 35.32 ? 126 LYS A NZ    1 
ATOM   1035 N  N     . ASP A 1 140 ? -14.080 14.349  -12.004 1.00 27.13 ? 127 ASP A N     1 
ATOM   1036 C  CA    . ASP A 1 140 ? -13.928 15.095  -13.246 1.00 28.16 ? 127 ASP A CA    1 
ATOM   1037 C  C     . ASP A 1 140 ? -13.015 14.472  -14.302 1.00 27.97 ? 127 ASP A C     1 
ATOM   1038 O  O     . ASP A 1 140 ? -13.212 14.667  -15.508 1.00 27.80 ? 127 ASP A O     1 
ATOM   1039 C  CB    . ASP A 1 140 ? -13.281 16.423  -12.857 1.00 28.47 ? 127 ASP A CB    1 
ATOM   1040 C  CG    . ASP A 1 140 ? -13.961 17.593  -13.456 1.00 30.62 ? 127 ASP A CG    1 
ATOM   1041 O  OD1   . ASP A 1 140 ? -14.286 17.543  -14.654 1.00 34.35 ? 127 ASP A OD1   1 
ATOM   1042 O  OD2   . ASP A 1 140 ? -14.165 18.581  -12.723 1.00 34.88 ? 127 ASP A OD2   1 
ATOM   1043 N  N     . LYS A 1 141 ? -11.983 13.772  -13.840 1.00 27.48 ? 128 LYS A N     1 
ATOM   1044 C  CA    . LYS A 1 141 ? -10.875 13.389  -14.701 1.00 27.25 ? 128 LYS A CA    1 
ATOM   1045 C  C     . LYS A 1 141 ? -10.672 11.879  -14.742 1.00 26.94 ? 128 LYS A C     1 
ATOM   1046 O  O     . LYS A 1 141 ? -9.698  11.394  -15.316 1.00 26.68 ? 128 LYS A O     1 
ATOM   1047 C  CB    . LYS A 1 141 ? -9.595  14.105  -14.250 1.00 27.20 ? 128 LYS A CB    1 
ATOM   1048 C  CG    . LYS A 1 141 ? -9.676  15.637  -14.330 1.00 27.66 ? 128 LYS A CG    1 
ATOM   1049 C  CD    . LYS A 1 141 ? -8.384  16.306  -13.864 1.00 28.01 ? 128 LYS A CD    1 
ATOM   1050 C  CE    . LYS A 1 141 ? -7.241  16.062  -14.846 1.00 29.08 ? 128 LYS A CE    1 
ATOM   1051 N  NZ    . LYS A 1 141 ? -5.926  16.397  -14.234 1.00 30.09 ? 128 LYS A NZ    1 
ATOM   1052 N  N     . ARG A 1 142 ? -11.605 11.143  -14.143 1.00 26.61 ? 129 ARG A N     1 
ATOM   1053 C  CA    . ARG A 1 142 ? -11.561 9.687   -14.140 1.00 26.29 ? 129 ARG A CA    1 
ATOM   1054 C  C     . ARG A 1 142 ? -11.496 9.136   -15.557 1.00 26.33 ? 129 ARG A C     1 
ATOM   1055 O  O     . ARG A 1 142 ? -12.255 9.561   -16.432 1.00 26.29 ? 129 ARG A O     1 
ATOM   1056 C  CB    . ARG A 1 142 ? -12.774 9.116   -13.410 1.00 26.24 ? 129 ARG A CB    1 
ATOM   1057 C  CG    . ARG A 1 142 ? -12.952 7.620   -13.590 1.00 26.25 ? 129 ARG A CG    1 
ATOM   1058 C  CD    . ARG A 1 142 ? -14.198 7.124   -12.881 1.00 26.48 ? 129 ARG A CD    1 
ATOM   1059 N  NE    . ARG A 1 142 ? -14.135 7.321   -11.432 1.00 26.08 ? 129 ARG A NE    1 
ATOM   1060 C  CZ    . ARG A 1 142 ? -13.649 6.430   -10.567 1.00 25.75 ? 129 ARG A CZ    1 
ATOM   1061 N  NH1   . ARG A 1 142 ? -13.160 5.272   -10.989 1.00 25.23 ? 129 ARG A NH1   1 
ATOM   1062 N  NH2   . ARG A 1 142 ? -13.658 6.702   -9.270  1.00 24.83 ? 129 ARG A NH2   1 
ATOM   1063 N  N     . VAL A 1 143 ? -10.573 8.201   -15.772 1.00 26.08 ? 130 VAL A N     1 
ATOM   1064 C  CA    . VAL A 1 143 ? -10.441 7.495   -17.040 1.00 26.30 ? 130 VAL A CA    1 
ATOM   1065 C  C     . VAL A 1 143 ? -10.577 5.980   -16.810 1.00 26.06 ? 130 VAL A C     1 
ATOM   1066 O  O     . VAL A 1 143 ? -10.897 5.240   -17.738 1.00 25.72 ? 130 VAL A O     1 
ATOM   1067 C  CB    . VAL A 1 143 ? -9.101  7.844   -17.753 1.00 26.54 ? 130 VAL A CB    1 
ATOM   1068 C  CG1   . VAL A 1 143 ? -9.057  7.246   -19.152 1.00 27.98 ? 130 VAL A CG1   1 
ATOM   1069 C  CG2   . VAL A 1 143 ? -8.917  9.357   -17.853 1.00 26.03 ? 130 VAL A CG2   1 
ATOM   1070 N  N     . VAL A 1 144 ? -10.339 5.535   -15.572 1.00 25.68 ? 131 VAL A N     1 
ATOM   1071 C  CA    . VAL A 1 144 ? -10.465 4.119   -15.204 1.00 25.57 ? 131 VAL A CA    1 
ATOM   1072 C  C     . VAL A 1 144 ? -11.771 3.896   -14.438 1.00 26.06 ? 131 VAL A C     1 
ATOM   1073 O  O     . VAL A 1 144 ? -11.913 4.336   -13.299 1.00 25.72 ? 131 VAL A O     1 
ATOM   1074 C  CB    . VAL A 1 144 ? -9.257  3.610   -14.356 1.00 25.25 ? 131 VAL A CB    1 
ATOM   1075 C  CG1   . VAL A 1 144 ? -9.350  2.098   -14.138 1.00 24.41 ? 131 VAL A CG1   1 
ATOM   1076 C  CG2   . VAL A 1 144 ? -7.939  3.952   -15.027 1.00 24.08 ? 131 VAL A CG2   1 
ATOM   1077 N  N     . GLU A 1 145 ? -12.727 3.223   -15.072 1.00 27.05 ? 132 GLU A N     1 
ATOM   1078 C  CA    . GLU A 1 145 ? -14.033 2.970   -14.446 1.00 28.34 ? 132 GLU A CA    1 
ATOM   1079 C  C     . GLU A 1 145 ? -13.914 1.949   -13.324 1.00 28.39 ? 132 GLU A C     1 
ATOM   1080 O  O     . GLU A 1 145 ? -13.174 0.976   -13.455 1.00 28.31 ? 132 GLU A O     1 
ATOM   1081 C  CB    . GLU A 1 145 ? -15.056 2.520   -15.495 1.00 28.80 ? 132 GLU A CB    1 
ATOM   1082 C  CG    . GLU A 1 145 ? -15.522 3.664   -16.400 1.00 31.08 ? 132 GLU A CG    1 
ATOM   1083 C  CD    . GLU A 1 145 ? -15.710 3.254   -17.859 1.00 35.68 ? 132 GLU A CD    1 
ATOM   1084 O  OE1   . GLU A 1 145 ? -14.800 2.605   -18.436 1.00 37.30 ? 132 GLU A OE1   1 
ATOM   1085 O  OE2   . GLU A 1 145 ? -16.765 3.612   -18.441 1.00 37.58 ? 132 GLU A OE2   1 
ATOM   1086 N  N     . TYR A 1 146 ? -14.627 2.191   -12.223 1.00 28.78 ? 133 TYR A N     1 
ATOM   1087 C  CA    . TYR A 1 146 ? -14.594 1.303   -11.061 1.00 29.41 ? 133 TYR A CA    1 
ATOM   1088 C  C     . TYR A 1 146 ? -14.832 -0.150  -11.450 1.00 29.81 ? 133 TYR A C     1 
ATOM   1089 O  O     . TYR A 1 146 ? -14.065 -1.034  -11.053 1.00 29.43 ? 133 TYR A O     1 
ATOM   1090 C  CB    . TYR A 1 146 ? -15.615 1.729   -9.998  1.00 29.47 ? 133 TYR A CB    1 
ATOM   1091 C  CG    . TYR A 1 146 ? -15.698 0.785   -8.812  1.00 29.79 ? 133 TYR A CG    1 
ATOM   1092 C  CD1   . TYR A 1 146 ? -14.880 0.964   -7.697  1.00 29.91 ? 133 TYR A CD1   1 
ATOM   1093 C  CD2   . TYR A 1 146 ? -16.591 -0.293  -8.808  1.00 29.59 ? 133 TYR A CD2   1 
ATOM   1094 C  CE1   . TYR A 1 146 ? -14.946 0.097   -6.606  1.00 30.45 ? 133 TYR A CE1   1 
ATOM   1095 C  CE2   . TYR A 1 146 ? -16.669 -1.161  -7.725  1.00 29.31 ? 133 TYR A CE2   1 
ATOM   1096 C  CZ    . TYR A 1 146 ? -15.841 -0.964  -6.629  1.00 30.24 ? 133 TYR A CZ    1 
ATOM   1097 O  OH    . TYR A 1 146 ? -15.910 -1.815  -5.546  1.00 30.59 ? 133 TYR A OH    1 
ATOM   1098 N  N     . ASP A 1 147 ? -15.889 -0.385  -12.230 1.00 30.19 ? 134 ASP A N     1 
ATOM   1099 C  CA    . ASP A 1 147 ? -16.270 -1.738  -12.643 1.00 30.76 ? 134 ASP A CA    1 
ATOM   1100 C  C     . ASP A 1 147 ? -15.149 -2.452  -13.401 1.00 30.43 ? 134 ASP A C     1 
ATOM   1101 O  O     . ASP A 1 147 ? -15.001 -3.667  -13.278 1.00 30.82 ? 134 ASP A O     1 
ATOM   1102 C  CB    . ASP A 1 147 ? -17.553 -1.719  -13.491 1.00 31.19 ? 134 ASP A CB    1 
ATOM   1103 C  CG    . ASP A 1 147 ? -18.787 -1.261  -12.707 1.00 32.63 ? 134 ASP A CG    1 
ATOM   1104 O  OD1   . ASP A 1 147 ? -18.765 -1.216  -11.458 1.00 33.87 ? 134 ASP A OD1   1 
ATOM   1105 O  OD2   . ASP A 1 147 ? -19.803 -0.949  -13.360 1.00 35.60 ? 134 ASP A OD2   1 
ATOM   1106 N  N     . VAL A 1 148 ? -14.363 -1.699  -14.169 1.00 30.10 ? 135 VAL A N     1 
ATOM   1107 C  CA    . VAL A 1 148 ? -13.226 -2.257  -14.923 1.00 29.96 ? 135 VAL A CA    1 
ATOM   1108 C  C     . VAL A 1 148 ? -12.083 -2.727  -14.007 1.00 29.63 ? 135 VAL A C     1 
ATOM   1109 O  O     . VAL A 1 148 ? -11.577 -3.844  -14.152 1.00 29.75 ? 135 VAL A O     1 
ATOM   1110 C  CB    . VAL A 1 148 ? -12.688 -1.256  -15.977 1.00 29.95 ? 135 VAL A CB    1 
ATOM   1111 C  CG1   . VAL A 1 148 ? -11.396 -1.764  -16.617 1.00 30.06 ? 135 VAL A CG1   1 
ATOM   1112 C  CG2   . VAL A 1 148 ? -13.745 -0.996  -17.050 1.00 30.79 ? 135 VAL A CG2   1 
ATOM   1113 N  N     . ALA A 1 149 ? -11.684 -1.871  -13.070 1.00 29.27 ? 136 ALA A N     1 
ATOM   1114 C  CA    . ALA A 1 149 ? -10.647 -2.218  -12.099 1.00 28.90 ? 136 ALA A CA    1 
ATOM   1115 C  C     . ALA A 1 149 ? -11.114 -3.332  -11.169 1.00 28.94 ? 136 ALA A C     1 
ATOM   1116 O  O     . ALA A 1 149 ? -10.321 -4.198  -10.791 1.00 28.38 ? 136 ALA A O     1 
ATOM   1117 C  CB    . ALA A 1 149 ? -10.245 -1.008  -11.306 1.00 28.35 ? 136 ALA A CB    1 
ATOM   1118 N  N     . LYS A 1 150 ? -12.398 -3.291  -10.803 1.00 29.18 ? 137 LYS A N     1 
ATOM   1119 C  CA    . LYS A 1 150 ? -13.000 -4.290  -9.917  1.00 29.80 ? 137 LYS A CA    1 
ATOM   1120 C  C     . LYS A 1 150 ? -12.951 -5.686  -10.525 1.00 29.94 ? 137 LYS A C     1 
ATOM   1121 O  O     . LYS A 1 150 ? -12.602 -6.649  -9.836  1.00 30.09 ? 137 LYS A O     1 
ATOM   1122 C  CB    . LYS A 1 150 ? -14.442 -3.901  -9.548  1.00 29.96 ? 137 LYS A CB    1 
ATOM   1123 C  CG    . LYS A 1 150 ? -15.250 -4.964  -8.782  1.00 30.95 ? 137 LYS A CG    1 
ATOM   1124 C  CD    . LYS A 1 150 ? -14.643 -5.288  -7.424  1.00 32.75 ? 137 LYS A CD    1 
ATOM   1125 C  CE    . LYS A 1 150 ? -15.521 -6.257  -6.646  1.00 34.19 ? 137 LYS A CE    1 
ATOM   1126 N  NZ    . LYS A 1 150 ? -14.817 -6.789  -5.444  1.00 35.68 ? 137 LYS A NZ    1 
ATOM   1127 N  N     . GLU A 1 151 ? -13.290 -5.786  -11.810 1.00 29.99 ? 138 GLU A N     1 
ATOM   1128 C  CA    . GLU A 1 151 ? -13.232 -7.053  -12.538 1.00 29.85 ? 138 GLU A CA    1 
ATOM   1129 C  C     . GLU A 1 151 ? -11.802 -7.575  -12.597 1.00 29.91 ? 138 GLU A C     1 
ATOM   1130 O  O     . GLU A 1 151 ? -11.563 -8.776  -12.450 1.00 29.65 ? 138 GLU A O     1 
ATOM   1131 C  CB    . GLU A 1 151 ? -13.810 -6.896  -13.948 1.00 29.97 ? 138 GLU A CB    1 
ATOM   1132 N  N     . PHE A 1 152 ? -10.854 -6.666  -12.801 1.00 29.94 ? 139 PHE A N     1 
ATOM   1133 C  CA    . PHE A 1 152 ? -9.435  -7.023  -12.792 1.00 30.01 ? 139 PHE A CA    1 
ATOM   1134 C  C     . PHE A 1 152 ? -9.027  -7.589  -11.427 1.00 29.95 ? 139 PHE A C     1 
ATOM   1135 O  O     . PHE A 1 152 ? -8.415  -8.662  -11.343 1.00 29.71 ? 139 PHE A O     1 
ATOM   1136 C  CB    . PHE A 1 152 ? -8.578  -5.809  -13.160 1.00 30.26 ? 139 PHE A CB    1 
ATOM   1137 C  CG    . PHE A 1 152 ? -7.120  -6.107  -13.251 1.00 30.79 ? 139 PHE A CG    1 
ATOM   1138 C  CD1   . PHE A 1 152 ? -6.582  -6.662  -14.409 1.00 31.32 ? 139 PHE A CD1   1 
ATOM   1139 C  CD2   . PHE A 1 152 ? -6.278  -5.829  -12.187 1.00 31.28 ? 139 PHE A CD2   1 
ATOM   1140 C  CE1   . PHE A 1 152 ? -5.229  -6.940  -14.504 1.00 32.14 ? 139 PHE A CE1   1 
ATOM   1141 C  CE2   . PHE A 1 152 ? -4.926  -6.105  -12.269 1.00 32.17 ? 139 PHE A CE2   1 
ATOM   1142 C  CZ    . PHE A 1 152 ? -4.395  -6.661  -13.429 1.00 32.23 ? 139 PHE A CZ    1 
ATOM   1143 N  N     . ALA A 1 153 ? -9.383  -6.867  -10.365 1.00 29.50 ? 140 ALA A N     1 
ATOM   1144 C  CA    . ALA A 1 153 ? -9.089  -7.296  -9.007  1.00 29.57 ? 140 ALA A CA    1 
ATOM   1145 C  C     . ALA A 1 153 ? -9.724  -8.658  -8.697  1.00 29.69 ? 140 ALA A C     1 
ATOM   1146 O  O     . ALA A 1 153 ? -9.073  -9.533  -8.124  1.00 29.84 ? 140 ALA A O     1 
ATOM   1147 C  CB    . ALA A 1 153 ? -9.550  -6.238  -8.012  1.00 29.20 ? 140 ALA A CB    1 
ATOM   1148 N  N     . ASP A 1 154 ? -10.990 -8.824  -9.081  1.00 29.83 ? 141 ASP A N     1 
ATOM   1149 C  CA    . ASP A 1 154 ? -11.716 -10.084 -8.882  1.00 30.26 ? 141 ASP A CA    1 
ATOM   1150 C  C     . ASP A 1 154 ? -10.989 -11.260 -9.528  1.00 30.22 ? 141 ASP A C     1 
ATOM   1151 O  O     . ASP A 1 154 ? -10.728 -12.269 -8.870  1.00 30.58 ? 141 ASP A O     1 
ATOM   1152 C  CB    . ASP A 1 154 ? -13.139 -9.991  -9.443  1.00 30.26 ? 141 ASP A CB    1 
ATOM   1153 C  CG    . ASP A 1 154 ? -14.077 -9.217  -8.544  1.00 30.80 ? 141 ASP A CG    1 
ATOM   1154 O  OD1   . ASP A 1 154 ? -13.757 -9.013  -7.354  1.00 32.54 ? 141 ASP A OD1   1 
ATOM   1155 O  OD2   . ASP A 1 154 ? -15.153 -8.816  -9.034  1.00 32.07 ? 141 ASP A OD2   1 
ATOM   1156 N  N     . ALA A 1 155 ? -10.648 -11.111 -10.809 1.00 30.12 ? 142 ALA A N     1 
ATOM   1157 C  CA    . ALA A 1 155 ? -9.969  -12.159 -11.563 1.00 30.25 ? 142 ALA A CA    1 
ATOM   1158 C  C     . ALA A 1 155 ? -8.624  -12.526 -10.936 1.00 30.29 ? 142 ALA A C     1 
ATOM   1159 O  O     . ALA A 1 155 ? -8.142  -13.651 -11.096 1.00 30.65 ? 142 ALA A O     1 
ATOM   1160 C  CB    . ALA A 1 155 ? -9.787  -11.738 -13.015 1.00 30.15 ? 142 ALA A CB    1 
ATOM   1161 N  N     . ASN A 1 156 ? -8.033  -11.572 -10.216 1.00 29.96 ? 143 ASN A N     1 
ATOM   1162 C  CA    . ASN A 1 156 ? -6.753  -11.778 -9.538  1.00 29.45 ? 143 ASN A CA    1 
ATOM   1163 C  C     . ASN A 1 156 ? -6.905  -12.070 -8.049  1.00 28.74 ? 143 ASN A C     1 
ATOM   1164 O  O     . ASN A 1 156 ? -5.923  -12.052 -7.302  1.00 28.73 ? 143 ASN A O     1 
ATOM   1165 C  CB    . ASN A 1 156 ? -5.833  -10.582 -9.773  1.00 29.43 ? 143 ASN A CB    1 
ATOM   1166 C  CG    . ASN A 1 156 ? -5.268  -10.567 -11.163 1.00 30.37 ? 143 ASN A CG    1 
ATOM   1167 O  OD1   . ASN A 1 156 ? -4.467  -11.425 -11.523 1.00 32.13 ? 143 ASN A OD1   1 
ATOM   1168 N  ND2   . ASN A 1 156 ? -5.689  -9.601  -11.965 1.00 31.36 ? 143 ASN A ND2   1 
ATOM   1169 N  N     . LYS A 1 157 ? -8.147  -12.341 -7.643  1.00 28.09 ? 144 LYS A N     1 
ATOM   1170 C  CA    . LYS A 1 157 ? -8.502  -12.691 -6.267  1.00 27.15 ? 144 LYS A CA    1 
ATOM   1171 C  C     . LYS A 1 157 ? -7.898  -11.753 -5.209  1.00 26.46 ? 144 LYS A C     1 
ATOM   1172 O  O     . LYS A 1 157 ? -7.386  -12.204 -4.177  1.00 26.49 ? 144 LYS A O     1 
ATOM   1173 C  CB    . LYS A 1 157 ? -8.151  -14.166 -5.970  1.00 27.85 ? 144 LYS A CB    1 
ATOM   1174 N  N     . MET A 1 158 ? -7.966  -10.448 -5.466  1.00 24.86 ? 145 MET A N     1 
ATOM   1175 C  CA    . MET A 1 158 ? -7.516  -9.469  -4.479  1.00 23.47 ? 145 MET A CA    1 
ATOM   1176 C  C     . MET A 1 158 ? -8.577  -8.409  -4.228  1.00 22.70 ? 145 MET A C     1 
ATOM   1177 O  O     . MET A 1 158 ? -9.335  -8.065  -5.134  1.00 22.40 ? 145 MET A O     1 
ATOM   1178 C  CB    . MET A 1 158 ? -6.185  -8.826  -4.889  1.00 23.50 ? 145 MET A CB    1 
ATOM   1179 C  CG    . MET A 1 158 ? -6.252  -7.895  -6.089  1.00 23.35 ? 145 MET A CG    1 
ATOM   1180 S  SD    . MET A 1 158 ? -4.613  -7.293  -6.521  1.00 22.38 ? 145 MET A SD    1 
ATOM   1181 C  CE    . MET A 1 158 ? -4.810  -7.102  -8.286  1.00 22.52 ? 145 MET A CE    1 
ATOM   1182 N  N     . PRO A 1 159 ? -8.648  -7.906  -2.987  1.00 21.99 ? 146 PRO A N     1 
ATOM   1183 C  CA    . PRO A 1 159 ? -9.577  -6.827  -2.712  1.00 21.64 ? 146 PRO A CA    1 
ATOM   1184 C  C     . PRO A 1 159 ? -9.162  -5.563  -3.454  1.00 21.50 ? 146 PRO A C     1 
ATOM   1185 O  O     . PRO A 1 159 ? -8.017  -5.443  -3.904  1.00 21.06 ? 146 PRO A O     1 
ATOM   1186 C  CB    . PRO A 1 159 ? -9.473  -6.636  -1.198  1.00 21.54 ? 146 PRO A CB    1 
ATOM   1187 C  CG    . PRO A 1 159 ? -8.173  -7.221  -0.813  1.00 21.76 ? 146 PRO A CG    1 
ATOM   1188 C  CD    . PRO A 1 159 ? -7.895  -8.317  -1.790  1.00 21.81 ? 146 PRO A CD    1 
ATOM   1189 N  N     . PHE A 1 160 ? -10.106 -4.643  -3.585  1.00 21.49 ? 147 PHE A N     1 
ATOM   1190 C  CA    . PHE A 1 160 ? -9.922  -3.421  -4.359  1.00 21.49 ? 147 PHE A CA    1 
ATOM   1191 C  C     . PHE A 1 160 ? -10.679 -2.282  -3.682  1.00 21.68 ? 147 PHE A C     1 
ATOM   1192 O  O     . PHE A 1 160 ? -11.826 -2.453  -3.266  1.00 20.83 ? 147 PHE A O     1 
ATOM   1193 C  CB    . PHE A 1 160 ? -10.416 -3.630  -5.797  1.00 21.24 ? 147 PHE A CB    1 
ATOM   1194 C  CG    . PHE A 1 160 ? -10.583 -2.350  -6.584  1.00 21.95 ? 147 PHE A CG    1 
ATOM   1195 C  CD1   . PHE A 1 160 ? -9.529  -1.438  -6.708  1.00 20.09 ? 147 PHE A CD1   1 
ATOM   1196 C  CD2   . PHE A 1 160 ? -11.795 -2.065  -7.213  1.00 21.27 ? 147 PHE A CD2   1 
ATOM   1197 C  CE1   . PHE A 1 160 ? -9.690  -0.258  -7.432  1.00 21.94 ? 147 PHE A CE1   1 
ATOM   1198 C  CE2   . PHE A 1 160 ? -11.959 -0.896  -7.947  1.00 21.53 ? 147 PHE A CE2   1 
ATOM   1199 C  CZ    . PHE A 1 160 ? -10.910 0.012   -8.052  1.00 21.74 ? 147 PHE A CZ    1 
ATOM   1200 N  N     . LEU A 1 161 ? -10.002 -1.140  -3.554  1.00 21.86 ? 148 LEU A N     1 
ATOM   1201 C  CA    . LEU A 1 161 ? -10.565 0.078   -2.973  1.00 22.29 ? 148 LEU A CA    1 
ATOM   1202 C  C     . LEU A 1 161 ? -10.125 1.283   -3.795  1.00 22.06 ? 148 LEU A C     1 
ATOM   1203 O  O     . LEU A 1 161 ? -8.986  1.340   -4.271  1.00 21.90 ? 148 LEU A O     1 
ATOM   1204 C  CB    . LEU A 1 161 ? -10.085 0.283   -1.528  1.00 22.51 ? 148 LEU A CB    1 
ATOM   1205 C  CG    . LEU A 1 161 ? -10.739 -0.428  -0.337  1.00 23.99 ? 148 LEU A CG    1 
ATOM   1206 C  CD1   . LEU A 1 161 ? -9.953  -1.651  0.045   1.00 24.50 ? 148 LEU A CD1   1 
ATOM   1207 C  CD2   . LEU A 1 161 ? -10.796 0.494   0.856   1.00 25.06 ? 148 LEU A CD2   1 
ATOM   1208 N  N     . GLU A 1 162 ? -11.028 2.245   -3.954  1.00 21.71 ? 149 GLU A N     1 
ATOM   1209 C  CA    . GLU A 1 162 ? -10.676 3.544   -4.521  1.00 21.33 ? 149 GLU A CA    1 
ATOM   1210 C  C     . GLU A 1 162 ? -10.501 4.542   -3.393  1.00 21.15 ? 149 GLU A C     1 
ATOM   1211 O  O     . GLU A 1 162 ? -11.272 4.561   -2.437  1.00 21.13 ? 149 GLU A O     1 
ATOM   1212 C  CB    . GLU A 1 162 ? -11.717 4.018   -5.537  1.00 21.32 ? 149 GLU A CB    1 
ATOM   1213 C  CG    . GLU A 1 162 ? -11.687 3.195   -6.825  1.00 21.57 ? 149 GLU A CG    1 
ATOM   1214 C  CD    . GLU A 1 162 ? -12.633 3.703   -7.886  1.00 23.47 ? 149 GLU A CD    1 
ATOM   1215 O  OE1   . GLU A 1 162 ? -13.603 4.404   -7.539  1.00 23.80 ? 149 GLU A OE1   1 
ATOM   1216 O  OE2   . GLU A 1 162 ? -12.406 3.396   -9.074  1.00 24.25 ? 149 GLU A OE2   1 
ATOM   1217 N  N     . THR A 1 163 ? -9.463  5.358   -3.493  1.00 20.68 ? 150 THR A N     1 
ATOM   1218 C  CA    . THR A 1 163 ? -9.077  6.208   -2.381  1.00 20.36 ? 150 THR A CA    1 
ATOM   1219 C  C     . THR A 1 163 ? -8.766  7.612   -2.879  1.00 20.44 ? 150 THR A C     1 
ATOM   1220 O  O     . THR A 1 163 ? -8.612  7.845   -4.079  1.00 20.15 ? 150 THR A O     1 
ATOM   1221 C  CB    . THR A 1 163 ? -7.817  5.664   -1.680  1.00 20.18 ? 150 THR A CB    1 
ATOM   1222 O  OG1   . THR A 1 163 ? -6.717  5.762   -2.583  1.00 19.71 ? 150 THR A OG1   1 
ATOM   1223 C  CG2   . THR A 1 163 ? -7.999  4.193   -1.254  1.00 19.90 ? 150 THR A CG2   1 
ATOM   1224 N  N     . SER A 1 164 ? -8.678  8.540   -1.939  1.00 20.48 ? 151 SER A N     1 
ATOM   1225 C  CA    . SER A 1 164 ? -8.179  9.870   -2.222  1.00 20.46 ? 151 SER A CA    1 
ATOM   1226 C  C     . SER A 1 164 ? -7.357  10.313  -1.027  1.00 20.41 ? 151 SER A C     1 
ATOM   1227 O  O     . SER A 1 164 ? -7.892  10.521  0.070   1.00 20.11 ? 151 SER A O     1 
ATOM   1228 C  CB    . SER A 1 164 ? -9.331  10.840  -2.498  1.00 20.32 ? 151 SER A CB    1 
ATOM   1229 O  OG    . SER A 1 164 ? -8.916  12.184  -2.326  1.00 21.38 ? 151 SER A OG    1 
ATOM   1230 N  N     . ALA A 1 165 ? -6.048  10.426  -1.234  1.00 20.72 ? 152 ALA A N     1 
ATOM   1231 C  CA    . ALA A 1 165 ? -5.149  10.961  -0.211  1.00 21.51 ? 152 ALA A CA    1 
ATOM   1232 C  C     . ALA A 1 165 ? -5.488  12.421  0.065   1.00 22.08 ? 152 ALA A C     1 
ATOM   1233 O  O     . ALA A 1 165 ? -5.275  12.919  1.172   1.00 22.14 ? 152 ALA A O     1 
ATOM   1234 C  CB    . ALA A 1 165 ? -3.710  10.831  -0.657  1.00 21.29 ? 152 ALA A CB    1 
ATOM   1235 N  N     . LEU A 1 166 ? -6.007  13.101  -0.957  1.00 22.92 ? 153 LEU A N     1 
ATOM   1236 C  CA    . LEU A 1 166 ? -6.409  14.499  -0.844  1.00 23.71 ? 153 LEU A CA    1 
ATOM   1237 C  C     . LEU A 1 166 ? -7.525  14.723  0.181   1.00 24.23 ? 153 LEU A C     1 
ATOM   1238 O  O     . LEU A 1 166 ? -7.361  15.541  1.086   1.00 24.64 ? 153 LEU A O     1 
ATOM   1239 C  CB    . LEU A 1 166 ? -6.771  15.082  -2.225  1.00 23.75 ? 153 LEU A CB    1 
ATOM   1240 C  CG    . LEU A 1 166 ? -7.322  16.515  -2.404  1.00 23.84 ? 153 LEU A CG    1 
ATOM   1241 C  CD1   . LEU A 1 166 ? -6.714  17.520  -1.460  1.00 25.63 ? 153 LEU A CD1   1 
ATOM   1242 C  CD2   . LEU A 1 166 ? -7.107  16.991  -3.816  1.00 23.56 ? 153 LEU A CD2   1 
ATOM   1243 N  N     . ASP A 1 167 ? -8.642  13.996  0.057   1.00 24.87 ? 154 ASP A N     1 
ATOM   1244 C  CA    . ASP A 1 167 ? -9.795  14.231  0.935   1.00 25.21 ? 154 ASP A CA    1 
ATOM   1245 C  C     . ASP A 1 167 ? -10.081 13.124  1.959   1.00 25.44 ? 154 ASP A C     1 
ATOM   1246 O  O     . ASP A 1 167 ? -11.132 13.139  2.624   1.00 25.47 ? 154 ASP A O     1 
ATOM   1247 C  CB    . ASP A 1 167 ? -11.053 14.601  0.129   1.00 25.38 ? 154 ASP A CB    1 
ATOM   1248 C  CG    . ASP A 1 167 ? -11.629 13.437  -0.661  1.00 25.91 ? 154 ASP A CG    1 
ATOM   1249 O  OD1   . ASP A 1 167 ? -11.448 12.258  -0.268  1.00 26.00 ? 154 ASP A OD1   1 
ATOM   1250 O  OD2   . ASP A 1 167 ? -12.301 13.710  -1.681  1.00 26.40 ? 154 ASP A OD2   1 
ATOM   1251 N  N     . SER A 1 168 ? -9.146  12.176  2.066   1.00 25.00 ? 155 SER A N     1 
ATOM   1252 C  CA    . SER A 1 168 ? -9.169  11.089  3.064   1.00 25.11 ? 155 SER A CA    1 
ATOM   1253 C  C     . SER A 1 168 ? -10.028 9.874   2.714   1.00 24.67 ? 155 SER A C     1 
ATOM   1254 O  O     . SER A 1 168 ? -10.004 8.892   3.455   1.00 24.51 ? 155 SER A O     1 
ATOM   1255 C  CB    . SER A 1 168 ? -9.534  11.590  4.468   1.00 24.98 ? 155 SER A CB    1 
ATOM   1256 O  OG    . SER A 1 168 ? -8.561  12.506  4.939   1.00 27.18 ? 155 SER A OG    1 
ATOM   1257 N  N     . THR A 1 169 ? -10.778 9.933   1.611   1.00 24.17 ? 156 THR A N     1 
ATOM   1258 C  CA    . THR A 1 169 ? -11.698 8.846   1.255   1.00 24.01 ? 156 THR A CA    1 
ATOM   1259 C  C     . THR A 1 169 ? -11.007 7.477   1.226   1.00 23.90 ? 156 THR A C     1 
ATOM   1260 O  O     . THR A 1 169 ? -10.038 7.278   0.496   1.00 23.60 ? 156 THR A O     1 
ATOM   1261 C  CB    . THR A 1 169 ? -12.394 9.095   -0.098  1.00 24.20 ? 156 THR A CB    1 
ATOM   1262 O  OG1   . THR A 1 169 ? -13.164 10.296  -0.017  1.00 23.99 ? 156 THR A OG1   1 
ATOM   1263 C  CG2   . THR A 1 169 ? -13.316 7.930   -0.465  1.00 23.94 ? 156 THR A CG2   1 
ATOM   1264 N  N     . ASN A 1 170 ? -11.509 6.559   2.051   1.00 23.62 ? 157 ASN A N     1 
ATOM   1265 C  CA    . ASN A 1 170 ? -11.055 5.159   2.089   1.00 23.62 ? 157 ASN A CA    1 
ATOM   1266 C  C     . ASN A 1 170 ? -9.603  4.887   2.487   1.00 23.24 ? 157 ASN A C     1 
ATOM   1267 O  O     . ASN A 1 170 ? -9.204  3.725   2.539   1.00 22.95 ? 157 ASN A O     1 
ATOM   1268 C  CB    . ASN A 1 170 ? -11.368 4.445   0.772   1.00 23.64 ? 157 ASN A CB    1 
ATOM   1269 C  CG    . ASN A 1 170 ? -12.834 4.120   0.623   1.00 24.97 ? 157 ASN A CG    1 
ATOM   1270 O  OD1   . ASN A 1 170 ? -13.579 4.093   1.607   1.00 27.49 ? 157 ASN A OD1   1 
ATOM   1271 N  ND2   . ASN A 1 170 ? -13.262 3.866   -0.610  1.00 24.76 ? 157 ASN A ND2   1 
ATOM   1272 N  N     . VAL A 1 171 ? -8.832  5.935   2.779   1.00 23.30 ? 158 VAL A N     1 
ATOM   1273 C  CA    . VAL A 1 171 ? -7.403  5.787   3.078   1.00 23.56 ? 158 VAL A CA    1 
ATOM   1274 C  C     . VAL A 1 171 ? -7.151  4.866   4.271   1.00 24.41 ? 158 VAL A C     1 
ATOM   1275 O  O     . VAL A 1 171 ? -6.376  3.914   4.172   1.00 24.25 ? 158 VAL A O     1 
ATOM   1276 C  CB    . VAL A 1 171 ? -6.683  7.144   3.306   1.00 23.40 ? 158 VAL A CB    1 
ATOM   1277 C  CG1   . VAL A 1 171 ? -5.199  6.920   3.613   1.00 22.45 ? 158 VAL A CG1   1 
ATOM   1278 C  CG2   . VAL A 1 171 ? -6.834  8.050   2.091   1.00 21.90 ? 158 VAL A CG2   1 
ATOM   1279 N  N     . GLU A 1 172 ? -7.801  5.157   5.397   1.00 25.44 ? 159 GLU A N     1 
ATOM   1280 C  CA    . GLU A 1 172 ? -7.677  4.322   6.586   1.00 26.67 ? 159 GLU A CA    1 
ATOM   1281 C  C     . GLU A 1 172 ? -8.193  2.917   6.280   1.00 26.43 ? 159 GLU A C     1 
ATOM   1282 O  O     . GLU A 1 172 ? -7.552  1.924   6.625   1.00 26.50 ? 159 GLU A O     1 
ATOM   1283 C  CB    . GLU A 1 172 ? -8.418  4.942   7.776   1.00 26.71 ? 159 GLU A CB    1 
ATOM   1284 C  CG    . GLU A 1 172 ? -8.068  4.301   9.127   1.00 28.46 ? 159 GLU A CG    1 
ATOM   1285 C  CD    . GLU A 1 172 ? -8.853  4.886   10.301  1.00 28.57 ? 159 GLU A CD    1 
ATOM   1286 O  OE1   . GLU A 1 172 ? -10.001 5.343   10.103  1.00 31.58 ? 159 GLU A OE1   1 
ATOM   1287 O  OE2   . GLU A 1 172 ? -8.316  4.885   11.429  1.00 31.31 ? 159 GLU A OE2   1 
ATOM   1288 N  N     . ASP A 1 173 ? -9.336  2.847   5.601   1.00 26.65 ? 160 ASP A N     1 
ATOM   1289 C  CA    . ASP A 1 173 ? -9.906  1.571   5.156   1.00 26.65 ? 160 ASP A CA    1 
ATOM   1290 C  C     . ASP A 1 173 ? -8.951  0.708   4.330   1.00 26.02 ? 160 ASP A C     1 
ATOM   1291 O  O     . ASP A 1 173 ? -8.863  -0.495  4.563   1.00 26.18 ? 160 ASP A O     1 
ATOM   1292 C  CB    . ASP A 1 173 ? -11.220 1.792   4.397   1.00 27.14 ? 160 ASP A CB    1 
ATOM   1293 C  CG    . ASP A 1 173 ? -12.424 1.856   5.321   1.00 28.46 ? 160 ASP A CG    1 
ATOM   1294 O  OD1   . ASP A 1 173 ? -12.350 2.513   6.382   1.00 31.19 ? 160 ASP A OD1   1 
ATOM   1295 O  OD2   . ASP A 1 173 ? -13.451 1.236   4.985   1.00 32.28 ? 160 ASP A OD2   1 
ATOM   1296 N  N     . ALA A 1 174 ? -8.235  1.318   3.385   1.00 25.39 ? 161 ALA A N     1 
ATOM   1297 C  CA    . ALA A 1 174 ? -7.266  0.594   2.551   1.00 24.95 ? 161 ALA A CA    1 
ATOM   1298 C  C     . ALA A 1 174 ? -6.190  -0.086  3.395   1.00 24.52 ? 161 ALA A C     1 
ATOM   1299 O  O     . ALA A 1 174 ? -5.949  -1.288  3.260   1.00 24.62 ? 161 ALA A O     1 
ATOM   1300 C  CB    . ALA A 1 174 ? -6.623  1.530   1.518   1.00 24.71 ? 161 ALA A CB    1 
ATOM   1301 N  N     . PHE A 1 175 ? -5.553  0.690   4.268   1.00 23.98 ? 162 PHE A N     1 
ATOM   1302 C  CA    . PHE A 1 175 ? -4.474  0.178   5.108   1.00 23.37 ? 162 PHE A CA    1 
ATOM   1303 C  C     . PHE A 1 175 ? -4.972  -0.809  6.175   1.00 23.48 ? 162 PHE A C     1 
ATOM   1304 O  O     . PHE A 1 175 ? -4.298  -1.802  6.462   1.00 23.14 ? 162 PHE A O     1 
ATOM   1305 C  CB    . PHE A 1 175 ? -3.680  1.331   5.730   1.00 22.94 ? 162 PHE A CB    1 
ATOM   1306 C  CG    . PHE A 1 175 ? -2.794  2.059   4.748   1.00 22.37 ? 162 PHE A CG    1 
ATOM   1307 C  CD1   . PHE A 1 175 ? -3.185  3.286   4.209   1.00 21.62 ? 162 PHE A CD1   1 
ATOM   1308 C  CD2   . PHE A 1 175 ? -1.566  1.519   4.362   1.00 22.30 ? 162 PHE A CD2   1 
ATOM   1309 C  CE1   . PHE A 1 175 ? -2.364  3.966   3.305   1.00 21.07 ? 162 PHE A CE1   1 
ATOM   1310 C  CE2   . PHE A 1 175 ? -0.738  2.192   3.447   1.00 21.84 ? 162 PHE A CE2   1 
ATOM   1311 C  CZ    . PHE A 1 175 ? -1.139  3.419   2.923   1.00 21.13 ? 162 PHE A CZ    1 
ATOM   1312 N  N     . LEU A 1 176 ? -6.158  -0.552  6.734   1.00 23.50 ? 163 LEU A N     1 
ATOM   1313 C  CA    . LEU A 1 176 ? -6.763  -1.489  7.694   1.00 24.04 ? 163 LEU A CA    1 
ATOM   1314 C  C     . LEU A 1 176 ? -7.230  -2.777  7.019   1.00 23.74 ? 163 LEU A C     1 
ATOM   1315 O  O     . LEU A 1 176 ? -7.100  -3.853  7.592   1.00 24.20 ? 163 LEU A O     1 
ATOM   1316 C  CB    . LEU A 1 176 ? -7.895  -0.844  8.507   1.00 24.12 ? 163 LEU A CB    1 
ATOM   1317 C  CG    . LEU A 1 176 ? -7.494  0.273   9.487   1.00 25.32 ? 163 LEU A CG    1 
ATOM   1318 C  CD1   . LEU A 1 176 ? -8.736  0.891   10.124  1.00 26.19 ? 163 LEU A CD1   1 
ATOM   1319 C  CD2   . LEU A 1 176 ? -6.526  -0.222  10.557  1.00 25.31 ? 163 LEU A CD2   1 
ATOM   1320 N  N     . THR A 1 177 ? -7.758  -2.666  5.804   1.00 23.59 ? 164 THR A N     1 
ATOM   1321 C  CA    . THR A 1 177 ? -8.088  -3.847  5.006   1.00 23.58 ? 164 THR A CA    1 
ATOM   1322 C  C     . THR A 1 177 ? -6.880  -4.776  4.888   1.00 23.29 ? 164 THR A C     1 
ATOM   1323 O  O     . THR A 1 177 ? -6.982  -5.967  5.162   1.00 23.25 ? 164 THR A O     1 
ATOM   1324 C  CB    . THR A 1 177 ? -8.609  -3.461  3.603   1.00 23.61 ? 164 THR A CB    1 
ATOM   1325 O  OG1   . THR A 1 177 ? -9.866  -2.790  3.747   1.00 24.51 ? 164 THR A OG1   1 
ATOM   1326 C  CG2   . THR A 1 177 ? -8.796  -4.696  2.720   1.00 23.31 ? 164 THR A CG2   1 
ATOM   1327 N  N     . MET A 1 178 ? -5.736  -4.219  4.496   1.00 22.87 ? 165 MET A N     1 
ATOM   1328 C  CA    . MET A 1 178 ? -4.522  -5.000  4.354   1.00 22.30 ? 165 MET A CA    1 
ATOM   1329 C  C     . MET A 1 178 ? -4.059  -5.547  5.707   1.00 22.39 ? 165 MET A C     1 
ATOM   1330 O  O     . MET A 1 178 ? -3.688  -6.715  5.808   1.00 21.79 ? 165 MET A O     1 
ATOM   1331 C  CB    . MET A 1 178 ? -3.432  -4.173  3.651   1.00 22.27 ? 165 MET A CB    1 
ATOM   1332 C  CG    . MET A 1 178 ? -2.066  -4.846  3.540   1.00 21.61 ? 165 MET A CG    1 
ATOM   1333 S  SD    . MET A 1 178 ? -2.096  -6.521  2.886   1.00 21.69 ? 165 MET A SD    1 
ATOM   1334 C  CE    . MET A 1 178 ? -2.348  -6.218  1.139   1.00 18.97 ? 165 MET A CE    1 
ATOM   1335 N  N     . ALA A 1 179 ? -4.108  -4.708  6.743   1.00 22.74 ? 166 ALA A N     1 
ATOM   1336 C  CA    . ALA A 1 179 ? -3.751  -5.127  8.109   1.00 23.39 ? 166 ALA A CA    1 
ATOM   1337 C  C     . ALA A 1 179 ? -4.592  -6.318  8.576   1.00 24.08 ? 166 ALA A C     1 
ATOM   1338 O  O     . ALA A 1 179 ? -4.056  -7.275  9.144   1.00 24.30 ? 166 ALA A O     1 
ATOM   1339 C  CB    . ALA A 1 179 ? -3.872  -3.964  9.087   1.00 23.11 ? 166 ALA A CB    1 
ATOM   1340 N  N     . ARG A 1 180 ? -5.898  -6.249  8.322   1.00 24.91 ? 167 ARG A N     1 
ATOM   1341 C  CA    . ARG A 1 180 ? -6.828  -7.341  8.620   1.00 26.09 ? 167 ARG A CA    1 
ATOM   1342 C  C     . ARG A 1 180 ? -6.526  -8.615  7.831   1.00 25.41 ? 167 ARG A C     1 
ATOM   1343 O  O     . ARG A 1 180 ? -6.583  -9.705  8.393   1.00 25.34 ? 167 ARG A O     1 
ATOM   1344 C  CB    . ARG A 1 180 ? -8.275  -6.909  8.374   1.00 25.98 ? 167 ARG A CB    1 
ATOM   1345 C  CG    . ARG A 1 180 ? -8.941  -6.269  9.579   1.00 28.17 ? 167 ARG A CG    1 
ATOM   1346 C  CD    . ARG A 1 180 ? -10.391 -5.867  9.283   1.00 29.00 ? 167 ARG A CD    1 
ATOM   1347 N  NE    . ARG A 1 180 ? -10.469 -4.750  8.342   1.00 34.50 ? 167 ARG A NE    1 
ATOM   1348 C  CZ    . ARG A 1 180 ? -11.599 -4.183  7.925   1.00 37.39 ? 167 ARG A CZ    1 
ATOM   1349 N  NH1   . ARG A 1 180 ? -12.777 -4.622  8.363   1.00 39.68 ? 167 ARG A NH1   1 
ATOM   1350 N  NH2   . ARG A 1 180 ? -11.553 -3.170  7.062   1.00 39.02 ? 167 ARG A NH2   1 
ATOM   1351 N  N     . GLN A 1 181 ? -6.214  -8.472  6.538   1.00 25.28 ? 168 GLN A N     1 
ATOM   1352 C  CA    . GLN A 1 181 ? -5.818  -9.604  5.678   1.00 25.08 ? 168 GLN A CA    1 
ATOM   1353 C  C     . GLN A 1 181 ? -4.630  -10.366 6.258   1.00 25.13 ? 168 GLN A C     1 
ATOM   1354 O  O     . GLN A 1 181 ? -4.597  -11.599 6.220   1.00 25.14 ? 168 GLN A O     1 
ATOM   1355 C  CB    . GLN A 1 181 ? -5.408  -9.108  4.297   1.00 25.23 ? 168 GLN A CB    1 
ATOM   1356 C  CG    . GLN A 1 181 ? -6.516  -8.894  3.298   1.00 25.25 ? 168 GLN A CG    1 
ATOM   1357 C  CD    . GLN A 1 181 ? -6.001  -8.172  2.074   1.00 25.73 ? 168 GLN A CD    1 
ATOM   1358 O  OE1   . GLN A 1 181 ? -5.908  -6.941  2.058   1.00 26.95 ? 168 GLN A OE1   1 
ATOM   1359 N  NE2   . GLN A 1 181 ? -5.644  -8.929  1.046   1.00 25.95 ? 168 GLN A NE2   1 
ATOM   1360 N  N     . ILE A 1 182 ? -3.651  -9.618  6.772   1.00 24.84 ? 169 ILE A N     1 
ATOM   1361 C  CA    . ILE A 1 182 ? -2.452  -10.190 7.382   1.00 24.98 ? 169 ILE A CA    1 
ATOM   1362 C  C     . ILE A 1 182 ? -2.774  -10.825 8.737   1.00 25.51 ? 169 ILE A C     1 
ATOM   1363 O  O     . ILE A 1 182 ? -2.327  -11.928 9.021   1.00 25.29 ? 169 ILE A O     1 
ATOM   1364 C  CB    . ILE A 1 182 ? -1.315  -9.142  7.532   1.00 24.69 ? 169 ILE A CB    1 
ATOM   1365 C  CG1   . ILE A 1 182 ? -0.946  -8.556  6.167   1.00 23.90 ? 169 ILE A CG1   1 
ATOM   1366 C  CG2   . ILE A 1 182 ? -0.090  -9.763  8.183   1.00 24.43 ? 169 ILE A CG2   1 
ATOM   1367 C  CD1   . ILE A 1 182 ? -0.149  -7.285  6.248   1.00 21.46 ? 169 ILE A CD1   1 
ATOM   1368 N  N     . LYS A 1 183 ? -3.559  -10.133 9.559   1.00 26.35 ? 170 LYS A N     1 
ATOM   1369 C  CA    . LYS A 1 183 ? -3.958  -10.658 10.873  1.00 27.33 ? 170 LYS A CA    1 
ATOM   1370 C  C     . LYS A 1 183 ? -4.827  -11.926 10.781  1.00 27.81 ? 170 LYS A C     1 
ATOM   1371 O  O     . LYS A 1 183 ? -4.693  -12.840 11.603  1.00 27.93 ? 170 LYS A O     1 
ATOM   1372 C  CB    . LYS A 1 183 ? -4.668  -9.576  11.692  1.00 27.68 ? 170 LYS A CB    1 
ATOM   1373 C  CG    . LYS A 1 183 ? -4.789  -9.892  13.170  1.00 28.93 ? 170 LYS A CG    1 
ATOM   1374 C  CD    . LYS A 1 183 ? -5.539  -8.799  13.895  1.00 31.48 ? 170 LYS A CD    1 
ATOM   1375 C  CE    . LYS A 1 183 ? -5.431  -8.954  15.409  1.00 33.89 ? 170 LYS A CE    1 
ATOM   1376 N  NZ    . LYS A 1 183 ? -6.214  -10.119 15.925  1.00 34.85 ? 170 LYS A NZ    1 
ATOM   1377 N  N     . GLU A 1 184 ? -5.714  -11.969 9.789   1.00 28.40 ? 171 GLU A N     1 
ATOM   1378 C  CA    . GLU A 1 184 ? -6.575  -13.131 9.553   1.00 29.09 ? 171 GLU A CA    1 
ATOM   1379 C  C     . GLU A 1 184 ? -5.789  -14.290 8.953   1.00 28.73 ? 171 GLU A C     1 
ATOM   1380 O  O     . GLU A 1 184 ? -6.298  -15.400 8.869   1.00 28.56 ? 171 GLU A O     1 
ATOM   1381 C  CB    . GLU A 1 184 ? -7.722  -12.779 8.609   1.00 29.29 ? 171 GLU A CB    1 
ATOM   1382 C  CG    . GLU A 1 184 ? -8.855  -11.990 9.230   1.00 32.29 ? 171 GLU A CG    1 
ATOM   1383 C  CD    . GLU A 1 184 ? -9.741  -11.326 8.183   1.00 35.81 ? 171 GLU A CD    1 
ATOM   1384 O  OE1   . GLU A 1 184 ? -9.644  -11.693 6.987   1.00 36.27 ? 171 GLU A OE1   1 
ATOM   1385 O  OE2   . GLU A 1 184 ? -10.533 -10.427 8.559   1.00 39.20 ? 171 GLU A OE2   1 
ATOM   1386 N  N     . SER A 1 185 ? -4.565  -14.013 8.510   1.00 28.69 ? 172 SER A N     1 
ATOM   1387 C  CA    . SER A 1 185 ? -3.679  -15.041 7.984   1.00 28.97 ? 172 SER A CA    1 
ATOM   1388 C  C     . SER A 1 185 ? -3.099  -15.900 9.106   1.00 29.03 ? 172 SER A C     1 
ATOM   1389 O  O     . SER A 1 185 ? -2.524  -16.953 8.838   1.00 29.44 ? 172 SER A O     1 
ATOM   1390 C  CB    . SER A 1 185 ? -2.552  -14.411 7.168   1.00 28.89 ? 172 SER A CB    1 
ATOM   1391 O  OG    . SER A 1 185 ? -3.050  -13.886 5.953   1.00 29.70 ? 172 SER A OG    1 
HETATM 1392 MG MG    . MG  B 2 .   ? 6.427   8.934   -3.615  1.00 17.21 ? 301 MG  A MG    1 
HETATM 1393 P  PG    . GNP C 3 .   ? 6.647   8.706   -6.742  1.00 15.10 ? 300 GNP A PG    1 
HETATM 1394 O  O1G   . GNP C 3 .   ? 7.370   9.362   -7.889  1.00 12.95 ? 300 GNP A O1G   1 
HETATM 1395 O  O2G   . GNP C 3 .   ? 7.218   8.915   -5.363  1.00 13.00 ? 300 GNP A O2G   1 
HETATM 1396 O  O3G   . GNP C 3 .   ? 6.502   7.269   -7.163  1.00 15.23 ? 300 GNP A O3G   1 
HETATM 1397 N  N3B   . GNP C 3 .   ? 5.174   9.353   -6.695  1.00 13.89 ? 300 GNP A N3B   1 
HETATM 1398 P  PB    . GNP C 3 .   ? 3.990   8.935   -5.706  1.00 15.52 ? 300 GNP A PB    1 
HETATM 1399 O  O1B   . GNP C 3 .   ? 3.295   7.744   -6.252  1.00 15.62 ? 300 GNP A O1B   1 
HETATM 1400 O  O2B   . GNP C 3 .   ? 4.486   8.861   -4.311  1.00 15.10 ? 300 GNP A O2B   1 
HETATM 1401 O  O3A   . GNP C 3 .   ? 2.934   10.063  -5.694  1.00 16.34 ? 300 GNP A O3A   1 
HETATM 1402 P  PA    . GNP C 3 .   ? 2.881   11.305  -4.772  1.00 16.94 ? 300 GNP A PA    1 
HETATM 1403 O  O1A   . GNP C 3 .   ? 2.282   10.962  -3.465  1.00 15.90 ? 300 GNP A O1A   1 
HETATM 1404 O  O2A   . GNP C 3 .   ? 4.166   12.014  -4.764  1.00 16.72 ? 300 GNP A O2A   1 
HETATM 1405 O  "O5'" . GNP C 3 .   ? 1.810   12.252  -5.457  1.00 17.62 ? 300 GNP A "O5'" 1 
HETATM 1406 C  "C5'" . GNP C 3 .   ? 1.955   12.661  -6.823  1.00 18.21 ? 300 GNP A "C5'" 1 
HETATM 1407 C  "C4'" . GNP C 3 .   ? 1.155   13.922  -7.094  1.00 18.80 ? 300 GNP A "C4'" 1 
HETATM 1408 O  "O4'" . GNP C 3 .   ? -0.270  13.635  -7.088  1.00 18.60 ? 300 GNP A "O4'" 1 
HETATM 1409 C  "C3'" . GNP C 3 .   ? 1.341   15.060  -6.099  1.00 20.13 ? 300 GNP A "C3'" 1 
HETATM 1410 O  "O3'" . GNP C 3 .   ? 1.228   16.300  -6.798  1.00 20.57 ? 300 GNP A "O3'" 1 
HETATM 1411 C  "C2'" . GNP C 3 .   ? 0.198   14.840  -5.116  1.00 19.63 ? 300 GNP A "C2'" 1 
HETATM 1412 O  "O2'" . GNP C 3 .   ? -0.190  16.030  -4.451  1.00 19.55 ? 300 GNP A "O2'" 1 
HETATM 1413 C  "C1'" . GNP C 3 .   ? -0.909  14.332  -6.043  1.00 19.57 ? 300 GNP A "C1'" 1 
HETATM 1414 N  N9    . GNP C 3 .   ? -1.888  13.467  -5.370  1.00 19.46 ? 300 GNP A N9    1 
HETATM 1415 C  C8    . GNP C 3 .   ? -1.617  12.389  -4.555  1.00 19.65 ? 300 GNP A C8    1 
HETATM 1416 N  N7    . GNP C 3 .   ? -2.678  11.808  -4.073  1.00 19.37 ? 300 GNP A N7    1 
HETATM 1417 C  C5    . GNP C 3 .   ? -3.730  12.546  -4.610  1.00 19.55 ? 300 GNP A C5    1 
HETATM 1418 C  C6    . GNP C 3 .   ? -5.129  12.395  -4.441  1.00 19.70 ? 300 GNP A C6    1 
HETATM 1419 O  O6    . GNP C 3 .   ? -5.725  11.540  -3.766  1.00 19.83 ? 300 GNP A O6    1 
HETATM 1420 N  N1    . GNP C 3 .   ? -5.860  13.353  -5.153  1.00 19.66 ? 300 GNP A N1    1 
HETATM 1421 C  C2    . GNP C 3 .   ? -5.305  14.348  -5.926  1.00 19.64 ? 300 GNP A C2    1 
HETATM 1422 N  N2    . GNP C 3 .   ? -6.167  15.177  -6.543  1.00 19.55 ? 300 GNP A N2    1 
HETATM 1423 N  N3    . GNP C 3 .   ? -3.993  14.494  -6.097  1.00 19.56 ? 300 GNP A N3    1 
HETATM 1424 C  C4    . GNP C 3 .   ? -3.262  13.572  -5.408  1.00 19.37 ? 300 GNP A C4    1 
HETATM 1425 O  O     . HOH D 4 .   ? 0.608   2.139   -10.937 1.00 11.62 ? 302 HOH A O     1 
HETATM 1426 O  O     . HOH D 4 .   ? 10.147  8.061   -7.859  1.00 18.65 ? 303 HOH A O     1 
HETATM 1427 O  O     . HOH D 4 .   ? 13.720  -3.257  23.168  1.00 21.95 ? 304 HOH A O     1 
HETATM 1428 O  O     . HOH D 4 .   ? 6.978   1.160   -6.973  1.00 13.12 ? 305 HOH A O     1 
HETATM 1429 O  O     . HOH D 4 .   ? 6.539   6.853   -3.438  1.00 14.26 ? 306 HOH A O     1 
HETATM 1430 O  O     . HOH D 4 .   ? 6.303   11.108  -3.629  1.00 14.15 ? 307 HOH A O     1 
HETATM 1431 O  O     . HOH D 4 .   ? 5.369   19.582  -7.560  1.00 19.71 ? 308 HOH A O     1 
HETATM 1432 O  O     . HOH D 4 .   ? -5.128  17.695  -7.123  1.00 22.81 ? 309 HOH A O     1 
HETATM 1433 O  O     . HOH D 4 .   ? 10.624  1.093   -6.366  1.00 14.86 ? 310 HOH A O     1 
HETATM 1434 O  O     . HOH D 4 .   ? -10.777 2.928   -10.863 1.00 17.31 ? 311 HOH A O     1 
HETATM 1435 O  O     . HOH D 4 .   ? 10.528  -9.484  6.491   1.00 24.15 ? 312 HOH A O     1 
HETATM 1436 O  O     . HOH D 4 .   ? 12.910  10.165  -1.209  1.00 23.06 ? 313 HOH A O     1 
HETATM 1437 O  O     . HOH D 4 .   ? 4.783   14.319  -3.308  1.00 19.41 ? 314 HOH A O     1 
HETATM 1438 O  O     . HOH D 4 .   ? -10.090 17.469  -5.490  1.00 23.66 ? 315 HOH A O     1 
HETATM 1439 O  O     . HOH D 4 .   ? 6.261   -12.089 -0.213  1.00 24.41 ? 316 HOH A O     1 
HETATM 1440 O  O     . HOH D 4 .   ? -11.215 5.270   5.403   1.00 27.81 ? 317 HOH A O     1 
HETATM 1441 O  O     . HOH D 4 .   ? -16.428 4.601   -12.312 1.00 29.15 ? 318 HOH A O     1 
HETATM 1442 O  O     . HOH D 4 .   ? 8.219   -18.661 -3.765  1.00 50.44 ? 319 HOH A O     1 
HETATM 1443 O  O     . HOH D 4 .   ? 2.825   1.872   -16.897 1.00 32.19 ? 320 HOH A O     1 
HETATM 1444 O  O     . HOH D 4 .   ? 7.486   -14.152 2.240   1.00 22.53 ? 321 HOH A O     1 
HETATM 1445 O  O     . HOH D 4 .   ? 12.779  1.476   -5.025  1.00 23.65 ? 322 HOH A O     1 
HETATM 1446 O  O     . HOH D 4 .   ? -7.401  12.202  -16.794 1.00 28.22 ? 323 HOH A O     1 
HETATM 1447 O  O     . HOH D 4 .   ? 4.964   -13.147 2.101   1.00 22.25 ? 324 HOH A O     1 
HETATM 1448 O  O     . HOH D 4 .   ? 8.780   -1.086  -6.489  1.00 19.30 ? 325 HOH A O     1 
HETATM 1449 O  O     . HOH D 4 .   ? -3.135  17.708  -5.152  1.00 25.78 ? 326 HOH A O     1 
HETATM 1450 O  O     . HOH D 4 .   ? -9.559  7.615   5.694   1.00 22.53 ? 327 HOH A O     1 
HETATM 1451 O  O     . HOH D 4 .   ? -12.125 -7.311  -5.470  1.00 28.51 ? 328 HOH A O     1 
HETATM 1452 O  O     . HOH D 4 .   ? 1.754   6.352   -15.211 1.00 24.11 ? 329 HOH A O     1 
HETATM 1453 O  O     . HOH D 4 .   ? 11.944  -1.993  -10.589 1.00 32.15 ? 330 HOH A O     1 
HETATM 1454 O  O     . HOH D 4 .   ? 12.633  8.006   0.232   1.00 33.27 ? 331 HOH A O     1 
HETATM 1455 O  O     . HOH D 4 .   ? -6.485  -11.366 0.666   1.00 37.16 ? 332 HOH A O     1 
HETATM 1456 O  O     . HOH D 4 .   ? 6.359   5.270   -13.110 1.00 29.20 ? 333 HOH A O     1 
HETATM 1457 O  O     . HOH D 4 .   ? 5.767   13.843  -0.425  1.00 32.08 ? 334 HOH A O     1 
HETATM 1458 O  O     . HOH D 4 .   ? 13.046  6.774   -14.645 1.00 33.72 ? 335 HOH A O     1 
HETATM 1459 O  O     . HOH D 4 .   ? 9.819   5.166   -14.522 1.00 29.80 ? 336 HOH A O     1 
HETATM 1460 O  O     . HOH D 4 .   ? -0.409  9.399   -12.416 1.00 29.63 ? 337 HOH A O     1 
HETATM 1461 O  O     . HOH D 4 .   ? 6.641   1.838   20.269  1.00 33.08 ? 338 HOH A O     1 
HETATM 1462 O  O     . HOH D 4 .   ? -14.893 9.074   -7.880  1.00 38.08 ? 339 HOH A O     1 
HETATM 1463 O  O     . HOH D 4 .   ? -4.441  -11.112 -1.386  1.00 33.15 ? 340 HOH A O     1 
HETATM 1464 O  O     . HOH D 4 .   ? -8.081  -12.094 12.466  1.00 55.73 ? 341 HOH A O     1 
HETATM 1465 O  O     . HOH D 4 .   ? 15.279  -12.728 -0.771  1.00 36.45 ? 342 HOH A O     1 
HETATM 1466 O  O     . HOH D 4 .   ? -9.731  -2.595  18.615  1.00 38.67 ? 343 HOH A O     1 
HETATM 1467 O  O     . HOH D 4 .   ? -7.387  19.062  -6.758  1.00 47.48 ? 344 HOH A O     1 
HETATM 1468 O  O     . HOH D 4 .   ? -12.074 2.329   -17.700 1.00 30.99 ? 345 HOH A O     1 
HETATM 1469 O  O     . HOH D 4 .   ? -6.346  -13.202 4.983   1.00 30.79 ? 346 HOH A O     1 
HETATM 1470 O  O     . HOH D 4 .   ? 6.639   -2.882  -13.478 1.00 34.96 ? 347 HOH A O     1 
HETATM 1471 O  O     . HOH D 4 .   ? -4.524  -11.864 -3.764  1.00 34.21 ? 348 HOH A O     1 
HETATM 1472 O  O     . HOH D 4 .   ? 10.427  -4.218  -8.832  1.00 30.40 ? 349 HOH A O     1 
HETATM 1473 O  O     . HOH D 4 .   ? 4.959   -9.317  35.487  1.00 28.65 ? 350 HOH A O     1 
HETATM 1474 O  O     . HOH D 4 .   ? -14.090 11.928  -3.171  1.00 34.93 ? 351 HOH A O     1 
HETATM 1475 O  O     . HOH D 4 .   ? 8.641   7.555   -14.280 1.00 33.82 ? 352 HOH A O     1 
HETATM 1476 O  O     . HOH D 4 .   ? -3.882  -3.684  -15.658 1.00 30.33 ? 353 HOH A O     1 
HETATM 1477 O  O     . HOH D 4 .   ? 2.037   -13.009 4.231   1.00 33.40 ? 354 HOH A O     1 
HETATM 1478 O  O     . HOH D 4 .   ? 7.743   12.987  0.104   1.00 34.17 ? 355 HOH A O     1 
HETATM 1479 O  O     . HOH D 4 .   ? -18.129 1.865   -12.723 1.00 39.36 ? 356 HOH A O     1 
HETATM 1480 O  O     . HOH D 4 .   ? -3.938  11.887  -14.636 1.00 39.03 ? 357 HOH A O     1 
HETATM 1481 O  O     . HOH D 4 .   ? 1.371   -14.400 -14.245 1.00 48.02 ? 358 HOH A O     1 
HETATM 1482 O  O     . HOH D 4 .   ? -10.694 8.331   8.190   1.00 36.63 ? 359 HOH A O     1 
HETATM 1483 O  O     . HOH D 4 .   ? -5.134  2.258   -22.980 1.00 43.56 ? 360 HOH A O     1 
HETATM 1484 O  O     . HOH D 4 .   ? -3.231  19.736  -3.456  1.00 43.71 ? 361 HOH A O     1 
HETATM 1485 O  O     . HOH D 4 .   ? 14.587  -13.007 -3.198  1.00 36.09 ? 362 HOH A O     1 
HETATM 1486 O  O     . HOH D 4 .   ? 11.198  6.810   9.207   1.00 44.79 ? 363 HOH A O     1 
HETATM 1487 O  O     . HOH D 4 .   ? -13.075 16.000  -2.519  1.00 36.57 ? 364 HOH A O     1 
HETATM 1488 O  O     . HOH D 4 .   ? 12.306  -13.272 -4.429  1.00 32.95 ? 365 HOH A O     1 
HETATM 1489 O  O     . HOH D 4 .   ? -9.423  1.273   -18.265 1.00 37.74 ? 366 HOH A O     1 
HETATM 1490 O  O     . HOH D 4 .   ? 18.218  -9.184  1.806   1.00 43.00 ? 367 HOH A O     1 
HETATM 1491 O  O     . HOH D 4 .   ? -1.824  -18.742 -1.626  1.00 48.52 ? 368 HOH A O     1 
HETATM 1492 O  O     . HOH D 4 .   ? -4.957  8.661   -18.994 1.00 30.20 ? 369 HOH A O     1 
HETATM 1493 O  O     . HOH D 4 .   ? -5.000  13.989  -12.714 1.00 50.73 ? 370 HOH A O     1 
HETATM 1494 O  O     . HOH D 4 .   ? 11.080  17.124  1.953   1.00 61.31 ? 371 HOH A O     1 
HETATM 1495 O  O     . HOH D 4 .   ? 11.249  -8.455  -13.313 1.00 41.24 ? 372 HOH A O     1 
HETATM 1496 O  O     . HOH D 4 .   ? 7.901   -8.574  38.650  1.00 28.48 ? 373 HOH A O     1 
HETATM 1497 O  O     . HOH D 4 .   ? 0.007   -14.952 3.553   1.00 50.05 ? 374 HOH A O     1 
HETATM 1498 O  O     . HOH D 4 .   ? -11.644 18.174  -3.302  1.00 38.84 ? 375 HOH A O     1 
HETATM 1499 O  O     . HOH D 4 .   ? 12.133  13.708  -10.928 1.00 35.99 ? 376 HOH A O     1 
HETATM 1500 O  O     . HOH D 4 .   ? -2.644  12.463  -12.064 1.00 34.44 ? 377 HOH A O     1 
HETATM 1501 O  O     . HOH D 4 .   ? -14.392 15.489  -5.174  1.00 34.95 ? 378 HOH A O     1 
HETATM 1502 O  O     . HOH D 4 .   ? 8.712   -8.410  -17.611 1.00 68.48 ? 379 HOH A O     1 
HETATM 1503 O  O     . HOH D 4 .   ? 1.990   14.807  3.048   1.00 57.22 ? 380 HOH A O     1 
HETATM 1504 O  O     . HOH D 4 .   ? 9.008   10.200  -0.600  1.00 28.33 ? 381 HOH A O     1 
HETATM 1505 O  O     . HOH D 4 .   ? -11.077 -3.798  15.663  1.00 48.25 ? 382 HOH A O     1 
HETATM 1506 O  O     . HOH D 4 .   ? 3.614   -13.742 -13.634 1.00 54.17 ? 383 HOH A O     1 
HETATM 1507 O  O     . HOH D 4 .   ? 1.258   7.368   -12.832 1.00 45.05 ? 384 HOH A O     1 
HETATM 1508 O  O     . HOH D 4 .   ? -2.140  7.808   -19.266 1.00 36.64 ? 385 HOH A O     1 
HETATM 1509 O  O     . HOH D 4 .   ? 4.425   -4.815  34.118  1.00 37.18 ? 386 HOH A O     1 
HETATM 1510 O  O     . HOH D 4 .   ? -0.853  -13.246 11.074  1.00 37.08 ? 387 HOH A O     1 
HETATM 1511 O  O     . HOH D 4 .   ? 9.474   -9.824  11.071  1.00 33.56 ? 388 HOH A O     1 
HETATM 1512 O  O     . HOH D 4 .   ? -14.852 -0.745  -3.329  1.00 42.92 ? 389 HOH A O     1 
HETATM 1513 O  O     . HOH D 4 .   ? 8.403   12.433  2.516   1.00 69.46 ? 390 HOH A O     1 
HETATM 1514 O  O     . HOH D 4 .   ? 6.150   2.786   16.869  1.00 58.89 ? 391 HOH A O     1 
HETATM 1515 O  O     . HOH D 4 .   ? 14.142  -16.562 -2.323  1.00 60.63 ? 392 HOH A O     1 
HETATM 1516 O  O     . HOH D 4 .   ? 2.818   7.011   11.899  1.00 38.25 ? 393 HOH A O     1 
HETATM 1517 O  O     . HOH D 4 .   ? 7.090   -9.216  11.977  1.00 47.83 ? 394 HOH A O     1 
HETATM 1518 O  O     . HOH D 4 .   ? -13.792 1.757   -3.127  1.00 25.72 ? 395 HOH A O     1 
HETATM 1519 O  O     . HOH D 4 .   ? 16.583  -8.331  -7.008  1.00 43.20 ? 396 HOH A O     1 
HETATM 1520 O  O     . HOH D 4 .   ? 11.478  8.905   -14.632 1.00 42.98 ? 397 HOH A O     1 
HETATM 1521 O  O     . HOH D 4 .   ? -13.812 7.227   3.582   1.00 35.21 ? 398 HOH A O     1 
HETATM 1522 O  O     . HOH D 4 .   ? 8.808   -11.849 16.457  1.00 47.78 ? 399 HOH A O     1 
HETATM 1523 O  O     . HOH D 4 .   ? 17.079  -0.905  -0.856  1.00 61.72 ? 400 HOH A O     1 
HETATM 1524 O  O     . HOH D 4 .   ? 5.469   -12.801 -16.134 1.00 50.89 ? 401 HOH A O     1 
HETATM 1525 O  O     . HOH D 4 .   ? 8.261   15.090  3.360   1.00 42.15 ? 402 HOH A O     1 
HETATM 1526 O  O     . HOH D 4 .   ? 1.347   -13.626 -6.141  1.00 47.41 ? 403 HOH A O     1 
HETATM 1527 O  O     . HOH D 4 .   ? -11.035 -5.444  -16.338 1.00 39.87 ? 404 HOH A O     1 
HETATM 1528 O  O     . HOH D 4 .   ? 1.712   5.278   15.627  1.00 37.85 ? 405 HOH A O     1 
HETATM 1529 O  O     . HOH D 4 .   ? -9.667  -7.581  5.146   1.00 50.78 ? 406 HOH A O     1 
HETATM 1530 O  O     . HOH D 4 .   ? 10.222  8.712   1.155   1.00 71.81 ? 407 HOH A O     1 
HETATM 1531 O  O     . HOH D 4 .   ? 6.982   19.635  -0.281  1.00 50.82 ? 408 HOH A O     1 
HETATM 1532 O  O     . HOH D 4 .   ? -9.386  13.897  10.386  1.00 44.11 ? 409 HOH A O     1 
HETATM 1533 O  O     . HOH D 4 .   ? -5.574  20.539  -3.455  1.00 43.56 ? 410 HOH A O     1 
HETATM 1534 O  O     . HOH D 4 .   ? -8.390  12.161  7.558   1.00 50.47 ? 411 HOH A O     1 
HETATM 1535 O  O     . HOH D 4 .   ? 8.039   5.962   11.299  1.00 36.67 ? 412 HOH A O     1 
HETATM 1536 O  O     . HOH D 4 .   ? -11.873 -4.344  -0.111  1.00 48.47 ? 413 HOH A O     1 
HETATM 1537 O  O     . HOH D 4 .   ? -6.656  8.787   7.867   1.00 44.76 ? 414 HOH A O     1 
HETATM 1538 O  O     . HOH D 4 .   ? 7.358   8.611   2.250   1.00 43.12 ? 415 HOH A O     1 
HETATM 1539 O  O     . HOH D 4 .   ? 6.331   -13.004 -13.669 1.00 44.72 ? 416 HOH A O     1 
HETATM 1540 O  O     . HOH D 4 .   ? -7.860  16.041  9.292   1.00 45.96 ? 417 HOH A O     1 
HETATM 1541 O  O     . HOH D 4 .   ? -14.397 -1.925  6.887   1.00 65.55 ? 418 HOH A O     1 
HETATM 1542 O  O     . HOH D 4 .   ? -12.370 -3.444  2.293   1.00 42.48 ? 419 HOH A O     1 
HETATM 1543 O  O     . HOH D 4 .   ? -7.507  6.226   -21.686 1.00 58.29 ? 420 HOH A O     1 
HETATM 1544 O  O     . HOH D 4 .   ? -3.490  -12.951 14.061  1.00 40.47 ? 421 HOH A O     1 
HETATM 1545 O  O     . HOH D 4 .   ? -14.186 19.721  -3.050  1.00 35.38 ? 422 HOH A O     1 
HETATM 1546 O  O     . HOH D 4 .   ? -15.105 -10.275 -12.262 1.00 41.67 ? 423 HOH A O     1 
HETATM 1547 O  O     . HOH D 4 .   ? -14.030 -5.330  0.436   1.00 42.52 ? 424 HOH A O     1 
HETATM 1548 O  O     . HOH D 4 .   ? 9.005   -4.752  3.045   1.00 48.31 ? 425 HOH A O     1 
HETATM 1549 O  O     . HOH D 4 .   ? 11.109  -5.676  3.759   1.00 40.22 ? 426 HOH A O     1 
HETATM 1550 O  O     . HOH D 4 .   ? 6.518   -7.071  -14.545 1.00 36.02 ? 427 HOH A O     1 
HETATM 1551 O  O     . HOH D 4 .   ? 5.648   -5.464  26.848  1.00 49.88 ? 428 HOH A O     1 
HETATM 1552 O  O     . HOH D 4 .   ? -5.165  20.454  -0.886  1.00 50.93 ? 429 HOH A O     1 
HETATM 1553 O  O     . HOH D 4 .   ? -8.982  -1.393  -19.326 1.00 60.67 ? 430 HOH A O     1 
HETATM 1554 O  O     . HOH D 4 .   ? 8.909   8.081   4.335   1.00 59.83 ? 431 HOH A O     1 
HETATM 1555 O  O     . HOH D 4 .   ? -16.366 10.124  -12.746 1.00 61.93 ? 432 HOH A O     1 
HETATM 1556 O  O     . HOH D 4 .   ? -6.192  17.930  1.676   1.00 53.76 ? 433 HOH A O     1 
HETATM 1557 O  O     . HOH D 4 .   ? -15.184 19.834  -15.606 1.00 49.05 ? 434 HOH A O     1 
HETATM 1558 O  O     . HOH D 4 .   ? 13.531  -5.504  -8.213  1.00 37.62 ? 435 HOH A O     1 
HETATM 1559 O  O     . HOH D 4 .   ? -14.922 16.791  -9.480  1.00 40.99 ? 436 HOH A O     1 
HETATM 1560 O  O     . HOH D 4 .   ? 13.288  -6.842  4.542   1.00 33.64 ? 437 HOH A O     1 
HETATM 1561 O  O     . HOH D 4 .   ? -13.007 -11.060 -13.601 1.00 48.87 ? 438 HOH A O     1 
HETATM 1562 O  O     . HOH D 4 .   ? -5.612  17.732  5.790   1.00 40.44 ? 439 HOH A O     1 
HETATM 1563 O  O     . HOH D 4 .   ? -13.088 -6.173  -3.273  1.00 46.42 ? 440 HOH A O     1 
HETATM 1564 O  O     . HOH D 4 .   ? 6.241   -3.009  27.594  1.00 61.73 ? 441 HOH A O     1 
HETATM 1565 O  O     . HOH D 4 .   ? -13.843 13.424  2.968   1.00 62.45 ? 442 HOH A O     1 
HETATM 1566 O  O     . HOH D 4 .   ? -16.467 19.003  -11.391 1.00 52.79 ? 443 HOH A O     1 
HETATM 1567 O  O     . HOH D 4 .   ? -4.184  16.499  -16.306 1.00 45.61 ? 444 HOH A O     1 
HETATM 1568 O  O     . HOH D 4 .   ? -15.241 11.351  3.691   1.00 44.50 ? 445 HOH A O     1 
HETATM 1569 O  O     . HOH D 4 .   ? 12.943  2.226   -16.729 1.00 51.63 ? 446 HOH A O     1 
HETATM 1570 O  O     . HOH D 4 .   ? -0.820  -21.212 0.261   1.00 70.37 ? 447 HOH A O     1 
HETATM 1571 O  O     . HOH D 4 .   ? -15.959 20.804  -13.235 1.00 43.45 ? 448 HOH A O     1 
HETATM 1572 O  O     . HOH D 4 .   ? -4.115  9.798   10.765  1.00 45.90 ? 449 HOH A O     1 
HETATM 1573 O  O     . HOH D 4 .   ? 10.086  -1.583  -8.744  1.00 97.58 ? 450 HOH A O     1 
HETATM 1574 O  O     . HOH D 4 .   ? -0.883  -11.972 13.341  1.00 64.07 ? 451 HOH A O     1 
HETATM 1575 O  O     . HOH D 4 .   ? 3.689   3.630   16.398  1.00 55.23 ? 452 HOH A O     1 
HETATM 1576 O  O     . HOH D 4 .   ? -13.172 -14.143 -13.071 1.00 45.80 ? 453 HOH A O     1 
HETATM 1577 O  O     . HOH D 4 .   ? 2.994   -3.680  28.414  1.00 52.55 ? 454 HOH A O     1 
# 
